data_6SQE
# 
_entry.id   6SQE 
# 
_audit_conform.dict_name       mmcif_pdbx.dic 
_audit_conform.dict_version    5.383 
_audit_conform.dict_location   http://mmcif.pdb.org/dictionaries/ascii/mmcif_pdbx.dic 
# 
loop_
_database_2.database_id 
_database_2.database_code 
_database_2.pdbx_database_accession 
_database_2.pdbx_DOI 
PDB   6SQE         pdb_00006sqe 10.2210/pdb6sqe/pdb 
WWPDB D_1292104134 ?            ?                   
# 
loop_
_pdbx_audit_revision_history.ordinal 
_pdbx_audit_revision_history.data_content_type 
_pdbx_audit_revision_history.major_revision 
_pdbx_audit_revision_history.minor_revision 
_pdbx_audit_revision_history.revision_date 
1 'Structure model' 1 0 2020-09-30 
2 'Structure model' 1 1 2024-01-24 
# 
_pdbx_audit_revision_details.ordinal             1 
_pdbx_audit_revision_details.revision_ordinal    1 
_pdbx_audit_revision_details.data_content_type   'Structure model' 
_pdbx_audit_revision_details.provider            repository 
_pdbx_audit_revision_details.type                'Initial release' 
_pdbx_audit_revision_details.description         ? 
_pdbx_audit_revision_details.details             ? 
# 
loop_
_pdbx_audit_revision_group.ordinal 
_pdbx_audit_revision_group.revision_ordinal 
_pdbx_audit_revision_group.data_content_type 
_pdbx_audit_revision_group.group 
1 2 'Structure model' 'Data collection'        
2 2 'Structure model' 'Database references'    
3 2 'Structure model' 'Refinement description' 
# 
loop_
_pdbx_audit_revision_category.ordinal 
_pdbx_audit_revision_category.revision_ordinal 
_pdbx_audit_revision_category.data_content_type 
_pdbx_audit_revision_category.category 
1 2 'Structure model' chem_comp_atom                
2 2 'Structure model' chem_comp_bond                
3 2 'Structure model' database_2                    
4 2 'Structure model' pdbx_initial_refinement_model 
# 
loop_
_pdbx_audit_revision_item.ordinal 
_pdbx_audit_revision_item.revision_ordinal 
_pdbx_audit_revision_item.data_content_type 
_pdbx_audit_revision_item.item 
1 2 'Structure model' '_database_2.pdbx_DOI'                
2 2 'Structure model' '_database_2.pdbx_database_accession' 
# 
_pdbx_database_status.status_code                     REL 
_pdbx_database_status.status_code_sf                  REL 
_pdbx_database_status.status_code_mr                  ? 
_pdbx_database_status.entry_id                        6SQE 
_pdbx_database_status.recvd_initial_deposition_date   2019-09-03 
_pdbx_database_status.SG_entry                        N 
_pdbx_database_status.deposit_site                    PDBE 
_pdbx_database_status.process_site                    PDBE 
_pdbx_database_status.status_code_cs                  ? 
_pdbx_database_status.methods_development_category    ? 
_pdbx_database_status.pdb_format_compatible           Y 
_pdbx_database_status.status_code_nmr_data            ? 
# 
loop_
_audit_author.name 
_audit_author.pdbx_ordinal 
_audit_author.identifier_ORCID 
'Bedi, R.K.'    1 ? 
'Kirillova, M.' 2 ? 
'Nevado, C.'    3 ? 
'Caflisch, A.'  4 ? 
# 
_citation.abstract                  ? 
_citation.abstract_id_CAS           ? 
_citation.book_id_ISBN              ? 
_citation.book_publisher            ? 
_citation.book_publisher_city       ? 
_citation.book_title                ? 
_citation.coordinate_linkage        ? 
_citation.country                   ? 
_citation.database_id_Medline       ? 
_citation.details                   ? 
_citation.id                        primary 
_citation.journal_abbrev            'To Be Published' 
_citation.journal_id_ASTM           ? 
_citation.journal_id_CSD            0353 
_citation.journal_id_ISSN           ? 
_citation.journal_full              ? 
_citation.journal_issue             ? 
_citation.journal_volume            ? 
_citation.language                  ? 
_citation.page_first                ? 
_citation.page_last                 ? 
_citation.title                     'Crystal structure of CREBBP bromodomain complexed with KD341' 
_citation.year                      ? 
_citation.database_id_CSD           ? 
_citation.pdbx_database_id_DOI      ? 
_citation.pdbx_database_id_PubMed   ? 
_citation.unpublished_flag          ? 
# 
loop_
_citation_author.citation_id 
_citation_author.name 
_citation_author.ordinal 
_citation_author.identifier_ORCID 
primary 'Bedi, R.K.'    1 ? 
primary 'Kirillova, M.' 2 ? 
primary 'Nevado, C.'    3 ? 
primary 'Caflisch, A.'  4 ? 
# 
loop_
_entity.id 
_entity.type 
_entity.src_method 
_entity.pdbx_description 
_entity.formula_weight 
_entity.pdbx_number_of_molecules 
_entity.pdbx_ec 
_entity.pdbx_mutation 
_entity.pdbx_fragment 
_entity.details 
1 polymer     man 'CREB-binding protein' 14223.349 1   2.3.1.48 ? ? ? 
2 non-polymer syn 
;~{N}-[3-[(5-ethanoyl-2-ethoxy-phenyl)carbamoyl]-5-(1-methylpyrazol-3-yl)phenyl]-5-[(4-methylpiperazin-1-yl)methyl]furan-2-carboxamide
;
584.665   1   ?        ? ? ? 
3 non-polymer syn 1,2-ETHANEDIOL 62.068    1   ?        ? ? ? 
4 water       nat water 18.015    250 ?        ? ? ? 
# 
_entity_poly.entity_id                      1 
_entity_poly.type                           'polypeptide(L)' 
_entity_poly.nstd_linkage                   no 
_entity_poly.nstd_monomer                   no 
_entity_poly.pdbx_seq_one_letter_code       
;SMRKKIFKPEELRQALMPTLEALYRQDPESLPFRQPVDPQLLGIPDYFDIVKNPMDLSTIKRKLDTGQYQEPWQYVDDVW
LMFNNAWLYNRKTSRVYKFCSKLAEVFEQEIDPVMQSLG
;
_entity_poly.pdbx_seq_one_letter_code_can   
;SMRKKIFKPEELRQALMPTLEALYRQDPESLPFRQPVDPQLLGIPDYFDIVKNPMDLSTIKRKLDTGQYQEPWQYVDDVW
LMFNNAWLYNRKTSRVYKFCSKLAEVFEQEIDPVMQSLG
;
_entity_poly.pdbx_strand_id                 A 
_entity_poly.pdbx_target_identifier         ? 
# 
loop_
_pdbx_entity_nonpoly.entity_id 
_pdbx_entity_nonpoly.name 
_pdbx_entity_nonpoly.comp_id 
2 
;~{N}-[3-[(5-ethanoyl-2-ethoxy-phenyl)carbamoyl]-5-(1-methylpyrazol-3-yl)phenyl]-5-[(4-methylpiperazin-1-yl)methyl]furan-2-carboxamide
;
LSZ 
3 1,2-ETHANEDIOL EDO 
4 water HOH 
# 
loop_
_entity_poly_seq.entity_id 
_entity_poly_seq.num 
_entity_poly_seq.mon_id 
_entity_poly_seq.hetero 
1 1   SER n 
1 2   MET n 
1 3   ARG n 
1 4   LYS n 
1 5   LYS n 
1 6   ILE n 
1 7   PHE n 
1 8   LYS n 
1 9   PRO n 
1 10  GLU n 
1 11  GLU n 
1 12  LEU n 
1 13  ARG n 
1 14  GLN n 
1 15  ALA n 
1 16  LEU n 
1 17  MET n 
1 18  PRO n 
1 19  THR n 
1 20  LEU n 
1 21  GLU n 
1 22  ALA n 
1 23  LEU n 
1 24  TYR n 
1 25  ARG n 
1 26  GLN n 
1 27  ASP n 
1 28  PRO n 
1 29  GLU n 
1 30  SER n 
1 31  LEU n 
1 32  PRO n 
1 33  PHE n 
1 34  ARG n 
1 35  GLN n 
1 36  PRO n 
1 37  VAL n 
1 38  ASP n 
1 39  PRO n 
1 40  GLN n 
1 41  LEU n 
1 42  LEU n 
1 43  GLY n 
1 44  ILE n 
1 45  PRO n 
1 46  ASP n 
1 47  TYR n 
1 48  PHE n 
1 49  ASP n 
1 50  ILE n 
1 51  VAL n 
1 52  LYS n 
1 53  ASN n 
1 54  PRO n 
1 55  MET n 
1 56  ASP n 
1 57  LEU n 
1 58  SER n 
1 59  THR n 
1 60  ILE n 
1 61  LYS n 
1 62  ARG n 
1 63  LYS n 
1 64  LEU n 
1 65  ASP n 
1 66  THR n 
1 67  GLY n 
1 68  GLN n 
1 69  TYR n 
1 70  GLN n 
1 71  GLU n 
1 72  PRO n 
1 73  TRP n 
1 74  GLN n 
1 75  TYR n 
1 76  VAL n 
1 77  ASP n 
1 78  ASP n 
1 79  VAL n 
1 80  TRP n 
1 81  LEU n 
1 82  MET n 
1 83  PHE n 
1 84  ASN n 
1 85  ASN n 
1 86  ALA n 
1 87  TRP n 
1 88  LEU n 
1 89  TYR n 
1 90  ASN n 
1 91  ARG n 
1 92  LYS n 
1 93  THR n 
1 94  SER n 
1 95  ARG n 
1 96  VAL n 
1 97  TYR n 
1 98  LYS n 
1 99  PHE n 
1 100 CYS n 
1 101 SER n 
1 102 LYS n 
1 103 LEU n 
1 104 ALA n 
1 105 GLU n 
1 106 VAL n 
1 107 PHE n 
1 108 GLU n 
1 109 GLN n 
1 110 GLU n 
1 111 ILE n 
1 112 ASP n 
1 113 PRO n 
1 114 VAL n 
1 115 MET n 
1 116 GLN n 
1 117 SER n 
1 118 LEU n 
1 119 GLY n 
# 
_entity_src_gen.entity_id                          1 
_entity_src_gen.pdbx_src_id                        1 
_entity_src_gen.pdbx_alt_source_flag               sample 
_entity_src_gen.pdbx_seq_type                      'Biological sequence' 
_entity_src_gen.pdbx_beg_seq_num                   1 
_entity_src_gen.pdbx_end_seq_num                   119 
_entity_src_gen.gene_src_common_name               Human 
_entity_src_gen.gene_src_genus                     ? 
_entity_src_gen.pdbx_gene_src_gene                 'CREBBP, CBP' 
_entity_src_gen.gene_src_species                   ? 
_entity_src_gen.gene_src_strain                    ? 
_entity_src_gen.gene_src_tissue                    ? 
_entity_src_gen.gene_src_tissue_fraction           ? 
_entity_src_gen.gene_src_details                   ? 
_entity_src_gen.pdbx_gene_src_fragment             ? 
_entity_src_gen.pdbx_gene_src_scientific_name      'Homo sapiens' 
_entity_src_gen.pdbx_gene_src_ncbi_taxonomy_id     9606 
_entity_src_gen.pdbx_gene_src_variant              ? 
_entity_src_gen.pdbx_gene_src_cell_line            ? 
_entity_src_gen.pdbx_gene_src_atcc                 ? 
_entity_src_gen.pdbx_gene_src_organ                ? 
_entity_src_gen.pdbx_gene_src_organelle            ? 
_entity_src_gen.pdbx_gene_src_cell                 ? 
_entity_src_gen.pdbx_gene_src_cellular_location    ? 
_entity_src_gen.host_org_common_name               ? 
_entity_src_gen.pdbx_host_org_scientific_name      'Escherichia coli BL21(DE3)' 
_entity_src_gen.pdbx_host_org_ncbi_taxonomy_id     469008 
_entity_src_gen.host_org_genus                     ? 
_entity_src_gen.pdbx_host_org_gene                 ? 
_entity_src_gen.pdbx_host_org_organ                ? 
_entity_src_gen.host_org_species                   ? 
_entity_src_gen.pdbx_host_org_tissue               ? 
_entity_src_gen.pdbx_host_org_tissue_fraction      ? 
_entity_src_gen.pdbx_host_org_strain               ? 
_entity_src_gen.pdbx_host_org_variant              ? 
_entity_src_gen.pdbx_host_org_cell_line            ? 
_entity_src_gen.pdbx_host_org_atcc                 ? 
_entity_src_gen.pdbx_host_org_culture_collection   ? 
_entity_src_gen.pdbx_host_org_cell                 ? 
_entity_src_gen.pdbx_host_org_organelle            ? 
_entity_src_gen.pdbx_host_org_cellular_location    ? 
_entity_src_gen.pdbx_host_org_vector_type          ? 
_entity_src_gen.pdbx_host_org_vector               ? 
_entity_src_gen.host_org_details                   ? 
_entity_src_gen.expression_system_id               ? 
_entity_src_gen.plasmid_name                       ? 
_entity_src_gen.plasmid_details                    ? 
_entity_src_gen.pdbx_description                   ? 
# 
loop_
_chem_comp.id 
_chem_comp.type 
_chem_comp.mon_nstd_flag 
_chem_comp.name 
_chem_comp.pdbx_synonyms 
_chem_comp.formula 
_chem_comp.formula_weight 
ALA 'L-peptide linking' y ALANINE ?                 'C3 H7 N O2'     89.093  
ARG 'L-peptide linking' y ARGININE ?                 'C6 H15 N4 O2 1' 175.209 
ASN 'L-peptide linking' y ASPARAGINE ?                 'C4 H8 N2 O3'    132.118 
ASP 'L-peptide linking' y 'ASPARTIC ACID' ?                 'C4 H7 N O4'     133.103 
CYS 'L-peptide linking' y CYSTEINE ?                 'C3 H7 N O2 S'   121.158 
EDO non-polymer         . 1,2-ETHANEDIOL 'ETHYLENE GLYCOL' 'C2 H6 O2'       62.068  
GLN 'L-peptide linking' y GLUTAMINE ?                 'C5 H10 N2 O3'   146.144 
GLU 'L-peptide linking' y 'GLUTAMIC ACID' ?                 'C5 H9 N O4'     147.129 
GLY 'peptide linking'   y GLYCINE ?                 'C2 H5 N O2'     75.067  
HOH non-polymer         . WATER ?                 'H2 O'           18.015  
ILE 'L-peptide linking' y ISOLEUCINE ?                 'C6 H13 N O2'    131.173 
LEU 'L-peptide linking' y LEUCINE ?                 'C6 H13 N O2'    131.173 
LSZ non-polymer         . 
;~{N}-[3-[(5-ethanoyl-2-ethoxy-phenyl)carbamoyl]-5-(1-methylpyrazol-3-yl)phenyl]-5-[(4-methylpiperazin-1-yl)methyl]furan-2-carboxamide
;
?                 'C32 H36 N6 O5'  584.665 
LYS 'L-peptide linking' y LYSINE ?                 'C6 H15 N2 O2 1' 147.195 
MET 'L-peptide linking' y METHIONINE ?                 'C5 H11 N O2 S'  149.211 
PHE 'L-peptide linking' y PHENYLALANINE ?                 'C9 H11 N O2'    165.189 
PRO 'L-peptide linking' y PROLINE ?                 'C5 H9 N O2'     115.130 
SER 'L-peptide linking' y SERINE ?                 'C3 H7 N O3'     105.093 
THR 'L-peptide linking' y THREONINE ?                 'C4 H9 N O3'     119.119 
TRP 'L-peptide linking' y TRYPTOPHAN ?                 'C11 H12 N2 O2'  204.225 
TYR 'L-peptide linking' y TYROSINE ?                 'C9 H11 N O3'    181.189 
VAL 'L-peptide linking' y VALINE ?                 'C5 H11 N O2'    117.146 
# 
loop_
_pdbx_poly_seq_scheme.asym_id 
_pdbx_poly_seq_scheme.entity_id 
_pdbx_poly_seq_scheme.seq_id 
_pdbx_poly_seq_scheme.mon_id 
_pdbx_poly_seq_scheme.ndb_seq_num 
_pdbx_poly_seq_scheme.pdb_seq_num 
_pdbx_poly_seq_scheme.auth_seq_num 
_pdbx_poly_seq_scheme.pdb_mon_id 
_pdbx_poly_seq_scheme.auth_mon_id 
_pdbx_poly_seq_scheme.pdb_strand_id 
_pdbx_poly_seq_scheme.pdb_ins_code 
_pdbx_poly_seq_scheme.hetero 
A 1 1   SER 1   1079 ?    ?   ?   A . n 
A 1 2   MET 2   1080 ?    ?   ?   A . n 
A 1 3   ARG 3   1081 ?    ?   ?   A . n 
A 1 4   LYS 4   1082 1082 LYS LYS A . n 
A 1 5   LYS 5   1083 1083 LYS LYS A . n 
A 1 6   ILE 6   1084 1084 ILE ILE A . n 
A 1 7   PHE 7   1085 1085 PHE PHE A . n 
A 1 8   LYS 8   1086 1086 LYS LYS A . n 
A 1 9   PRO 9   1087 1087 PRO PRO A . n 
A 1 10  GLU 10  1088 1088 GLU GLU A . n 
A 1 11  GLU 11  1089 1089 GLU GLU A . n 
A 1 12  LEU 12  1090 1090 LEU LEU A . n 
A 1 13  ARG 13  1091 1091 ARG ARG A . n 
A 1 14  GLN 14  1092 1092 GLN GLN A . n 
A 1 15  ALA 15  1093 1093 ALA ALA A . n 
A 1 16  LEU 16  1094 1094 LEU LEU A . n 
A 1 17  MET 17  1095 1095 MET MET A . n 
A 1 18  PRO 18  1096 1096 PRO PRO A . n 
A 1 19  THR 19  1097 1097 THR THR A . n 
A 1 20  LEU 20  1098 1098 LEU LEU A . n 
A 1 21  GLU 21  1099 1099 GLU GLU A . n 
A 1 22  ALA 22  1100 1100 ALA ALA A . n 
A 1 23  LEU 23  1101 1101 LEU LEU A . n 
A 1 24  TYR 24  1102 1102 TYR TYR A . n 
A 1 25  ARG 25  1103 1103 ARG ARG A . n 
A 1 26  GLN 26  1104 1104 GLN GLN A . n 
A 1 27  ASP 27  1105 1105 ASP ASP A . n 
A 1 28  PRO 28  1106 1106 PRO PRO A . n 
A 1 29  GLU 29  1107 1107 GLU GLU A . n 
A 1 30  SER 30  1108 1108 SER SER A . n 
A 1 31  LEU 31  1109 1109 LEU LEU A . n 
A 1 32  PRO 32  1110 1110 PRO PRO A . n 
A 1 33  PHE 33  1111 1111 PHE PHE A . n 
A 1 34  ARG 34  1112 1112 ARG ARG A . n 
A 1 35  GLN 35  1113 1113 GLN GLN A . n 
A 1 36  PRO 36  1114 1114 PRO PRO A . n 
A 1 37  VAL 37  1115 1115 VAL VAL A . n 
A 1 38  ASP 38  1116 1116 ASP ASP A . n 
A 1 39  PRO 39  1117 1117 PRO PRO A . n 
A 1 40  GLN 40  1118 1118 GLN GLN A . n 
A 1 41  LEU 41  1119 1119 LEU LEU A . n 
A 1 42  LEU 42  1120 1120 LEU LEU A . n 
A 1 43  GLY 43  1121 1121 GLY GLY A . n 
A 1 44  ILE 44  1122 1122 ILE ILE A . n 
A 1 45  PRO 45  1123 1123 PRO PRO A . n 
A 1 46  ASP 46  1124 1124 ASP ASP A . n 
A 1 47  TYR 47  1125 1125 TYR TYR A . n 
A 1 48  PHE 48  1126 1126 PHE PHE A . n 
A 1 49  ASP 49  1127 1127 ASP ASP A . n 
A 1 50  ILE 50  1128 1128 ILE ILE A . n 
A 1 51  VAL 51  1129 1129 VAL VAL A . n 
A 1 52  LYS 52  1130 1130 LYS LYS A . n 
A 1 53  ASN 53  1131 1131 ASN ASN A . n 
A 1 54  PRO 54  1132 1132 PRO PRO A . n 
A 1 55  MET 55  1133 1133 MET MET A . n 
A 1 56  ASP 56  1134 1134 ASP ASP A . n 
A 1 57  LEU 57  1135 1135 LEU LEU A . n 
A 1 58  SER 58  1136 1136 SER SER A . n 
A 1 59  THR 59  1137 1137 THR THR A . n 
A 1 60  ILE 60  1138 1138 ILE ILE A . n 
A 1 61  LYS 61  1139 1139 LYS LYS A . n 
A 1 62  ARG 62  1140 1140 ARG ARG A . n 
A 1 63  LYS 63  1141 1141 LYS LYS A . n 
A 1 64  LEU 64  1142 1142 LEU LEU A . n 
A 1 65  ASP 65  1143 1143 ASP ASP A . n 
A 1 66  THR 66  1144 1144 THR THR A . n 
A 1 67  GLY 67  1145 1145 GLY GLY A . n 
A 1 68  GLN 68  1146 1146 GLN GLN A . n 
A 1 69  TYR 69  1147 1147 TYR TYR A . n 
A 1 70  GLN 70  1148 1148 GLN GLN A . n 
A 1 71  GLU 71  1149 1149 GLU GLU A . n 
A 1 72  PRO 72  1150 1150 PRO PRO A . n 
A 1 73  TRP 73  1151 1151 TRP TRP A . n 
A 1 74  GLN 74  1152 1152 GLN GLN A . n 
A 1 75  TYR 75  1153 1153 TYR TYR A . n 
A 1 76  VAL 76  1154 1154 VAL VAL A . n 
A 1 77  ASP 77  1155 1155 ASP ASP A . n 
A 1 78  ASP 78  1156 1156 ASP ASP A . n 
A 1 79  VAL 79  1157 1157 VAL VAL A . n 
A 1 80  TRP 80  1158 1158 TRP TRP A . n 
A 1 81  LEU 81  1159 1159 LEU LEU A . n 
A 1 82  MET 82  1160 1160 MET MET A . n 
A 1 83  PHE 83  1161 1161 PHE PHE A . n 
A 1 84  ASN 84  1162 1162 ASN ASN A . n 
A 1 85  ASN 85  1163 1163 ASN ASN A . n 
A 1 86  ALA 86  1164 1164 ALA ALA A . n 
A 1 87  TRP 87  1165 1165 TRP TRP A . n 
A 1 88  LEU 88  1166 1166 LEU LEU A . n 
A 1 89  TYR 89  1167 1167 TYR TYR A . n 
A 1 90  ASN 90  1168 1168 ASN ASN A . n 
A 1 91  ARG 91  1169 1169 ARG ARG A . n 
A 1 92  LYS 92  1170 1170 LYS LYS A . n 
A 1 93  THR 93  1171 1171 THR THR A . n 
A 1 94  SER 94  1172 1172 SER SER A . n 
A 1 95  ARG 95  1173 1173 ARG ARG A . n 
A 1 96  VAL 96  1174 1174 VAL VAL A . n 
A 1 97  TYR 97  1175 1175 TYR TYR A . n 
A 1 98  LYS 98  1176 1176 LYS LYS A . n 
A 1 99  PHE 99  1177 1177 PHE PHE A . n 
A 1 100 CYS 100 1178 1178 CYS CYS A . n 
A 1 101 SER 101 1179 1179 SER SER A . n 
A 1 102 LYS 102 1180 1180 LYS LYS A . n 
A 1 103 LEU 103 1181 1181 LEU LEU A . n 
A 1 104 ALA 104 1182 1182 ALA ALA A . n 
A 1 105 GLU 105 1183 1183 GLU GLU A . n 
A 1 106 VAL 106 1184 1184 VAL VAL A . n 
A 1 107 PHE 107 1185 1185 PHE PHE A . n 
A 1 108 GLU 108 1186 1186 GLU GLU A . n 
A 1 109 GLN 109 1187 1187 GLN GLN A . n 
A 1 110 GLU 110 1188 1188 GLU GLU A . n 
A 1 111 ILE 111 1189 1189 ILE ILE A . n 
A 1 112 ASP 112 1190 1190 ASP ASP A . n 
A 1 113 PRO 113 1191 1191 PRO PRO A . n 
A 1 114 VAL 114 1192 1192 VAL VAL A . n 
A 1 115 MET 115 1193 1193 MET MET A . n 
A 1 116 GLN 116 1194 1194 GLN GLN A . n 
A 1 117 SER 117 1195 1195 SER SER A . n 
A 1 118 LEU 118 1196 1196 LEU LEU A . n 
A 1 119 GLY 119 1197 1197 GLY GLY A . n 
# 
loop_
_pdbx_nonpoly_scheme.asym_id 
_pdbx_nonpoly_scheme.entity_id 
_pdbx_nonpoly_scheme.mon_id 
_pdbx_nonpoly_scheme.ndb_seq_num 
_pdbx_nonpoly_scheme.pdb_seq_num 
_pdbx_nonpoly_scheme.auth_seq_num 
_pdbx_nonpoly_scheme.pdb_mon_id 
_pdbx_nonpoly_scheme.auth_mon_id 
_pdbx_nonpoly_scheme.pdb_strand_id 
_pdbx_nonpoly_scheme.pdb_ins_code 
B 2 LSZ 1   1201 1   LSZ LIG A . 
C 3 EDO 1   1202 2   EDO EDO A . 
D 4 HOH 1   1301 131 HOH HOH A . 
D 4 HOH 2   1302 266 HOH HOH A . 
D 4 HOH 3   1303 146 HOH HOH A . 
D 4 HOH 4   1304 107 HOH HOH A . 
D 4 HOH 5   1305 221 HOH HOH A . 
D 4 HOH 6   1306 151 HOH HOH A . 
D 4 HOH 7   1307 33  HOH HOH A . 
D 4 HOH 8   1308 248 HOH HOH A . 
D 4 HOH 9   1309 232 HOH HOH A . 
D 4 HOH 10  1310 252 HOH HOH A . 
D 4 HOH 11  1311 268 HOH HOH A . 
D 4 HOH 12  1312 61  HOH HOH A . 
D 4 HOH 13  1313 1   HOH HOH A . 
D 4 HOH 14  1314 42  HOH HOH A . 
D 4 HOH 15  1315 104 HOH HOH A . 
D 4 HOH 16  1316 95  HOH HOH A . 
D 4 HOH 17  1317 171 HOH HOH A . 
D 4 HOH 18  1318 71  HOH HOH A . 
D 4 HOH 19  1319 102 HOH HOH A . 
D 4 HOH 20  1320 193 HOH HOH A . 
D 4 HOH 21  1321 11  HOH HOH A . 
D 4 HOH 22  1322 215 HOH HOH A . 
D 4 HOH 23  1323 38  HOH HOH A . 
D 4 HOH 24  1324 247 HOH HOH A . 
D 4 HOH 25  1325 246 HOH HOH A . 
D 4 HOH 26  1326 19  HOH HOH A . 
D 4 HOH 27  1327 4   HOH HOH A . 
D 4 HOH 28  1328 62  HOH HOH A . 
D 4 HOH 29  1329 67  HOH HOH A . 
D 4 HOH 30  1330 99  HOH HOH A . 
D 4 HOH 31  1331 169 HOH HOH A . 
D 4 HOH 32  1332 18  HOH HOH A . 
D 4 HOH 33  1333 183 HOH HOH A . 
D 4 HOH 34  1334 46  HOH HOH A . 
D 4 HOH 35  1335 53  HOH HOH A . 
D 4 HOH 36  1336 135 HOH HOH A . 
D 4 HOH 37  1337 45  HOH HOH A . 
D 4 HOH 38  1338 110 HOH HOH A . 
D 4 HOH 39  1339 17  HOH HOH A . 
D 4 HOH 40  1340 70  HOH HOH A . 
D 4 HOH 41  1341 57  HOH HOH A . 
D 4 HOH 42  1342 271 HOH HOH A . 
D 4 HOH 43  1343 276 HOH HOH A . 
D 4 HOH 44  1344 157 HOH HOH A . 
D 4 HOH 45  1345 226 HOH HOH A . 
D 4 HOH 46  1346 124 HOH HOH A . 
D 4 HOH 47  1347 122 HOH HOH A . 
D 4 HOH 48  1348 269 HOH HOH A . 
D 4 HOH 49  1349 48  HOH HOH A . 
D 4 HOH 50  1350 60  HOH HOH A . 
D 4 HOH 51  1351 138 HOH HOH A . 
D 4 HOH 52  1352 91  HOH HOH A . 
D 4 HOH 53  1353 22  HOH HOH A . 
D 4 HOH 54  1354 23  HOH HOH A . 
D 4 HOH 55  1355 36  HOH HOH A . 
D 4 HOH 56  1356 129 HOH HOH A . 
D 4 HOH 57  1357 37  HOH HOH A . 
D 4 HOH 58  1358 113 HOH HOH A . 
D 4 HOH 59  1359 25  HOH HOH A . 
D 4 HOH 60  1360 88  HOH HOH A . 
D 4 HOH 61  1361 197 HOH HOH A . 
D 4 HOH 62  1362 3   HOH HOH A . 
D 4 HOH 63  1363 106 HOH HOH A . 
D 4 HOH 64  1364 14  HOH HOH A . 
D 4 HOH 65  1365 26  HOH HOH A . 
D 4 HOH 66  1366 2   HOH HOH A . 
D 4 HOH 67  1367 20  HOH HOH A . 
D 4 HOH 68  1368 39  HOH HOH A . 
D 4 HOH 69  1369 66  HOH HOH A . 
D 4 HOH 70  1370 164 HOH HOH A . 
D 4 HOH 71  1371 32  HOH HOH A . 
D 4 HOH 72  1372 230 HOH HOH A . 
D 4 HOH 73  1373 98  HOH HOH A . 
D 4 HOH 74  1374 28  HOH HOH A . 
D 4 HOH 75  1375 79  HOH HOH A . 
D 4 HOH 76  1376 21  HOH HOH A . 
D 4 HOH 77  1377 105 HOH HOH A . 
D 4 HOH 78  1378 176 HOH HOH A . 
D 4 HOH 79  1379 35  HOH HOH A . 
D 4 HOH 80  1380 34  HOH HOH A . 
D 4 HOH 81  1381 27  HOH HOH A . 
D 4 HOH 82  1382 82  HOH HOH A . 
D 4 HOH 83  1383 181 HOH HOH A . 
D 4 HOH 84  1384 47  HOH HOH A . 
D 4 HOH 85  1385 40  HOH HOH A . 
D 4 HOH 86  1386 6   HOH HOH A . 
D 4 HOH 87  1387 5   HOH HOH A . 
D 4 HOH 88  1388 170 HOH HOH A . 
D 4 HOH 89  1389 8   HOH HOH A . 
D 4 HOH 90  1390 86  HOH HOH A . 
D 4 HOH 91  1391 128 HOH HOH A . 
D 4 HOH 92  1392 223 HOH HOH A . 
D 4 HOH 93  1393 29  HOH HOH A . 
D 4 HOH 94  1394 7   HOH HOH A . 
D 4 HOH 95  1395 16  HOH HOH A . 
D 4 HOH 96  1396 12  HOH HOH A . 
D 4 HOH 97  1397 15  HOH HOH A . 
D 4 HOH 98  1398 90  HOH HOH A . 
D 4 HOH 99  1399 89  HOH HOH A . 
D 4 HOH 100 1400 76  HOH HOH A . 
D 4 HOH 101 1401 9   HOH HOH A . 
D 4 HOH 102 1402 150 HOH HOH A . 
D 4 HOH 103 1403 73  HOH HOH A . 
D 4 HOH 104 1404 49  HOH HOH A . 
D 4 HOH 105 1405 43  HOH HOH A . 
D 4 HOH 106 1406 51  HOH HOH A . 
D 4 HOH 107 1407 245 HOH HOH A . 
D 4 HOH 108 1408 13  HOH HOH A . 
D 4 HOH 109 1409 228 HOH HOH A . 
D 4 HOH 110 1410 154 HOH HOH A . 
D 4 HOH 111 1411 50  HOH HOH A . 
D 4 HOH 112 1412 81  HOH HOH A . 
D 4 HOH 113 1413 30  HOH HOH A . 
D 4 HOH 114 1414 273 HOH HOH A . 
D 4 HOH 115 1415 172 HOH HOH A . 
D 4 HOH 116 1416 119 HOH HOH A . 
D 4 HOH 117 1417 69  HOH HOH A . 
D 4 HOH 118 1418 24  HOH HOH A . 
D 4 HOH 119 1419 52  HOH HOH A . 
D 4 HOH 120 1420 63  HOH HOH A . 
D 4 HOH 121 1421 210 HOH HOH A . 
D 4 HOH 122 1422 117 HOH HOH A . 
D 4 HOH 123 1423 137 HOH HOH A . 
D 4 HOH 124 1424 191 HOH HOH A . 
D 4 HOH 125 1425 101 HOH HOH A . 
D 4 HOH 126 1426 31  HOH HOH A . 
D 4 HOH 127 1427 41  HOH HOH A . 
D 4 HOH 128 1428 58  HOH HOH A . 
D 4 HOH 129 1429 175 HOH HOH A . 
D 4 HOH 130 1430 239 HOH HOH A . 
D 4 HOH 131 1431 65  HOH HOH A . 
D 4 HOH 132 1432 156 HOH HOH A . 
D 4 HOH 133 1433 83  HOH HOH A . 
D 4 HOH 134 1434 56  HOH HOH A . 
D 4 HOH 135 1435 211 HOH HOH A . 
D 4 HOH 136 1436 97  HOH HOH A . 
D 4 HOH 137 1437 10  HOH HOH A . 
D 4 HOH 138 1438 120 HOH HOH A . 
D 4 HOH 139 1439 225 HOH HOH A . 
D 4 HOH 140 1440 111 HOH HOH A . 
D 4 HOH 141 1441 159 HOH HOH A . 
D 4 HOH 142 1442 189 HOH HOH A . 
D 4 HOH 143 1443 233 HOH HOH A . 
D 4 HOH 144 1444 108 HOH HOH A . 
D 4 HOH 145 1445 116 HOH HOH A . 
D 4 HOH 146 1446 231 HOH HOH A . 
D 4 HOH 147 1447 132 HOH HOH A . 
D 4 HOH 148 1448 254 HOH HOH A . 
D 4 HOH 149 1449 229 HOH HOH A . 
D 4 HOH 150 1450 147 HOH HOH A . 
D 4 HOH 151 1451 264 HOH HOH A . 
D 4 HOH 152 1452 217 HOH HOH A . 
D 4 HOH 153 1453 160 HOH HOH A . 
D 4 HOH 154 1454 241 HOH HOH A . 
D 4 HOH 155 1455 192 HOH HOH A . 
D 4 HOH 156 1456 112 HOH HOH A . 
D 4 HOH 157 1457 168 HOH HOH A . 
D 4 HOH 158 1458 180 HOH HOH A . 
D 4 HOH 159 1459 274 HOH HOH A . 
D 4 HOH 160 1460 251 HOH HOH A . 
D 4 HOH 161 1461 142 HOH HOH A . 
D 4 HOH 162 1462 262 HOH HOH A . 
D 4 HOH 163 1463 253 HOH HOH A . 
D 4 HOH 164 1464 134 HOH HOH A . 
D 4 HOH 165 1465 202 HOH HOH A . 
D 4 HOH 166 1466 177 HOH HOH A . 
D 4 HOH 167 1467 141 HOH HOH A . 
D 4 HOH 168 1468 250 HOH HOH A . 
D 4 HOH 169 1469 238 HOH HOH A . 
D 4 HOH 170 1470 75  HOH HOH A . 
D 4 HOH 171 1471 163 HOH HOH A . 
D 4 HOH 172 1472 165 HOH HOH A . 
D 4 HOH 173 1473 93  HOH HOH A . 
D 4 HOH 174 1474 194 HOH HOH A . 
D 4 HOH 175 1475 85  HOH HOH A . 
D 4 HOH 176 1476 195 HOH HOH A . 
D 4 HOH 177 1477 213 HOH HOH A . 
D 4 HOH 178 1478 126 HOH HOH A . 
D 4 HOH 179 1479 259 HOH HOH A . 
D 4 HOH 180 1480 218 HOH HOH A . 
D 4 HOH 181 1481 55  HOH HOH A . 
D 4 HOH 182 1482 200 HOH HOH A . 
D 4 HOH 183 1483 109 HOH HOH A . 
D 4 HOH 184 1484 263 HOH HOH A . 
D 4 HOH 185 1485 242 HOH HOH A . 
D 4 HOH 186 1486 59  HOH HOH A . 
D 4 HOH 187 1487 149 HOH HOH A . 
D 4 HOH 188 1488 199 HOH HOH A . 
D 4 HOH 189 1489 64  HOH HOH A . 
D 4 HOH 190 1490 203 HOH HOH A . 
D 4 HOH 191 1491 222 HOH HOH A . 
D 4 HOH 192 1492 235 HOH HOH A . 
D 4 HOH 193 1493 114 HOH HOH A . 
D 4 HOH 194 1494 103 HOH HOH A . 
D 4 HOH 195 1495 153 HOH HOH A . 
D 4 HOH 196 1496 244 HOH HOH A . 
D 4 HOH 197 1497 44  HOH HOH A . 
D 4 HOH 198 1498 249 HOH HOH A . 
D 4 HOH 199 1499 80  HOH HOH A . 
D 4 HOH 200 1500 74  HOH HOH A . 
D 4 HOH 201 1501 201 HOH HOH A . 
D 4 HOH 202 1502 227 HOH HOH A . 
D 4 HOH 203 1503 115 HOH HOH A . 
D 4 HOH 204 1504 143 HOH HOH A . 
D 4 HOH 205 1505 198 HOH HOH A . 
D 4 HOH 206 1506 54  HOH HOH A . 
D 4 HOH 207 1507 161 HOH HOH A . 
D 4 HOH 208 1508 220 HOH HOH A . 
D 4 HOH 209 1509 265 HOH HOH A . 
D 4 HOH 210 1510 92  HOH HOH A . 
D 4 HOH 211 1511 123 HOH HOH A . 
D 4 HOH 212 1512 182 HOH HOH A . 
D 4 HOH 213 1513 72  HOH HOH A . 
D 4 HOH 214 1514 179 HOH HOH A . 
D 4 HOH 215 1515 190 HOH HOH A . 
D 4 HOH 216 1516 84  HOH HOH A . 
D 4 HOH 217 1517 162 HOH HOH A . 
D 4 HOH 218 1518 96  HOH HOH A . 
D 4 HOH 219 1519 100 HOH HOH A . 
D 4 HOH 220 1520 174 HOH HOH A . 
D 4 HOH 221 1521 261 HOH HOH A . 
D 4 HOH 222 1522 130 HOH HOH A . 
D 4 HOH 223 1523 152 HOH HOH A . 
D 4 HOH 224 1524 240 HOH HOH A . 
D 4 HOH 225 1525 77  HOH HOH A . 
D 4 HOH 226 1526 158 HOH HOH A . 
D 4 HOH 227 1527 258 HOH HOH A . 
D 4 HOH 228 1528 139 HOH HOH A . 
D 4 HOH 229 1529 257 HOH HOH A . 
D 4 HOH 230 1530 167 HOH HOH A . 
D 4 HOH 231 1531 278 HOH HOH A . 
D 4 HOH 232 1532 166 HOH HOH A . 
D 4 HOH 233 1533 188 HOH HOH A . 
D 4 HOH 234 1534 267 HOH HOH A . 
D 4 HOH 235 1535 272 HOH HOH A . 
D 4 HOH 236 1536 94  HOH HOH A . 
D 4 HOH 237 1537 270 HOH HOH A . 
D 4 HOH 238 1538 204 HOH HOH A . 
D 4 HOH 239 1539 236 HOH HOH A . 
D 4 HOH 240 1540 237 HOH HOH A . 
D 4 HOH 241 1541 277 HOH HOH A . 
D 4 HOH 242 1542 121 HOH HOH A . 
D 4 HOH 243 1543 216 HOH HOH A . 
D 4 HOH 244 1544 260 HOH HOH A . 
D 4 HOH 245 1545 255 HOH HOH A . 
D 4 HOH 246 1546 184 HOH HOH A . 
D 4 HOH 247 1547 275 HOH HOH A . 
D 4 HOH 248 1548 144 HOH HOH A . 
D 4 HOH 249 1549 243 HOH HOH A . 
D 4 HOH 250 1550 178 HOH HOH A . 
# 
loop_
_pdbx_unobs_or_zero_occ_atoms.id 
_pdbx_unobs_or_zero_occ_atoms.PDB_model_num 
_pdbx_unobs_or_zero_occ_atoms.polymer_flag 
_pdbx_unobs_or_zero_occ_atoms.occupancy_flag 
_pdbx_unobs_or_zero_occ_atoms.auth_asym_id 
_pdbx_unobs_or_zero_occ_atoms.auth_comp_id 
_pdbx_unobs_or_zero_occ_atoms.auth_seq_id 
_pdbx_unobs_or_zero_occ_atoms.PDB_ins_code 
_pdbx_unobs_or_zero_occ_atoms.auth_atom_id 
_pdbx_unobs_or_zero_occ_atoms.label_alt_id 
_pdbx_unobs_or_zero_occ_atoms.label_asym_id 
_pdbx_unobs_or_zero_occ_atoms.label_comp_id 
_pdbx_unobs_or_zero_occ_atoms.label_seq_id 
_pdbx_unobs_or_zero_occ_atoms.label_atom_id 
1  1 Y 1 A LYS 1082 ? CG  ? A LYS 4   CG  
2  1 Y 1 A LYS 1082 ? CD  ? A LYS 4   CD  
3  1 Y 1 A LYS 1082 ? CE  ? A LYS 4   CE  
4  1 Y 1 A LYS 1082 ? NZ  ? A LYS 4   NZ  
5  1 Y 1 A LYS 1083 ? CE  ? A LYS 5   CE  
6  1 Y 1 A LYS 1083 ? NZ  ? A LYS 5   NZ  
7  1 Y 1 A LYS 1086 ? CG  ? A LYS 8   CG  
8  1 Y 1 A LYS 1086 ? CD  ? A LYS 8   CD  
9  1 Y 1 A LYS 1086 ? CE  ? A LYS 8   CE  
10 1 Y 1 A LYS 1086 ? NZ  ? A LYS 8   NZ  
11 1 Y 1 A GLU 1088 ? CD  ? A GLU 10  CD  
12 1 Y 1 A GLU 1088 ? OE1 ? A GLU 10  OE1 
13 1 Y 1 A GLU 1088 ? OE2 ? A GLU 10  OE2 
14 1 Y 1 A GLU 1089 ? CG  ? A GLU 11  CG  
15 1 Y 1 A GLU 1089 ? CD  ? A GLU 11  CD  
16 1 Y 1 A GLU 1089 ? OE1 ? A GLU 11  OE1 
17 1 Y 1 A GLU 1089 ? OE2 ? A GLU 11  OE2 
18 1 Y 1 A ARG 1091 ? NH1 ? A ARG 13  NH1 
19 1 Y 1 A ARG 1091 ? NH2 ? A ARG 13  NH2 
20 1 Y 1 A GLN 1092 ? CD  ? A GLN 14  CD  
21 1 Y 1 A GLN 1092 ? OE1 ? A GLN 14  OE1 
22 1 Y 1 A GLN 1092 ? NE2 ? A GLN 14  NE2 
23 1 Y 1 A GLN 1118 ? CG  ? A GLN 40  CG  
24 1 Y 1 A GLN 1118 ? CD  ? A GLN 40  CD  
25 1 Y 1 A GLN 1118 ? OE1 ? A GLN 40  OE1 
26 1 Y 1 A GLN 1118 ? NE2 ? A GLN 40  NE2 
27 1 Y 1 A ARG 1169 ? CZ  ? A ARG 91  CZ  
28 1 Y 1 A ARG 1169 ? NH1 ? A ARG 91  NH1 
29 1 Y 1 A ARG 1169 ? NH2 ? A ARG 91  NH2 
30 1 Y 1 A GLN 1187 ? CG  ? A GLN 109 CG  
31 1 Y 1 A GLN 1187 ? CD  ? A GLN 109 CD  
32 1 Y 1 A GLN 1187 ? OE1 ? A GLN 109 OE1 
33 1 Y 1 A GLN 1187 ? NE2 ? A GLN 109 NE2 
34 1 Y 1 A GLN 1194 ? CG  ? A GLN 116 CG  
35 1 Y 1 A GLN 1194 ? CD  ? A GLN 116 CD  
36 1 Y 1 A GLN 1194 ? OE1 ? A GLN 116 OE1 
37 1 Y 1 A GLN 1194 ? NE2 ? A GLN 116 NE2 
38 1 Y 1 A GLY 1197 ? O   ? A GLY 119 O   
# 
loop_
_software.citation_id 
_software.classification 
_software.compiler_name 
_software.compiler_version 
_software.contact_author 
_software.contact_author_email 
_software.date 
_software.description 
_software.dependencies 
_software.hardware 
_software.language 
_software.location 
_software.mods 
_software.name 
_software.os 
_software.os_version 
_software.type 
_software.version 
_software.pdbx_ordinal 
? 'data reduction' ? ? ? ? ? ? ? ? ? ? ? XDS    ? ? ? . 1 
? 'data scaling'   ? ? ? ? ? ? ? ? ? ? ? XSCALE ? ? ? . 2 
? phasing          ? ? ? ? ? ? ? ? ? ? ? PHASER ? ? ? . 3 
? refinement       ? ? ? ? ? ? ? ? ? ? ? PHENIX ? ? ? . 4 
# 
_cell.angle_alpha                  90.000 
_cell.angle_alpha_esd              ? 
_cell.angle_beta                   102.750 
_cell.angle_beta_esd               ? 
_cell.angle_gamma                  90.000 
_cell.angle_gamma_esd              ? 
_cell.entry_id                     6SQE 
_cell.details                      ? 
_cell.formula_units_Z              ? 
_cell.length_a                     86.790 
_cell.length_a_esd                 ? 
_cell.length_b                     36.440 
_cell.length_b_esd                 ? 
_cell.length_c                     42.230 
_cell.length_c_esd                 ? 
_cell.volume                       130264.539 
_cell.volume_esd                   ? 
_cell.Z_PDB                        4 
_cell.reciprocal_angle_alpha       ? 
_cell.reciprocal_angle_beta        ? 
_cell.reciprocal_angle_gamma       ? 
_cell.reciprocal_angle_alpha_esd   ? 
_cell.reciprocal_angle_beta_esd    ? 
_cell.reciprocal_angle_gamma_esd   ? 
_cell.reciprocal_length_a          ? 
_cell.reciprocal_length_b          ? 
_cell.reciprocal_length_c          ? 
_cell.reciprocal_length_a_esd      ? 
_cell.reciprocal_length_b_esd      ? 
_cell.reciprocal_length_c_esd      ? 
_cell.pdbx_unique_axis             ? 
# 
_symmetry.entry_id                         6SQE 
_symmetry.cell_setting                     ? 
_symmetry.Int_Tables_number                5 
_symmetry.space_group_name_Hall            'C 2y' 
_symmetry.space_group_name_H-M             'C 1 2 1' 
_symmetry.pdbx_full_space_group_name_H-M   ? 
# 
_exptl.absorpt_coefficient_mu     ? 
_exptl.absorpt_correction_T_max   ? 
_exptl.absorpt_correction_T_min   ? 
_exptl.absorpt_correction_type    ? 
_exptl.absorpt_process_details    ? 
_exptl.entry_id                   6SQE 
_exptl.crystals_number            1 
_exptl.details                    ? 
_exptl.method                     'X-RAY DIFFRACTION' 
_exptl.method_details             ? 
# 
_exptl_crystal.colour                      ? 
_exptl_crystal.density_diffrn              ? 
_exptl_crystal.density_Matthews            2.29 
_exptl_crystal.density_method              ? 
_exptl_crystal.density_percent_sol         46.28 
_exptl_crystal.description                 ? 
_exptl_crystal.F_000                       ? 
_exptl_crystal.id                          1 
_exptl_crystal.preparation                 ? 
_exptl_crystal.size_max                    ? 
_exptl_crystal.size_mid                    ? 
_exptl_crystal.size_min                    ? 
_exptl_crystal.size_rad                    ? 
_exptl_crystal.colour_lustre               ? 
_exptl_crystal.colour_modifier             ? 
_exptl_crystal.colour_primary              ? 
_exptl_crystal.density_meas                ? 
_exptl_crystal.density_meas_esd            ? 
_exptl_crystal.density_meas_gt             ? 
_exptl_crystal.density_meas_lt             ? 
_exptl_crystal.density_meas_temp           ? 
_exptl_crystal.density_meas_temp_esd       ? 
_exptl_crystal.density_meas_temp_gt        ? 
_exptl_crystal.density_meas_temp_lt        ? 
_exptl_crystal.pdbx_crystal_image_url      ? 
_exptl_crystal.pdbx_crystal_image_format   ? 
_exptl_crystal.pdbx_mosaicity              ? 
_exptl_crystal.pdbx_mosaicity_esd          ? 
# 
_exptl_crystal_grow.apparatus       ? 
_exptl_crystal_grow.atmosphere      ? 
_exptl_crystal_grow.crystal_id      1 
_exptl_crystal_grow.details         ? 
_exptl_crystal_grow.method          'VAPOR DIFFUSION, SITTING DROP' 
_exptl_crystal_grow.method_ref      ? 
_exptl_crystal_grow.pH              ? 
_exptl_crystal_grow.pressure        ? 
_exptl_crystal_grow.pressure_esd    ? 
_exptl_crystal_grow.seeding         ? 
_exptl_crystal_grow.seeding_ref     ? 
_exptl_crystal_grow.temp            277.15 
_exptl_crystal_grow.temp_details    ? 
_exptl_crystal_grow.temp_esd        ? 
_exptl_crystal_grow.time            ? 
_exptl_crystal_grow.pdbx_details    '0.2M MgCl2, 25% PEG 3350, 0.1M BisTris pH 5.5' 
_exptl_crystal_grow.pdbx_pH_range   ? 
# 
_diffrn.ambient_environment              ? 
_diffrn.ambient_temp                     100 
_diffrn.ambient_temp_details             ? 
_diffrn.ambient_temp_esd                 ? 
_diffrn.crystal_id                       1 
_diffrn.crystal_support                  ? 
_diffrn.crystal_treatment                ? 
_diffrn.details                          ? 
_diffrn.id                               1 
_diffrn.ambient_pressure                 ? 
_diffrn.ambient_pressure_esd             ? 
_diffrn.ambient_pressure_gt              ? 
_diffrn.ambient_pressure_lt              ? 
_diffrn.ambient_temp_gt                  ? 
_diffrn.ambient_temp_lt                  ? 
_diffrn.pdbx_serial_crystal_experiment   N 
# 
_diffrn_detector.details                      ? 
_diffrn_detector.detector                     PIXEL 
_diffrn_detector.diffrn_id                    1 
_diffrn_detector.type                         'DECTRIS PILATUS 2M-F' 
_diffrn_detector.area_resol_mean              ? 
_diffrn_detector.dtime                        ? 
_diffrn_detector.pdbx_frames_total            ? 
_diffrn_detector.pdbx_collection_time_total   ? 
_diffrn_detector.pdbx_collection_date         2019-04-04 
_diffrn_detector.pdbx_frequency               ? 
# 
_diffrn_radiation.collimation                      ? 
_diffrn_radiation.diffrn_id                        1 
_diffrn_radiation.filter_edge                      ? 
_diffrn_radiation.inhomogeneity                    ? 
_diffrn_radiation.monochromator                    ? 
_diffrn_radiation.polarisn_norm                    ? 
_diffrn_radiation.polarisn_ratio                   ? 
_diffrn_radiation.probe                            ? 
_diffrn_radiation.type                             ? 
_diffrn_radiation.xray_symbol                      ? 
_diffrn_radiation.wavelength_id                    1 
_diffrn_radiation.pdbx_monochromatic_or_laue_m_l   M 
_diffrn_radiation.pdbx_wavelength_list             ? 
_diffrn_radiation.pdbx_wavelength                  ? 
_diffrn_radiation.pdbx_diffrn_protocol             'SINGLE WAVELENGTH' 
_diffrn_radiation.pdbx_analyzer                    ? 
_diffrn_radiation.pdbx_scattering_type             x-ray 
# 
_diffrn_radiation_wavelength.id           1 
_diffrn_radiation_wavelength.wavelength   1 
_diffrn_radiation_wavelength.wt           1.0 
# 
_diffrn_source.current                     ? 
_diffrn_source.details                     ? 
_diffrn_source.diffrn_id                   1 
_diffrn_source.power                       ? 
_diffrn_source.size                        ? 
_diffrn_source.source                      SYNCHROTRON 
_diffrn_source.target                      ? 
_diffrn_source.type                        'SLS BEAMLINE X06DA' 
_diffrn_source.voltage                     ? 
_diffrn_source.take-off_angle              ? 
_diffrn_source.pdbx_wavelength_list        1 
_diffrn_source.pdbx_wavelength             ? 
_diffrn_source.pdbx_synchrotron_beamline   X06DA 
_diffrn_source.pdbx_synchrotron_site       SLS 
# 
_reflns.B_iso_Wilson_estimate            ? 
_reflns.entry_id                         6SQE 
_reflns.data_reduction_details           ? 
_reflns.data_reduction_method            ? 
_reflns.d_resolution_high                1.5 
_reflns.d_resolution_low                 42.3 
_reflns.details                          ? 
_reflns.limit_h_max                      ? 
_reflns.limit_h_min                      ? 
_reflns.limit_k_max                      ? 
_reflns.limit_k_min                      ? 
_reflns.limit_l_max                      ? 
_reflns.limit_l_min                      ? 
_reflns.number_all                       ? 
_reflns.number_obs                       19998 
_reflns.observed_criterion               ? 
_reflns.observed_criterion_F_max         ? 
_reflns.observed_criterion_F_min         ? 
_reflns.observed_criterion_I_max         ? 
_reflns.observed_criterion_I_min         ? 
_reflns.observed_criterion_sigma_F       ? 
_reflns.observed_criterion_sigma_I       ? 
_reflns.percent_possible_obs             97.1 
_reflns.R_free_details                   ? 
_reflns.Rmerge_F_all                     ? 
_reflns.Rmerge_F_obs                     ? 
_reflns.Friedel_coverage                 ? 
_reflns.number_gt                        ? 
_reflns.threshold_expression             ? 
_reflns.pdbx_redundancy                  3.42 
_reflns.pdbx_Rmerge_I_obs                ? 
_reflns.pdbx_Rmerge_I_all                ? 
_reflns.pdbx_Rsym_value                  ? 
_reflns.pdbx_netI_over_av_sigmaI         ? 
_reflns.pdbx_netI_over_sigmaI            30.93 
_reflns.pdbx_res_netI_over_av_sigmaI_2   ? 
_reflns.pdbx_res_netI_over_sigmaI_2      ? 
_reflns.pdbx_chi_squared                 ? 
_reflns.pdbx_scaling_rejects             ? 
_reflns.pdbx_d_res_high_opt              ? 
_reflns.pdbx_d_res_low_opt               ? 
_reflns.pdbx_d_res_opt_method            ? 
_reflns.phase_calculation_details        ? 
_reflns.pdbx_Rrim_I_all                  ? 
_reflns.pdbx_Rpim_I_all                  ? 
_reflns.pdbx_d_opt                       ? 
_reflns.pdbx_number_measured_all         ? 
_reflns.pdbx_diffrn_id                   1 
_reflns.pdbx_ordinal                     1 
_reflns.pdbx_CC_half                     1 
_reflns.pdbx_R_split                     ? 
# 
_reflns_shell.d_res_high                  1.5 
_reflns_shell.d_res_low                   1.6 
_reflns_shell.meanI_over_sigI_all         ? 
_reflns_shell.meanI_over_sigI_obs         ? 
_reflns_shell.number_measured_all         ? 
_reflns_shell.number_measured_obs         ? 
_reflns_shell.number_possible             ? 
_reflns_shell.number_unique_all           ? 
_reflns_shell.number_unique_obs           3159 
_reflns_shell.percent_possible_all        96.3 
_reflns_shell.percent_possible_obs        ? 
_reflns_shell.Rmerge_F_all                ? 
_reflns_shell.Rmerge_F_obs                ? 
_reflns_shell.Rmerge_I_all                ? 
_reflns_shell.Rmerge_I_obs                ? 
_reflns_shell.meanI_over_sigI_gt          ? 
_reflns_shell.meanI_over_uI_all           ? 
_reflns_shell.meanI_over_uI_gt            ? 
_reflns_shell.number_measured_gt          ? 
_reflns_shell.number_unique_gt            ? 
_reflns_shell.percent_possible_gt         ? 
_reflns_shell.Rmerge_F_gt                 ? 
_reflns_shell.Rmerge_I_gt                 ? 
_reflns_shell.pdbx_redundancy             ? 
_reflns_shell.pdbx_Rsym_value             ? 
_reflns_shell.pdbx_chi_squared            ? 
_reflns_shell.pdbx_netI_over_sigmaI_all   ? 
_reflns_shell.pdbx_netI_over_sigmaI_obs   ? 
_reflns_shell.pdbx_Rrim_I_all             ? 
_reflns_shell.pdbx_Rpim_I_all             ? 
_reflns_shell.pdbx_rejects                ? 
_reflns_shell.pdbx_ordinal                1 
_reflns_shell.pdbx_diffrn_id              1 
_reflns_shell.pdbx_CC_half                0.991 
_reflns_shell.pdbx_R_split                ? 
# 
_refine.aniso_B[1][1]                            ? 
_refine.aniso_B[1][2]                            ? 
_refine.aniso_B[1][3]                            ? 
_refine.aniso_B[2][2]                            ? 
_refine.aniso_B[2][3]                            ? 
_refine.aniso_B[3][3]                            ? 
_refine.B_iso_max                                ? 
_refine.B_iso_mean                               ? 
_refine.B_iso_min                                ? 
_refine.correlation_coeff_Fo_to_Fc               ? 
_refine.correlation_coeff_Fo_to_Fc_free          ? 
_refine.details                                  ? 
_refine.diff_density_max                         ? 
_refine.diff_density_max_esd                     ? 
_refine.diff_density_min                         ? 
_refine.diff_density_min_esd                     ? 
_refine.diff_density_rms                         ? 
_refine.diff_density_rms_esd                     ? 
_refine.entry_id                                 6SQE 
_refine.pdbx_refine_id                           'X-RAY DIFFRACTION' 
_refine.ls_abs_structure_details                 ? 
_refine.ls_abs_structure_Flack                   ? 
_refine.ls_abs_structure_Flack_esd               ? 
_refine.ls_abs_structure_Rogers                  ? 
_refine.ls_abs_structure_Rogers_esd              ? 
_refine.ls_d_res_high                            1.506 
_refine.ls_d_res_low                             41.188 
_refine.ls_extinction_coef                       ? 
_refine.ls_extinction_coef_esd                   ? 
_refine.ls_extinction_expression                 ? 
_refine.ls_extinction_method                     ? 
_refine.ls_goodness_of_fit_all                   ? 
_refine.ls_goodness_of_fit_all_esd               ? 
_refine.ls_goodness_of_fit_obs                   ? 
_refine.ls_goodness_of_fit_obs_esd               ? 
_refine.ls_hydrogen_treatment                    ? 
_refine.ls_matrix_type                           ? 
_refine.ls_number_constraints                    ? 
_refine.ls_number_parameters                     ? 
_refine.ls_number_reflns_all                     ? 
_refine.ls_number_reflns_obs                     19995 
_refine.ls_number_reflns_R_free                  999 
_refine.ls_number_reflns_R_work                  ? 
_refine.ls_number_restraints                     ? 
_refine.ls_percent_reflns_obs                    97.21 
_refine.ls_percent_reflns_R_free                 ? 
_refine.ls_R_factor_all                          ? 
_refine.ls_R_factor_obs                          ? 
_refine.ls_R_factor_R_free                       0.1906 
_refine.ls_R_factor_R_free_error                 ? 
_refine.ls_R_factor_R_free_error_details         ? 
_refine.ls_R_factor_R_work                       0.1607 
_refine.ls_R_Fsqd_factor_obs                     ? 
_refine.ls_R_I_factor_obs                        ? 
_refine.ls_redundancy_reflns_all                 ? 
_refine.ls_redundancy_reflns_obs                 ? 
_refine.ls_restrained_S_all                      ? 
_refine.ls_restrained_S_obs                      ? 
_refine.ls_shift_over_esd_max                    ? 
_refine.ls_shift_over_esd_mean                   ? 
_refine.ls_structure_factor_coef                 ? 
_refine.ls_weighting_details                     ? 
_refine.ls_weighting_scheme                      ? 
_refine.ls_wR_factor_all                         ? 
_refine.ls_wR_factor_obs                         ? 
_refine.ls_wR_factor_R_free                      ? 
_refine.ls_wR_factor_R_work                      ? 
_refine.occupancy_max                            ? 
_refine.occupancy_min                            ? 
_refine.solvent_model_details                    ? 
_refine.solvent_model_param_bsol                 ? 
_refine.solvent_model_param_ksol                 ? 
_refine.ls_R_factor_gt                           ? 
_refine.ls_goodness_of_fit_gt                    ? 
_refine.ls_goodness_of_fit_ref                   ? 
_refine.ls_shift_over_su_max                     ? 
_refine.ls_shift_over_su_max_lt                  ? 
_refine.ls_shift_over_su_mean                    ? 
_refine.ls_shift_over_su_mean_lt                 ? 
_refine.pdbx_ls_sigma_I                          ? 
_refine.pdbx_ls_sigma_F                          ? 
_refine.pdbx_ls_sigma_Fsqd                       ? 
_refine.pdbx_data_cutoff_high_absF               ? 
_refine.pdbx_data_cutoff_high_rms_absF           ? 
_refine.pdbx_data_cutoff_low_absF                ? 
_refine.pdbx_isotropic_thermal_model             ? 
_refine.pdbx_ls_cross_valid_method               'FREE R-VALUE' 
_refine.pdbx_method_to_determine_struct          'MOLECULAR REPLACEMENT' 
_refine.pdbx_starting_model                      5MME 
_refine.pdbx_stereochemistry_target_values       ? 
_refine.pdbx_R_Free_selection_details            ? 
_refine.pdbx_stereochem_target_val_spec_case     ? 
_refine.pdbx_overall_ESU_R                       ? 
_refine.pdbx_overall_ESU_R_Free                  ? 
_refine.pdbx_solvent_vdw_probe_radii             ? 
_refine.pdbx_solvent_ion_probe_radii             ? 
_refine.pdbx_solvent_shrinkage_radii             ? 
_refine.pdbx_real_space_R                        ? 
_refine.pdbx_density_correlation                 ? 
_refine.pdbx_pd_number_of_powder_patterns        ? 
_refine.pdbx_pd_number_of_points                 ? 
_refine.pdbx_pd_meas_number_of_points            ? 
_refine.pdbx_pd_proc_ls_prof_R_factor            ? 
_refine.pdbx_pd_proc_ls_prof_wR_factor           ? 
_refine.pdbx_pd_Marquardt_correlation_coeff      ? 
_refine.pdbx_pd_Fsqrd_R_factor                   ? 
_refine.pdbx_pd_ls_matrix_band_width             ? 
_refine.pdbx_overall_phase_error                 ? 
_refine.pdbx_overall_SU_R_free_Cruickshank_DPI   ? 
_refine.pdbx_overall_SU_R_free_Blow_DPI          ? 
_refine.pdbx_overall_SU_R_Blow_DPI               ? 
_refine.pdbx_TLS_residual_ADP_flag               ? 
_refine.pdbx_diffrn_id                           1 
_refine.overall_SU_B                             ? 
_refine.overall_SU_ML                            ? 
_refine.overall_SU_R_Cruickshank_DPI             ? 
_refine.overall_SU_R_free                        ? 
_refine.overall_FOM_free_R_set                   ? 
_refine.overall_FOM_work_R_set                   ? 
_refine.pdbx_average_fsc_overall                 ? 
_refine.pdbx_average_fsc_work                    ? 
_refine.pdbx_average_fsc_free                    ? 
# 
_refine_hist.pdbx_refine_id                   'X-RAY DIFFRACTION' 
_refine_hist.cycle_id                         LAST 
_refine_hist.pdbx_number_atoms_protein        937 
_refine_hist.pdbx_number_atoms_nucleic_acid   0 
_refine_hist.pdbx_number_atoms_ligand         47 
_refine_hist.number_atoms_solvent             250 
_refine_hist.number_atoms_total               1234 
_refine_hist.d_res_high                       1.506 
_refine_hist.d_res_low                        41.188 
# 
_struct.entry_id                     6SQE 
_struct.title                        'Crystal structure of CREBBP bromodomain complexed with KD341' 
_struct.pdbx_model_details           ? 
_struct.pdbx_formula_weight          ? 
_struct.pdbx_formula_weight_method   ? 
_struct.pdbx_model_type_details      ? 
_struct.pdbx_CASP_flag               N 
# 
_struct_keywords.entry_id        6SQE 
_struct_keywords.text            'Inhibitor, Complex, CREBBP, Bromodomain, TRANSFERASE' 
_struct_keywords.pdbx_keywords   TRANSFERASE 
# 
loop_
_struct_asym.id 
_struct_asym.pdbx_blank_PDB_chainid_flag 
_struct_asym.pdbx_modified 
_struct_asym.entity_id 
_struct_asym.details 
A N N 1 ? 
B N N 2 ? 
C N N 3 ? 
D N N 4 ? 
# 
_struct_ref.id                         1 
_struct_ref.db_name                    UNP 
_struct_ref.db_code                    CBP_HUMAN 
_struct_ref.pdbx_db_accession          Q92793 
_struct_ref.pdbx_db_isoform            ? 
_struct_ref.entity_id                  1 
_struct_ref.pdbx_seq_one_letter_code   
;RKKIFKPEELRQALMPTLEALYRQDPESLPFRQPVDPQLLGIPDYFDIVKNPMDLSTIKRKLDTGQYQEPWQYVDDVWLM
FNNAWLYNRKTSRVYKFCSKLAEVFEQEIDPVMQSLG
;
_struct_ref.pdbx_align_begin           1081 
# 
_struct_ref_seq.align_id                      1 
_struct_ref_seq.ref_id                        1 
_struct_ref_seq.pdbx_PDB_id_code              6SQE 
_struct_ref_seq.pdbx_strand_id                A 
_struct_ref_seq.seq_align_beg                 3 
_struct_ref_seq.pdbx_seq_align_beg_ins_code   ? 
_struct_ref_seq.seq_align_end                 119 
_struct_ref_seq.pdbx_seq_align_end_ins_code   ? 
_struct_ref_seq.pdbx_db_accession             Q92793 
_struct_ref_seq.db_align_beg                  1081 
_struct_ref_seq.pdbx_db_align_beg_ins_code    ? 
_struct_ref_seq.db_align_end                  1197 
_struct_ref_seq.pdbx_db_align_end_ins_code    ? 
_struct_ref_seq.pdbx_auth_seq_align_beg       1081 
_struct_ref_seq.pdbx_auth_seq_align_end       1197 
# 
loop_
_struct_ref_seq_dif.align_id 
_struct_ref_seq_dif.pdbx_pdb_id_code 
_struct_ref_seq_dif.mon_id 
_struct_ref_seq_dif.pdbx_pdb_strand_id 
_struct_ref_seq_dif.seq_num 
_struct_ref_seq_dif.pdbx_pdb_ins_code 
_struct_ref_seq_dif.pdbx_seq_db_name 
_struct_ref_seq_dif.pdbx_seq_db_accession_code 
_struct_ref_seq_dif.db_mon_id 
_struct_ref_seq_dif.pdbx_seq_db_seq_num 
_struct_ref_seq_dif.details 
_struct_ref_seq_dif.pdbx_auth_seq_num 
_struct_ref_seq_dif.pdbx_ordinal 
1 6SQE SER A 1 ? UNP Q92793 ? ? 'expression tag' 1079 1 
1 6SQE MET A 2 ? UNP Q92793 ? ? 'expression tag' 1080 2 
# 
_pdbx_struct_assembly.id                   1 
_pdbx_struct_assembly.details              author_and_software_defined_assembly 
_pdbx_struct_assembly.method_details       PISA 
_pdbx_struct_assembly.oligomeric_details   monomeric 
_pdbx_struct_assembly.oligomeric_count     1 
# 
loop_
_pdbx_struct_assembly_prop.biol_id 
_pdbx_struct_assembly_prop.type 
_pdbx_struct_assembly_prop.value 
_pdbx_struct_assembly_prop.details 
1 'ABSA (A^2)' 110  ? 
1 MORE         1    ? 
1 'SSA (A^2)'  6900 ? 
# 
_pdbx_struct_assembly_gen.assembly_id       1 
_pdbx_struct_assembly_gen.oper_expression   1 
_pdbx_struct_assembly_gen.asym_id_list      A,B,C,D 
# 
_pdbx_struct_assembly_auth_evidence.id                     1 
_pdbx_struct_assembly_auth_evidence.assembly_id            1 
_pdbx_struct_assembly_auth_evidence.experimental_support   none 
_pdbx_struct_assembly_auth_evidence.details                ? 
# 
_pdbx_struct_oper_list.id                   1 
_pdbx_struct_oper_list.type                 'identity operation' 
_pdbx_struct_oper_list.name                 1_555 
_pdbx_struct_oper_list.symmetry_operation   x,y,z 
_pdbx_struct_oper_list.matrix[1][1]         1.0000000000 
_pdbx_struct_oper_list.matrix[1][2]         0.0000000000 
_pdbx_struct_oper_list.matrix[1][3]         0.0000000000 
_pdbx_struct_oper_list.vector[1]            0.0000000000 
_pdbx_struct_oper_list.matrix[2][1]         0.0000000000 
_pdbx_struct_oper_list.matrix[2][2]         1.0000000000 
_pdbx_struct_oper_list.matrix[2][3]         0.0000000000 
_pdbx_struct_oper_list.vector[2]            0.0000000000 
_pdbx_struct_oper_list.matrix[3][1]         0.0000000000 
_pdbx_struct_oper_list.matrix[3][2]         0.0000000000 
_pdbx_struct_oper_list.matrix[3][3]         1.0000000000 
_pdbx_struct_oper_list.vector[3]            0.0000000000 
# 
loop_
_struct_conf.conf_type_id 
_struct_conf.id 
_struct_conf.pdbx_PDB_helix_id 
_struct_conf.beg_label_comp_id 
_struct_conf.beg_label_asym_id 
_struct_conf.beg_label_seq_id 
_struct_conf.pdbx_beg_PDB_ins_code 
_struct_conf.end_label_comp_id 
_struct_conf.end_label_asym_id 
_struct_conf.end_label_seq_id 
_struct_conf.pdbx_end_PDB_ins_code 
_struct_conf.beg_auth_comp_id 
_struct_conf.beg_auth_asym_id 
_struct_conf.beg_auth_seq_id 
_struct_conf.end_auth_comp_id 
_struct_conf.end_auth_asym_id 
_struct_conf.end_auth_seq_id 
_struct_conf.pdbx_PDB_helix_class 
_struct_conf.details 
_struct_conf.pdbx_PDB_helix_length 
HELX_P HELX_P1 AA1 LYS A 8  ? GLN A 26  ? LYS A 1086 GLN A 1104 1 ? 19 
HELX_P HELX_P2 AA2 SER A 30 ? ARG A 34  ? SER A 1108 ARG A 1112 5 ? 5  
HELX_P HELX_P3 AA3 ASP A 38 ? GLY A 43  ? ASP A 1116 GLY A 1121 1 ? 6  
HELX_P HELX_P4 AA4 ASP A 46 ? VAL A 51  ? ASP A 1124 VAL A 1129 1 ? 6  
HELX_P HELX_P5 AA5 ASP A 56 ? THR A 66  ? ASP A 1134 THR A 1144 1 ? 11 
HELX_P HELX_P6 AA6 GLU A 71 ? ASN A 90  ? GLU A 1149 ASN A 1168 1 ? 20 
HELX_P HELX_P7 AA7 SER A 94 ? GLY A 119 ? SER A 1172 GLY A 1197 1 ? 26 
# 
_struct_conf_type.id          HELX_P 
_struct_conf_type.criteria    ? 
_struct_conf_type.reference   ? 
# 
_struct_mon_prot_cis.pdbx_id                1 
_struct_mon_prot_cis.label_comp_id          ASP 
_struct_mon_prot_cis.label_seq_id           27 
_struct_mon_prot_cis.label_asym_id          A 
_struct_mon_prot_cis.label_alt_id           . 
_struct_mon_prot_cis.pdbx_PDB_ins_code      ? 
_struct_mon_prot_cis.auth_comp_id           ASP 
_struct_mon_prot_cis.auth_seq_id            1105 
_struct_mon_prot_cis.auth_asym_id           A 
_struct_mon_prot_cis.pdbx_label_comp_id_2   PRO 
_struct_mon_prot_cis.pdbx_label_seq_id_2    28 
_struct_mon_prot_cis.pdbx_label_asym_id_2   A 
_struct_mon_prot_cis.pdbx_PDB_ins_code_2    ? 
_struct_mon_prot_cis.pdbx_auth_comp_id_2    PRO 
_struct_mon_prot_cis.pdbx_auth_seq_id_2     1106 
_struct_mon_prot_cis.pdbx_auth_asym_id_2    A 
_struct_mon_prot_cis.pdbx_PDB_model_num     1 
_struct_mon_prot_cis.pdbx_omega_angle       5.98 
# 
loop_
_struct_site.id 
_struct_site.pdbx_evidence_code 
_struct_site.pdbx_auth_asym_id 
_struct_site.pdbx_auth_comp_id 
_struct_site.pdbx_auth_seq_id 
_struct_site.pdbx_auth_ins_code 
_struct_site.pdbx_num_residues 
_struct_site.details 
AC1 Software A LSZ 1201 ? 17 'binding site for residue LSZ A 1201' 
AC2 Software A EDO 1202 ? 4  'binding site for residue EDO A 1202' 
# 
loop_
_struct_site_gen.id 
_struct_site_gen.site_id 
_struct_site_gen.pdbx_num_res 
_struct_site_gen.label_comp_id 
_struct_site_gen.label_asym_id 
_struct_site_gen.label_seq_id 
_struct_site_gen.pdbx_auth_ins_code 
_struct_site_gen.auth_comp_id 
_struct_site_gen.auth_asym_id 
_struct_site_gen.auth_seq_id 
_struct_site_gen.label_atom_id 
_struct_site_gen.label_alt_id 
_struct_site_gen.symmetry 
_struct_site_gen.details 
1  AC1 17 PRO A 28  ? PRO A 1106 . ? 1_555 ? 
2  AC1 17 LEU A 31  ? LEU A 1109 . ? 1_555 ? 
3  AC1 17 PRO A 32  ? PRO A 1110 . ? 1_555 ? 
4  AC1 17 GLN A 35  ? GLN A 1113 . ? 1_555 ? 
5  AC1 17 VAL A 37  ? VAL A 1115 . ? 1_555 ? 
6  AC1 17 LEU A 42  ? LEU A 1120 . ? 1_555 ? 
7  AC1 17 ASN A 90  ? ASN A 1168 . ? 1_555 ? 
8  AC1 17 ARG A 95  ? ARG A 1173 . ? 1_555 ? 
9  AC1 17 VAL A 96  ? VAL A 1174 . ? 1_555 ? 
10 AC1 17 PHE A 99  ? PHE A 1177 . ? 1_555 ? 
11 AC1 17 SER A 101 ? SER A 1179 . ? 4_555 ? 
12 AC1 17 HOH D .   ? HOH A 1313 . ? 1_555 ? 
13 AC1 17 HOH D .   ? HOH A 1376 . ? 1_555 ? 
14 AC1 17 HOH D .   ? HOH A 1386 . ? 1_555 ? 
15 AC1 17 HOH D .   ? HOH A 1396 . ? 1_555 ? 
16 AC1 17 HOH D .   ? HOH A 1401 . ? 1_555 ? 
17 AC1 17 HOH D .   ? HOH A 1431 . ? 1_555 ? 
18 AC2 4  GLN A 14  ? GLN A 1092 . ? 1_555 ? 
19 AC2 4  ASP A 46  ? ASP A 1124 . ? 1_556 ? 
20 AC2 4  ILE A 50  ? ILE A 1128 . ? 1_556 ? 
21 AC2 4  HOH D .   ? HOH A 1331 . ? 1_556 ? 
# 
loop_
_pdbx_validate_close_contact.id 
_pdbx_validate_close_contact.PDB_model_num 
_pdbx_validate_close_contact.auth_atom_id_1 
_pdbx_validate_close_contact.auth_asym_id_1 
_pdbx_validate_close_contact.auth_comp_id_1 
_pdbx_validate_close_contact.auth_seq_id_1 
_pdbx_validate_close_contact.PDB_ins_code_1 
_pdbx_validate_close_contact.label_alt_id_1 
_pdbx_validate_close_contact.auth_atom_id_2 
_pdbx_validate_close_contact.auth_asym_id_2 
_pdbx_validate_close_contact.auth_comp_id_2 
_pdbx_validate_close_contact.auth_seq_id_2 
_pdbx_validate_close_contact.PDB_ins_code_2 
_pdbx_validate_close_contact.label_alt_id_2 
_pdbx_validate_close_contact.dist 
1 1 O A HOH 1527 ? ? O A HOH 1529 ? ? 1.94 
2 1 O A HOH 1322 ? ? O A HOH 1403 ? ? 1.95 
3 1 O A HOH 1455 ? ? O A HOH 1472 ? ? 2.16 
4 1 O A HOH 1465 ? ? O A HOH 1501 ? ? 2.16 
5 1 O A HOH 1496 ? ? O A HOH 1527 ? ? 2.18 
6 1 O A HOH 1509 ? ? O A HOH 1544 ? ? 2.18 
7 1 O A HOH 1424 ? ? O A HOH 1472 ? ? 2.18 
# 
loop_
_pdbx_validate_symm_contact.id 
_pdbx_validate_symm_contact.PDB_model_num 
_pdbx_validate_symm_contact.auth_atom_id_1 
_pdbx_validate_symm_contact.auth_asym_id_1 
_pdbx_validate_symm_contact.auth_comp_id_1 
_pdbx_validate_symm_contact.auth_seq_id_1 
_pdbx_validate_symm_contact.PDB_ins_code_1 
_pdbx_validate_symm_contact.label_alt_id_1 
_pdbx_validate_symm_contact.site_symmetry_1 
_pdbx_validate_symm_contact.auth_atom_id_2 
_pdbx_validate_symm_contact.auth_asym_id_2 
_pdbx_validate_symm_contact.auth_comp_id_2 
_pdbx_validate_symm_contact.auth_seq_id_2 
_pdbx_validate_symm_contact.PDB_ins_code_2 
_pdbx_validate_symm_contact.label_alt_id_2 
_pdbx_validate_symm_contact.site_symmetry_2 
_pdbx_validate_symm_contact.dist 
1 1 O A HOH 1322 ? ? 1_555 O A HOH 1360 ? ? 4_545 1.95 
2 1 O A HOH 1471 ? ? 1_555 O A HOH 1491 ? ? 2_555 2.09 
3 1 O A HOH 1388 ? ? 1_555 O A HOH 1448 ? ? 1_554 2.11 
4 1 O A HOH 1537 ? ? 1_555 O A HOH 1545 ? ? 1_546 2.11 
5 1 O A HOH 1451 ? ? 1_555 O A HOH 1484 ? ? 4_555 2.14 
6 1 O A HOH 1462 ? ? 1_555 O A HOH 1484 ? ? 4_555 2.15 
# 
loop_
_pdbx_struct_special_symmetry.id 
_pdbx_struct_special_symmetry.PDB_model_num 
_pdbx_struct_special_symmetry.auth_asym_id 
_pdbx_struct_special_symmetry.auth_comp_id 
_pdbx_struct_special_symmetry.auth_seq_id 
_pdbx_struct_special_symmetry.PDB_ins_code 
_pdbx_struct_special_symmetry.label_asym_id 
_pdbx_struct_special_symmetry.label_comp_id 
_pdbx_struct_special_symmetry.label_seq_id 
1 1 A HOH 1458 ? D HOH . 
2 1 A HOH 1550 ? D HOH . 
# 
loop_
_space_group_symop.id 
_space_group_symop.operation_xyz 
1 x,y,z           
2 -x,y,-z         
3 x+1/2,y+1/2,z   
4 -x+1/2,y+1/2,-z 
# 
_pdbx_entry_details.entry_id                 6SQE 
_pdbx_entry_details.has_ligand_of_interest   Y 
_pdbx_entry_details.compound_details         ? 
_pdbx_entry_details.source_details           ? 
_pdbx_entry_details.nonpolymer_details       ? 
_pdbx_entry_details.sequence_details         ? 
# 
loop_
_pdbx_distant_solvent_atoms.id 
_pdbx_distant_solvent_atoms.PDB_model_num 
_pdbx_distant_solvent_atoms.auth_atom_id 
_pdbx_distant_solvent_atoms.label_alt_id 
_pdbx_distant_solvent_atoms.auth_asym_id 
_pdbx_distant_solvent_atoms.auth_comp_id 
_pdbx_distant_solvent_atoms.auth_seq_id 
_pdbx_distant_solvent_atoms.PDB_ins_code 
_pdbx_distant_solvent_atoms.neighbor_macromolecule_distance 
_pdbx_distant_solvent_atoms.neighbor_ligand_distance 
1 1 O ? A HOH 1548 ? 6.30 . 
2 1 O ? A HOH 1549 ? 7.69 . 
3 1 O ? A HOH 1550 ? 7.83 . 
# 
loop_
_pdbx_unobs_or_zero_occ_residues.id 
_pdbx_unobs_or_zero_occ_residues.PDB_model_num 
_pdbx_unobs_or_zero_occ_residues.polymer_flag 
_pdbx_unobs_or_zero_occ_residues.occupancy_flag 
_pdbx_unobs_or_zero_occ_residues.auth_asym_id 
_pdbx_unobs_or_zero_occ_residues.auth_comp_id 
_pdbx_unobs_or_zero_occ_residues.auth_seq_id 
_pdbx_unobs_or_zero_occ_residues.PDB_ins_code 
_pdbx_unobs_or_zero_occ_residues.label_asym_id 
_pdbx_unobs_or_zero_occ_residues.label_comp_id 
_pdbx_unobs_or_zero_occ_residues.label_seq_id 
1 1 Y 1 A SER 1079 ? A SER 1 
2 1 Y 1 A MET 1080 ? A MET 2 
3 1 Y 1 A ARG 1081 ? A ARG 3 
# 
loop_
_chem_comp_atom.comp_id 
_chem_comp_atom.atom_id 
_chem_comp_atom.type_symbol 
_chem_comp_atom.pdbx_aromatic_flag 
_chem_comp_atom.pdbx_stereo_config 
_chem_comp_atom.pdbx_ordinal 
ALA N    N N N 1   
ALA CA   C N S 2   
ALA C    C N N 3   
ALA O    O N N 4   
ALA CB   C N N 5   
ALA OXT  O N N 6   
ALA H    H N N 7   
ALA H2   H N N 8   
ALA HA   H N N 9   
ALA HB1  H N N 10  
ALA HB2  H N N 11  
ALA HB3  H N N 12  
ALA HXT  H N N 13  
ARG N    N N N 14  
ARG CA   C N S 15  
ARG C    C N N 16  
ARG O    O N N 17  
ARG CB   C N N 18  
ARG CG   C N N 19  
ARG CD   C N N 20  
ARG NE   N N N 21  
ARG CZ   C N N 22  
ARG NH1  N N N 23  
ARG NH2  N N N 24  
ARG OXT  O N N 25  
ARG H    H N N 26  
ARG H2   H N N 27  
ARG HA   H N N 28  
ARG HB2  H N N 29  
ARG HB3  H N N 30  
ARG HG2  H N N 31  
ARG HG3  H N N 32  
ARG HD2  H N N 33  
ARG HD3  H N N 34  
ARG HE   H N N 35  
ARG HH11 H N N 36  
ARG HH12 H N N 37  
ARG HH21 H N N 38  
ARG HH22 H N N 39  
ARG HXT  H N N 40  
ASN N    N N N 41  
ASN CA   C N S 42  
ASN C    C N N 43  
ASN O    O N N 44  
ASN CB   C N N 45  
ASN CG   C N N 46  
ASN OD1  O N N 47  
ASN ND2  N N N 48  
ASN OXT  O N N 49  
ASN H    H N N 50  
ASN H2   H N N 51  
ASN HA   H N N 52  
ASN HB2  H N N 53  
ASN HB3  H N N 54  
ASN HD21 H N N 55  
ASN HD22 H N N 56  
ASN HXT  H N N 57  
ASP N    N N N 58  
ASP CA   C N S 59  
ASP C    C N N 60  
ASP O    O N N 61  
ASP CB   C N N 62  
ASP CG   C N N 63  
ASP OD1  O N N 64  
ASP OD2  O N N 65  
ASP OXT  O N N 66  
ASP H    H N N 67  
ASP H2   H N N 68  
ASP HA   H N N 69  
ASP HB2  H N N 70  
ASP HB3  H N N 71  
ASP HD2  H N N 72  
ASP HXT  H N N 73  
CYS N    N N N 74  
CYS CA   C N R 75  
CYS C    C N N 76  
CYS O    O N N 77  
CYS CB   C N N 78  
CYS SG   S N N 79  
CYS OXT  O N N 80  
CYS H    H N N 81  
CYS H2   H N N 82  
CYS HA   H N N 83  
CYS HB2  H N N 84  
CYS HB3  H N N 85  
CYS HG   H N N 86  
CYS HXT  H N N 87  
EDO C1   C N N 88  
EDO O1   O N N 89  
EDO C2   C N N 90  
EDO O2   O N N 91  
EDO H11  H N N 92  
EDO H12  H N N 93  
EDO HO1  H N N 94  
EDO H21  H N N 95  
EDO H22  H N N 96  
EDO HO2  H N N 97  
GLN N    N N N 98  
GLN CA   C N S 99  
GLN C    C N N 100 
GLN O    O N N 101 
GLN CB   C N N 102 
GLN CG   C N N 103 
GLN CD   C N N 104 
GLN OE1  O N N 105 
GLN NE2  N N N 106 
GLN OXT  O N N 107 
GLN H    H N N 108 
GLN H2   H N N 109 
GLN HA   H N N 110 
GLN HB2  H N N 111 
GLN HB3  H N N 112 
GLN HG2  H N N 113 
GLN HG3  H N N 114 
GLN HE21 H N N 115 
GLN HE22 H N N 116 
GLN HXT  H N N 117 
GLU N    N N N 118 
GLU CA   C N S 119 
GLU C    C N N 120 
GLU O    O N N 121 
GLU CB   C N N 122 
GLU CG   C N N 123 
GLU CD   C N N 124 
GLU OE1  O N N 125 
GLU OE2  O N N 126 
GLU OXT  O N N 127 
GLU H    H N N 128 
GLU H2   H N N 129 
GLU HA   H N N 130 
GLU HB2  H N N 131 
GLU HB3  H N N 132 
GLU HG2  H N N 133 
GLU HG3  H N N 134 
GLU HE2  H N N 135 
GLU HXT  H N N 136 
GLY N    N N N 137 
GLY CA   C N N 138 
GLY C    C N N 139 
GLY O    O N N 140 
GLY OXT  O N N 141 
GLY H    H N N 142 
GLY H2   H N N 143 
GLY HA2  H N N 144 
GLY HA3  H N N 145 
GLY HXT  H N N 146 
HOH O    O N N 147 
HOH H1   H N N 148 
HOH H2   H N N 149 
ILE N    N N N 150 
ILE CA   C N S 151 
ILE C    C N N 152 
ILE O    O N N 153 
ILE CB   C N S 154 
ILE CG1  C N N 155 
ILE CG2  C N N 156 
ILE CD1  C N N 157 
ILE OXT  O N N 158 
ILE H    H N N 159 
ILE H2   H N N 160 
ILE HA   H N N 161 
ILE HB   H N N 162 
ILE HG12 H N N 163 
ILE HG13 H N N 164 
ILE HG21 H N N 165 
ILE HG22 H N N 166 
ILE HG23 H N N 167 
ILE HD11 H N N 168 
ILE HD12 H N N 169 
ILE HD13 H N N 170 
ILE HXT  H N N 171 
LEU N    N N N 172 
LEU CA   C N S 173 
LEU C    C N N 174 
LEU O    O N N 175 
LEU CB   C N N 176 
LEU CG   C N N 177 
LEU CD1  C N N 178 
LEU CD2  C N N 179 
LEU OXT  O N N 180 
LEU H    H N N 181 
LEU H2   H N N 182 
LEU HA   H N N 183 
LEU HB2  H N N 184 
LEU HB3  H N N 185 
LEU HG   H N N 186 
LEU HD11 H N N 187 
LEU HD12 H N N 188 
LEU HD13 H N N 189 
LEU HD21 H N N 190 
LEU HD22 H N N 191 
LEU HD23 H N N 192 
LEU HXT  H N N 193 
LSZ C10  C Y N 194 
LSZ N12  N N N 195 
LSZ C13  C Y N 196 
LSZ C15  C Y N 197 
LSZ C20  C Y N 198 
LSZ C21  C N N 199 
LSZ C22  C N N 200 
LSZ C24  C Y N 201 
LSZ C26  C Y N 202 
LSZ C28  C N N 203 
LSZ C01  C N N 204 
LSZ C03  C N N 205 
LSZ C04  C N N 206 
LSZ C06  C N N 207 
LSZ C07  C Y N 208 
LSZ C08  C Y N 209 
LSZ C09  C Y N 210 
LSZ C11  C N N 211 
LSZ C14  C Y N 212 
LSZ C16  C N N 213 
LSZ C18  C Y N 214 
LSZ C19  C Y N 215 
LSZ C25  C Y N 216 
LSZ C29  C N N 217 
LSZ C31  C Y N 218 
LSZ C32  C Y N 219 
LSZ C33  C Y N 220 
LSZ C36  C N N 221 
LSZ C37  C Y N 222 
LSZ C38  C Y N 223 
LSZ C39  C Y N 224 
LSZ C42  C N N 225 
LSZ C43  C N N 226 
LSZ N02  N N N 227 
LSZ N05  N N N 228 
LSZ N17  N N N 229 
LSZ N34  N Y N 230 
LSZ N35  N Y N 231 
LSZ O23  O N N 232 
LSZ O27  O N N 233 
LSZ O30  O N N 234 
LSZ O40  O N N 235 
LSZ O41  O Y N 236 
LSZ H1   H N N 237 
LSZ H2   H N N 238 
LSZ H3   H N N 239 
LSZ H4   H N N 240 
LSZ H5   H N N 241 
LSZ H6   H N N 242 
LSZ H7   H N N 243 
LSZ H8   H N N 244 
LSZ H9   H N N 245 
LSZ H10  H N N 246 
LSZ H11  H N N 247 
LSZ H12  H N N 248 
LSZ H13  H N N 249 
LSZ H14  H N N 250 
LSZ H15  H N N 251 
LSZ H16  H N N 252 
LSZ H17  H N N 253 
LSZ H18  H N N 254 
LSZ H19  H N N 255 
LSZ H20  H N N 256 
LSZ H21  H N N 257 
LSZ H22  H N N 258 
LSZ H23  H N N 259 
LSZ H24  H N N 260 
LSZ H25  H N N 261 
LSZ H26  H N N 262 
LSZ H27  H N N 263 
LSZ H28  H N N 264 
LSZ H29  H N N 265 
LSZ H30  H N N 266 
LSZ H31  H N N 267 
LSZ H32  H N N 268 
LSZ H33  H N N 269 
LSZ H34  H N N 270 
LSZ H35  H N N 271 
LSZ H38  H N N 272 
LYS N    N N N 273 
LYS CA   C N S 274 
LYS C    C N N 275 
LYS O    O N N 276 
LYS CB   C N N 277 
LYS CG   C N N 278 
LYS CD   C N N 279 
LYS CE   C N N 280 
LYS NZ   N N N 281 
LYS OXT  O N N 282 
LYS H    H N N 283 
LYS H2   H N N 284 
LYS HA   H N N 285 
LYS HB2  H N N 286 
LYS HB3  H N N 287 
LYS HG2  H N N 288 
LYS HG3  H N N 289 
LYS HD2  H N N 290 
LYS HD3  H N N 291 
LYS HE2  H N N 292 
LYS HE3  H N N 293 
LYS HZ1  H N N 294 
LYS HZ2  H N N 295 
LYS HZ3  H N N 296 
LYS HXT  H N N 297 
MET N    N N N 298 
MET CA   C N S 299 
MET C    C N N 300 
MET O    O N N 301 
MET CB   C N N 302 
MET CG   C N N 303 
MET SD   S N N 304 
MET CE   C N N 305 
MET OXT  O N N 306 
MET H    H N N 307 
MET H2   H N N 308 
MET HA   H N N 309 
MET HB2  H N N 310 
MET HB3  H N N 311 
MET HG2  H N N 312 
MET HG3  H N N 313 
MET HE1  H N N 314 
MET HE2  H N N 315 
MET HE3  H N N 316 
MET HXT  H N N 317 
PHE N    N N N 318 
PHE CA   C N S 319 
PHE C    C N N 320 
PHE O    O N N 321 
PHE CB   C N N 322 
PHE CG   C Y N 323 
PHE CD1  C Y N 324 
PHE CD2  C Y N 325 
PHE CE1  C Y N 326 
PHE CE2  C Y N 327 
PHE CZ   C Y N 328 
PHE OXT  O N N 329 
PHE H    H N N 330 
PHE H2   H N N 331 
PHE HA   H N N 332 
PHE HB2  H N N 333 
PHE HB3  H N N 334 
PHE HD1  H N N 335 
PHE HD2  H N N 336 
PHE HE1  H N N 337 
PHE HE2  H N N 338 
PHE HZ   H N N 339 
PHE HXT  H N N 340 
PRO N    N N N 341 
PRO CA   C N S 342 
PRO C    C N N 343 
PRO O    O N N 344 
PRO CB   C N N 345 
PRO CG   C N N 346 
PRO CD   C N N 347 
PRO OXT  O N N 348 
PRO H    H N N 349 
PRO HA   H N N 350 
PRO HB2  H N N 351 
PRO HB3  H N N 352 
PRO HG2  H N N 353 
PRO HG3  H N N 354 
PRO HD2  H N N 355 
PRO HD3  H N N 356 
PRO HXT  H N N 357 
SER N    N N N 358 
SER CA   C N S 359 
SER C    C N N 360 
SER O    O N N 361 
SER CB   C N N 362 
SER OG   O N N 363 
SER OXT  O N N 364 
SER H    H N N 365 
SER H2   H N N 366 
SER HA   H N N 367 
SER HB2  H N N 368 
SER HB3  H N N 369 
SER HG   H N N 370 
SER HXT  H N N 371 
THR N    N N N 372 
THR CA   C N S 373 
THR C    C N N 374 
THR O    O N N 375 
THR CB   C N R 376 
THR OG1  O N N 377 
THR CG2  C N N 378 
THR OXT  O N N 379 
THR H    H N N 380 
THR H2   H N N 381 
THR HA   H N N 382 
THR HB   H N N 383 
THR HG1  H N N 384 
THR HG21 H N N 385 
THR HG22 H N N 386 
THR HG23 H N N 387 
THR HXT  H N N 388 
TRP N    N N N 389 
TRP CA   C N S 390 
TRP C    C N N 391 
TRP O    O N N 392 
TRP CB   C N N 393 
TRP CG   C Y N 394 
TRP CD1  C Y N 395 
TRP CD2  C Y N 396 
TRP NE1  N Y N 397 
TRP CE2  C Y N 398 
TRP CE3  C Y N 399 
TRP CZ2  C Y N 400 
TRP CZ3  C Y N 401 
TRP CH2  C Y N 402 
TRP OXT  O N N 403 
TRP H    H N N 404 
TRP H2   H N N 405 
TRP HA   H N N 406 
TRP HB2  H N N 407 
TRP HB3  H N N 408 
TRP HD1  H N N 409 
TRP HE1  H N N 410 
TRP HE3  H N N 411 
TRP HZ2  H N N 412 
TRP HZ3  H N N 413 
TRP HH2  H N N 414 
TRP HXT  H N N 415 
TYR N    N N N 416 
TYR CA   C N S 417 
TYR C    C N N 418 
TYR O    O N N 419 
TYR CB   C N N 420 
TYR CG   C Y N 421 
TYR CD1  C Y N 422 
TYR CD2  C Y N 423 
TYR CE1  C Y N 424 
TYR CE2  C Y N 425 
TYR CZ   C Y N 426 
TYR OH   O N N 427 
TYR OXT  O N N 428 
TYR H    H N N 429 
TYR H2   H N N 430 
TYR HA   H N N 431 
TYR HB2  H N N 432 
TYR HB3  H N N 433 
TYR HD1  H N N 434 
TYR HD2  H N N 435 
TYR HE1  H N N 436 
TYR HE2  H N N 437 
TYR HH   H N N 438 
TYR HXT  H N N 439 
VAL N    N N N 440 
VAL CA   C N S 441 
VAL C    C N N 442 
VAL O    O N N 443 
VAL CB   C N N 444 
VAL CG1  C N N 445 
VAL CG2  C N N 446 
VAL OXT  O N N 447 
VAL H    H N N 448 
VAL H2   H N N 449 
VAL HA   H N N 450 
VAL HB   H N N 451 
VAL HG11 H N N 452 
VAL HG12 H N N 453 
VAL HG13 H N N 454 
VAL HG21 H N N 455 
VAL HG22 H N N 456 
VAL HG23 H N N 457 
VAL HXT  H N N 458 
# 
loop_
_chem_comp_bond.comp_id 
_chem_comp_bond.atom_id_1 
_chem_comp_bond.atom_id_2 
_chem_comp_bond.value_order 
_chem_comp_bond.pdbx_aromatic_flag 
_chem_comp_bond.pdbx_stereo_config 
_chem_comp_bond.pdbx_ordinal 
ALA N   CA   sing N N 1   
ALA N   H    sing N N 2   
ALA N   H2   sing N N 3   
ALA CA  C    sing N N 4   
ALA CA  CB   sing N N 5   
ALA CA  HA   sing N N 6   
ALA C   O    doub N N 7   
ALA C   OXT  sing N N 8   
ALA CB  HB1  sing N N 9   
ALA CB  HB2  sing N N 10  
ALA CB  HB3  sing N N 11  
ALA OXT HXT  sing N N 12  
ARG N   CA   sing N N 13  
ARG N   H    sing N N 14  
ARG N   H2   sing N N 15  
ARG CA  C    sing N N 16  
ARG CA  CB   sing N N 17  
ARG CA  HA   sing N N 18  
ARG C   O    doub N N 19  
ARG C   OXT  sing N N 20  
ARG CB  CG   sing N N 21  
ARG CB  HB2  sing N N 22  
ARG CB  HB3  sing N N 23  
ARG CG  CD   sing N N 24  
ARG CG  HG2  sing N N 25  
ARG CG  HG3  sing N N 26  
ARG CD  NE   sing N N 27  
ARG CD  HD2  sing N N 28  
ARG CD  HD3  sing N N 29  
ARG NE  CZ   sing N N 30  
ARG NE  HE   sing N N 31  
ARG CZ  NH1  sing N N 32  
ARG CZ  NH2  doub N N 33  
ARG NH1 HH11 sing N N 34  
ARG NH1 HH12 sing N N 35  
ARG NH2 HH21 sing N N 36  
ARG NH2 HH22 sing N N 37  
ARG OXT HXT  sing N N 38  
ASN N   CA   sing N N 39  
ASN N   H    sing N N 40  
ASN N   H2   sing N N 41  
ASN CA  C    sing N N 42  
ASN CA  CB   sing N N 43  
ASN CA  HA   sing N N 44  
ASN C   O    doub N N 45  
ASN C   OXT  sing N N 46  
ASN CB  CG   sing N N 47  
ASN CB  HB2  sing N N 48  
ASN CB  HB3  sing N N 49  
ASN CG  OD1  doub N N 50  
ASN CG  ND2  sing N N 51  
ASN ND2 HD21 sing N N 52  
ASN ND2 HD22 sing N N 53  
ASN OXT HXT  sing N N 54  
ASP N   CA   sing N N 55  
ASP N   H    sing N N 56  
ASP N   H2   sing N N 57  
ASP CA  C    sing N N 58  
ASP CA  CB   sing N N 59  
ASP CA  HA   sing N N 60  
ASP C   O    doub N N 61  
ASP C   OXT  sing N N 62  
ASP CB  CG   sing N N 63  
ASP CB  HB2  sing N N 64  
ASP CB  HB3  sing N N 65  
ASP CG  OD1  doub N N 66  
ASP CG  OD2  sing N N 67  
ASP OD2 HD2  sing N N 68  
ASP OXT HXT  sing N N 69  
CYS N   CA   sing N N 70  
CYS N   H    sing N N 71  
CYS N   H2   sing N N 72  
CYS CA  C    sing N N 73  
CYS CA  CB   sing N N 74  
CYS CA  HA   sing N N 75  
CYS C   O    doub N N 76  
CYS C   OXT  sing N N 77  
CYS CB  SG   sing N N 78  
CYS CB  HB2  sing N N 79  
CYS CB  HB3  sing N N 80  
CYS SG  HG   sing N N 81  
CYS OXT HXT  sing N N 82  
EDO C1  O1   sing N N 83  
EDO C1  C2   sing N N 84  
EDO C1  H11  sing N N 85  
EDO C1  H12  sing N N 86  
EDO O1  HO1  sing N N 87  
EDO C2  O2   sing N N 88  
EDO C2  H21  sing N N 89  
EDO C2  H22  sing N N 90  
EDO O2  HO2  sing N N 91  
GLN N   CA   sing N N 92  
GLN N   H    sing N N 93  
GLN N   H2   sing N N 94  
GLN CA  C    sing N N 95  
GLN CA  CB   sing N N 96  
GLN CA  HA   sing N N 97  
GLN C   O    doub N N 98  
GLN C   OXT  sing N N 99  
GLN CB  CG   sing N N 100 
GLN CB  HB2  sing N N 101 
GLN CB  HB3  sing N N 102 
GLN CG  CD   sing N N 103 
GLN CG  HG2  sing N N 104 
GLN CG  HG3  sing N N 105 
GLN CD  OE1  doub N N 106 
GLN CD  NE2  sing N N 107 
GLN NE2 HE21 sing N N 108 
GLN NE2 HE22 sing N N 109 
GLN OXT HXT  sing N N 110 
GLU N   CA   sing N N 111 
GLU N   H    sing N N 112 
GLU N   H2   sing N N 113 
GLU CA  C    sing N N 114 
GLU CA  CB   sing N N 115 
GLU CA  HA   sing N N 116 
GLU C   O    doub N N 117 
GLU C   OXT  sing N N 118 
GLU CB  CG   sing N N 119 
GLU CB  HB2  sing N N 120 
GLU CB  HB3  sing N N 121 
GLU CG  CD   sing N N 122 
GLU CG  HG2  sing N N 123 
GLU CG  HG3  sing N N 124 
GLU CD  OE1  doub N N 125 
GLU CD  OE2  sing N N 126 
GLU OE2 HE2  sing N N 127 
GLU OXT HXT  sing N N 128 
GLY N   CA   sing N N 129 
GLY N   H    sing N N 130 
GLY N   H2   sing N N 131 
GLY CA  C    sing N N 132 
GLY CA  HA2  sing N N 133 
GLY CA  HA3  sing N N 134 
GLY C   O    doub N N 135 
GLY C   OXT  sing N N 136 
GLY OXT HXT  sing N N 137 
HOH O   H1   sing N N 138 
HOH O   H2   sing N N 139 
ILE N   CA   sing N N 140 
ILE N   H    sing N N 141 
ILE N   H2   sing N N 142 
ILE CA  C    sing N N 143 
ILE CA  CB   sing N N 144 
ILE CA  HA   sing N N 145 
ILE C   O    doub N N 146 
ILE C   OXT  sing N N 147 
ILE CB  CG1  sing N N 148 
ILE CB  CG2  sing N N 149 
ILE CB  HB   sing N N 150 
ILE CG1 CD1  sing N N 151 
ILE CG1 HG12 sing N N 152 
ILE CG1 HG13 sing N N 153 
ILE CG2 HG21 sing N N 154 
ILE CG2 HG22 sing N N 155 
ILE CG2 HG23 sing N N 156 
ILE CD1 HD11 sing N N 157 
ILE CD1 HD12 sing N N 158 
ILE CD1 HD13 sing N N 159 
ILE OXT HXT  sing N N 160 
LEU N   CA   sing N N 161 
LEU N   H    sing N N 162 
LEU N   H2   sing N N 163 
LEU CA  C    sing N N 164 
LEU CA  CB   sing N N 165 
LEU CA  HA   sing N N 166 
LEU C   O    doub N N 167 
LEU C   OXT  sing N N 168 
LEU CB  CG   sing N N 169 
LEU CB  HB2  sing N N 170 
LEU CB  HB3  sing N N 171 
LEU CG  CD1  sing N N 172 
LEU CG  CD2  sing N N 173 
LEU CG  HG   sing N N 174 
LEU CD1 HD11 sing N N 175 
LEU CD1 HD12 sing N N 176 
LEU CD1 HD13 sing N N 177 
LEU CD2 HD21 sing N N 178 
LEU CD2 HD22 sing N N 179 
LEU CD2 HD23 sing N N 180 
LEU OXT HXT  sing N N 181 
LSZ C29 C28  sing N N 182 
LSZ C28 O27  sing N N 183 
LSZ C25 C24  doub Y N 184 
LSZ C25 C26  sing Y N 185 
LSZ O27 C26  sing N N 186 
LSZ C24 C20  sing Y N 187 
LSZ C26 C18  doub Y N 188 
LSZ O23 C21  doub N N 189 
LSZ C20 C21  sing N N 190 
LSZ C20 C19  doub Y N 191 
LSZ C18 C19  sing Y N 192 
LSZ C18 N17  sing N N 193 
LSZ C21 C22  sing N N 194 
LSZ O30 C16  doub N N 195 
LSZ N17 C16  sing N N 196 
LSZ C16 C15  sing N N 197 
LSZ C15 C31  doub Y N 198 
LSZ C15 C14  sing Y N 199 
LSZ C31 C32  sing Y N 200 
LSZ C14 C13  doub Y N 201 
LSZ C38 C33  sing Y N 202 
LSZ C38 C37  doub Y N 203 
LSZ C32 C33  sing N N 204 
LSZ C32 C39  doub Y N 205 
LSZ C33 N34  doub Y N 206 
LSZ C13 C39  sing Y N 207 
LSZ C13 N12  sing N N 208 
LSZ C37 N35  sing Y N 209 
LSZ O40 C11  doub N N 210 
LSZ N12 C11  sing N N 211 
LSZ C11 C10  sing N N 212 
LSZ N34 N35  sing Y N 213 
LSZ N35 C36  sing N N 214 
LSZ C10 O41  sing Y N 215 
LSZ C10 C09  doub Y N 216 
LSZ O41 C07  sing Y N 217 
LSZ C09 C08  sing Y N 218 
LSZ C07 C06  sing N N 219 
LSZ C07 C08  doub Y N 220 
LSZ C06 N05  sing N N 221 
LSZ C42 N05  sing N N 222 
LSZ C42 C43  sing N N 223 
LSZ N05 C04  sing N N 224 
LSZ C43 N02  sing N N 225 
LSZ C04 C03  sing N N 226 
LSZ N02 C03  sing N N 227 
LSZ N02 C01  sing N N 228 
LSZ N12 H1   sing N N 229 
LSZ C22 H2   sing N N 230 
LSZ C22 H3   sing N N 231 
LSZ C22 H4   sing N N 232 
LSZ C24 H5   sing N N 233 
LSZ C28 H6   sing N N 234 
LSZ C28 H7   sing N N 235 
LSZ C01 H8   sing N N 236 
LSZ C01 H9   sing N N 237 
LSZ C01 H10  sing N N 238 
LSZ C03 H11  sing N N 239 
LSZ C03 H12  sing N N 240 
LSZ C04 H13  sing N N 241 
LSZ C04 H14  sing N N 242 
LSZ C06 H15  sing N N 243 
LSZ C06 H16  sing N N 244 
LSZ C08 H17  sing N N 245 
LSZ C09 H18  sing N N 246 
LSZ C14 H19  sing N N 247 
LSZ C19 H20  sing N N 248 
LSZ C25 H21  sing N N 249 
LSZ C29 H22  sing N N 250 
LSZ C29 H23  sing N N 251 
LSZ C29 H24  sing N N 252 
LSZ C31 H25  sing N N 253 
LSZ C36 H26  sing N N 254 
LSZ C36 H27  sing N N 255 
LSZ C36 H28  sing N N 256 
LSZ C37 H29  sing N N 257 
LSZ C38 H30  sing N N 258 
LSZ C39 H31  sing N N 259 
LSZ C42 H32  sing N N 260 
LSZ C42 H33  sing N N 261 
LSZ C43 H34  sing N N 262 
LSZ C43 H35  sing N N 263 
LSZ N17 H38  sing N N 264 
LYS N   CA   sing N N 265 
LYS N   H    sing N N 266 
LYS N   H2   sing N N 267 
LYS CA  C    sing N N 268 
LYS CA  CB   sing N N 269 
LYS CA  HA   sing N N 270 
LYS C   O    doub N N 271 
LYS C   OXT  sing N N 272 
LYS CB  CG   sing N N 273 
LYS CB  HB2  sing N N 274 
LYS CB  HB3  sing N N 275 
LYS CG  CD   sing N N 276 
LYS CG  HG2  sing N N 277 
LYS CG  HG3  sing N N 278 
LYS CD  CE   sing N N 279 
LYS CD  HD2  sing N N 280 
LYS CD  HD3  sing N N 281 
LYS CE  NZ   sing N N 282 
LYS CE  HE2  sing N N 283 
LYS CE  HE3  sing N N 284 
LYS NZ  HZ1  sing N N 285 
LYS NZ  HZ2  sing N N 286 
LYS NZ  HZ3  sing N N 287 
LYS OXT HXT  sing N N 288 
MET N   CA   sing N N 289 
MET N   H    sing N N 290 
MET N   H2   sing N N 291 
MET CA  C    sing N N 292 
MET CA  CB   sing N N 293 
MET CA  HA   sing N N 294 
MET C   O    doub N N 295 
MET C   OXT  sing N N 296 
MET CB  CG   sing N N 297 
MET CB  HB2  sing N N 298 
MET CB  HB3  sing N N 299 
MET CG  SD   sing N N 300 
MET CG  HG2  sing N N 301 
MET CG  HG3  sing N N 302 
MET SD  CE   sing N N 303 
MET CE  HE1  sing N N 304 
MET CE  HE2  sing N N 305 
MET CE  HE3  sing N N 306 
MET OXT HXT  sing N N 307 
PHE N   CA   sing N N 308 
PHE N   H    sing N N 309 
PHE N   H2   sing N N 310 
PHE CA  C    sing N N 311 
PHE CA  CB   sing N N 312 
PHE CA  HA   sing N N 313 
PHE C   O    doub N N 314 
PHE C   OXT  sing N N 315 
PHE CB  CG   sing N N 316 
PHE CB  HB2  sing N N 317 
PHE CB  HB3  sing N N 318 
PHE CG  CD1  doub Y N 319 
PHE CG  CD2  sing Y N 320 
PHE CD1 CE1  sing Y N 321 
PHE CD1 HD1  sing N N 322 
PHE CD2 CE2  doub Y N 323 
PHE CD2 HD2  sing N N 324 
PHE CE1 CZ   doub Y N 325 
PHE CE1 HE1  sing N N 326 
PHE CE2 CZ   sing Y N 327 
PHE CE2 HE2  sing N N 328 
PHE CZ  HZ   sing N N 329 
PHE OXT HXT  sing N N 330 
PRO N   CA   sing N N 331 
PRO N   CD   sing N N 332 
PRO N   H    sing N N 333 
PRO CA  C    sing N N 334 
PRO CA  CB   sing N N 335 
PRO CA  HA   sing N N 336 
PRO C   O    doub N N 337 
PRO C   OXT  sing N N 338 
PRO CB  CG   sing N N 339 
PRO CB  HB2  sing N N 340 
PRO CB  HB3  sing N N 341 
PRO CG  CD   sing N N 342 
PRO CG  HG2  sing N N 343 
PRO CG  HG3  sing N N 344 
PRO CD  HD2  sing N N 345 
PRO CD  HD3  sing N N 346 
PRO OXT HXT  sing N N 347 
SER N   CA   sing N N 348 
SER N   H    sing N N 349 
SER N   H2   sing N N 350 
SER CA  C    sing N N 351 
SER CA  CB   sing N N 352 
SER CA  HA   sing N N 353 
SER C   O    doub N N 354 
SER C   OXT  sing N N 355 
SER CB  OG   sing N N 356 
SER CB  HB2  sing N N 357 
SER CB  HB3  sing N N 358 
SER OG  HG   sing N N 359 
SER OXT HXT  sing N N 360 
THR N   CA   sing N N 361 
THR N   H    sing N N 362 
THR N   H2   sing N N 363 
THR CA  C    sing N N 364 
THR CA  CB   sing N N 365 
THR CA  HA   sing N N 366 
THR C   O    doub N N 367 
THR C   OXT  sing N N 368 
THR CB  OG1  sing N N 369 
THR CB  CG2  sing N N 370 
THR CB  HB   sing N N 371 
THR OG1 HG1  sing N N 372 
THR CG2 HG21 sing N N 373 
THR CG2 HG22 sing N N 374 
THR CG2 HG23 sing N N 375 
THR OXT HXT  sing N N 376 
TRP N   CA   sing N N 377 
TRP N   H    sing N N 378 
TRP N   H2   sing N N 379 
TRP CA  C    sing N N 380 
TRP CA  CB   sing N N 381 
TRP CA  HA   sing N N 382 
TRP C   O    doub N N 383 
TRP C   OXT  sing N N 384 
TRP CB  CG   sing N N 385 
TRP CB  HB2  sing N N 386 
TRP CB  HB3  sing N N 387 
TRP CG  CD1  doub Y N 388 
TRP CG  CD2  sing Y N 389 
TRP CD1 NE1  sing Y N 390 
TRP CD1 HD1  sing N N 391 
TRP CD2 CE2  doub Y N 392 
TRP CD2 CE3  sing Y N 393 
TRP NE1 CE2  sing Y N 394 
TRP NE1 HE1  sing N N 395 
TRP CE2 CZ2  sing Y N 396 
TRP CE3 CZ3  doub Y N 397 
TRP CE3 HE3  sing N N 398 
TRP CZ2 CH2  doub Y N 399 
TRP CZ2 HZ2  sing N N 400 
TRP CZ3 CH2  sing Y N 401 
TRP CZ3 HZ3  sing N N 402 
TRP CH2 HH2  sing N N 403 
TRP OXT HXT  sing N N 404 
TYR N   CA   sing N N 405 
TYR N   H    sing N N 406 
TYR N   H2   sing N N 407 
TYR CA  C    sing N N 408 
TYR CA  CB   sing N N 409 
TYR CA  HA   sing N N 410 
TYR C   O    doub N N 411 
TYR C   OXT  sing N N 412 
TYR CB  CG   sing N N 413 
TYR CB  HB2  sing N N 414 
TYR CB  HB3  sing N N 415 
TYR CG  CD1  doub Y N 416 
TYR CG  CD2  sing Y N 417 
TYR CD1 CE1  sing Y N 418 
TYR CD1 HD1  sing N N 419 
TYR CD2 CE2  doub Y N 420 
TYR CD2 HD2  sing N N 421 
TYR CE1 CZ   doub Y N 422 
TYR CE1 HE1  sing N N 423 
TYR CE2 CZ   sing Y N 424 
TYR CE2 HE2  sing N N 425 
TYR CZ  OH   sing N N 426 
TYR OH  HH   sing N N 427 
TYR OXT HXT  sing N N 428 
VAL N   CA   sing N N 429 
VAL N   H    sing N N 430 
VAL N   H2   sing N N 431 
VAL CA  C    sing N N 432 
VAL CA  CB   sing N N 433 
VAL CA  HA   sing N N 434 
VAL C   O    doub N N 435 
VAL C   OXT  sing N N 436 
VAL CB  CG1  sing N N 437 
VAL CB  CG2  sing N N 438 
VAL CB  HB   sing N N 439 
VAL CG1 HG11 sing N N 440 
VAL CG1 HG12 sing N N 441 
VAL CG1 HG13 sing N N 442 
VAL CG2 HG21 sing N N 443 
VAL CG2 HG22 sing N N 444 
VAL CG2 HG23 sing N N 445 
VAL OXT HXT  sing N N 446 
# 
_pdbx_audit_support.funding_organization   'Swiss National Science Foundation' 
_pdbx_audit_support.country                Switzerland 
_pdbx_audit_support.grant_number           CRSII5_180345 
_pdbx_audit_support.ordinal                1 
# 
_pdbx_entity_instance_feature.ordinal        1 
_pdbx_entity_instance_feature.comp_id        LSZ 
_pdbx_entity_instance_feature.asym_id        ? 
_pdbx_entity_instance_feature.seq_num        ? 
_pdbx_entity_instance_feature.auth_comp_id   LSZ 
_pdbx_entity_instance_feature.auth_asym_id   ? 
_pdbx_entity_instance_feature.auth_seq_num   ? 
_pdbx_entity_instance_feature.feature_type   'SUBJECT OF INVESTIGATION' 
_pdbx_entity_instance_feature.details        ? 
# 
_pdbx_initial_refinement_model.id               1 
_pdbx_initial_refinement_model.entity_id_list   ? 
_pdbx_initial_refinement_model.type             'experimental model' 
_pdbx_initial_refinement_model.source_name      PDB 
_pdbx_initial_refinement_model.accession_code   5MME 
_pdbx_initial_refinement_model.details          ? 
# 
_space_group.crystal_system   monoclinic 
_space_group.name_H-M_alt     'C 1 2 1' 
_space_group.IT_number        5 
_space_group.name_Hall        'C 2y' 
_space_group.id               1 
# 
_atom_sites.entry_id                    6SQE 
_atom_sites.Cartn_transf_matrix[1][1]   ? 
_atom_sites.Cartn_transf_matrix[1][2]   ? 
_atom_sites.Cartn_transf_matrix[1][3]   ? 
_atom_sites.Cartn_transf_matrix[2][1]   ? 
_atom_sites.Cartn_transf_matrix[2][2]   ? 
_atom_sites.Cartn_transf_matrix[2][3]   ? 
_atom_sites.Cartn_transf_matrix[3][1]   ? 
_atom_sites.Cartn_transf_matrix[3][2]   ? 
_atom_sites.Cartn_transf_matrix[3][3]   ? 
_atom_sites.Cartn_transf_vector[1]      ? 
_atom_sites.Cartn_transf_vector[2]      ? 
_atom_sites.Cartn_transf_vector[3]      ? 
_atom_sites.fract_transf_matrix[1][1]   0.00134413 
_atom_sites.fract_transf_matrix[1][2]   0.01167093 
_atom_sites.fract_transf_matrix[1][3]   -0.00123925 
_atom_sites.fract_transf_matrix[2][1]   0.02309477 
_atom_sites.fract_transf_matrix[2][2]   -0.00109020 
_atom_sites.fract_transf_matrix[2][3]   0.01478196 
_atom_sites.fract_transf_matrix[3][1]   0.01311246 
_atom_sites.fract_transf_matrix[3][2]   0.00175137 
_atom_sites.fract_transf_matrix[3][3]   -0.02035724 
_atom_sites.fract_transf_vector[1]      0.145673 
_atom_sites.fract_transf_vector[2]      0.017116 
_atom_sites.fract_transf_vector[3]      0.115084 
_atom_sites.solution_primary            ? 
_atom_sites.solution_secondary          ? 
_atom_sites.solution_hydrogens          ? 
_atom_sites.special_details             ? 
# 
loop_
_atom_type.symbol 
C 
N 
O 
S 
# 
loop_
_atom_site.group_PDB 
_atom_site.id 
_atom_site.type_symbol 
_atom_site.label_atom_id 
_atom_site.label_alt_id 
_atom_site.label_comp_id 
_atom_site.label_asym_id 
_atom_site.label_entity_id 
_atom_site.label_seq_id 
_atom_site.pdbx_PDB_ins_code 
_atom_site.Cartn_x 
_atom_site.Cartn_y 
_atom_site.Cartn_z 
_atom_site.occupancy 
_atom_site.B_iso_or_equiv 
_atom_site.pdbx_formal_charge 
_atom_site.auth_seq_id 
_atom_site.auth_comp_id 
_atom_site.auth_asym_id 
_atom_site.auth_atom_id 
_atom_site.pdbx_PDB_model_num 
ATOM   1    N N   . LYS A 1 4   ? -11.75731 -2.51443  -22.36624 1.000 50.20000 ?  1082 LYS A N   1 
ATOM   2    C CA  . LYS A 1 4   ? -11.45957 -3.86626  -22.81789 1.000 42.01000 ?  1082 LYS A CA  1 
ATOM   3    C C   . LYS A 1 4   ? -9.97362  -4.03148  -23.13555 1.000 44.07000 ?  1082 LYS A C   1 
ATOM   4    O O   . LYS A 1 4   ? -9.57379  -4.99587  -23.78865 1.000 43.75000 ?  1082 LYS A O   1 
ATOM   5    C CB  . LYS A 1 4   ? -12.30368 -4.21837  -24.04424 1.000 48.06000 ?  1082 LYS A CB  1 
ATOM   6    N N   . LYS A 1 5   ? -9.15808  -3.08216  -22.68004 1.000 40.22000 ?  1083 LYS A N   1 
ATOM   7    C CA  . LYS A 1 5   ? -7.71297  -3.24749  -22.75569 1.000 34.18000 ?  1083 LYS A CA  1 
ATOM   8    C C   . LYS A 1 5   ? -7.27243  -4.29583  -21.74280 1.000 35.98000 ?  1083 LYS A C   1 
ATOM   9    O O   . LYS A 1 5   ? -7.69988  -4.27226  -20.58499 1.000 36.53000 ?  1083 LYS A O   1 
ATOM   10   C CB  . LYS A 1 5   ? -7.00519  -1.91843  -22.49552 1.000 38.50000 ?  1083 LYS A CB  1 
ATOM   11   C CG  . LYS A 1 5   ? -5.48478  -1.99756  -22.52837 1.000 38.78000 ?  1083 LYS A CG  1 
ATOM   12   C CD  . LYS A 1 5   ? -4.85560  -0.62572  -22.30561 1.000 37.96000 ?  1083 LYS A CD  1 
ATOM   13   N N   . ILE A 1 6   ? -6.43093  -5.22531  -22.18115 1.000 35.40000 ?  1084 ILE A N   1 
ATOM   14   C CA  . ILE A 1 6   ? -5.98134  -6.33316  -21.34645 1.000 38.87000 ?  1084 ILE A CA  1 
ATOM   15   C C   . ILE A 1 6   ? -4.56388  -6.04744  -20.87039 1.000 38.54000 ?  1084 ILE A C   1 
ATOM   16   O O   . ILE A 1 6   ? -3.69850  -5.65791  -21.66646 1.000 37.33000 ?  1084 ILE A O   1 
ATOM   17   C CB  . ILE A 1 6   ? -6.05481  -7.66868  -22.10616 1.000 40.20000 ?  1084 ILE A CB  1 
ATOM   18   C CG1 . ILE A 1 6   ? -7.46288  -7.87809  -22.66739 1.000 35.82000 ?  1084 ILE A CG1 1 
ATOM   19   C CG2 . ILE A 1 6   ? -5.65471  -8.82005  -21.19736 1.000 40.44000 ?  1084 ILE A CG2 1 
ATOM   20   C CD1 . ILE A 1 6   ? -8.54556  -7.92256  -21.60475 1.000 37.29000 ?  1084 ILE A CD1 1 
ATOM   21   N N   . PHE A 1 7   ? -4.33173  -6.22762  -19.57000 1.000 34.68000 ?  1085 PHE A N   1 
ATOM   22   C CA  . PHE A 1 7   ? -3.02035  -6.05658  -18.95151 1.000 38.75000 ?  1085 PHE A CA  1 
ATOM   23   C C   . PHE A 1 7   ? -2.52767  -7.42587  -18.49675 1.000 36.94000 ?  1085 PHE A C   1 
ATOM   24   O O   . PHE A 1 7   ? -3.06506  -7.99644  -17.53957 1.000 36.40000 ?  1085 PHE A O   1 
ATOM   25   C CB  . PHE A 1 7   ? -3.08504  -5.10169  -17.75897 1.000 29.06000 ?  1085 PHE A CB  1 
ATOM   26   C CG  . PHE A 1 7   ? -3.48575  -3.69163  -18.10567 1.000 25.10000 ?  1085 PHE A CG  1 
ATOM   27   C CD1 . PHE A 1 7   ? -2.53136  -2.74265  -18.42776 1.000 24.58000 ?  1085 PHE A CD1 1 
ATOM   28   C CD2 . PHE A 1 7   ? -4.81361  -3.30548  -18.05953 1.000 23.46000 ?  1085 PHE A CD2 1 
ATOM   29   C CE1 . PHE A 1 7   ? -2.89669  -1.43474  -18.72587 1.000 26.45000 ?  1085 PHE A CE1 1 
ATOM   30   C CE2 . PHE A 1 7   ? -5.18450  -2.00338  -18.36053 1.000 24.17000 ?  1085 PHE A CE2 1 
ATOM   31   C CZ  . PHE A 1 7   ? -4.22156  -1.06867  -18.69146 1.000 25.00000 ?  1085 PHE A CZ  1 
ATOM   32   N N   . LYS A 1 8   ? -1.50291  -7.94787  -19.16721 1.000 38.47000 ?  1086 LYS A N   1 
ATOM   33   C CA  . LYS A 1 8   ? -0.89576  -9.18889  -18.71475 1.000 36.74000 ?  1086 LYS A CA  1 
ATOM   34   C C   . LYS A 1 8   ? -0.18812  -8.96509  -17.37744 1.000 38.40000 ?  1086 LYS A C   1 
ATOM   35   O O   . LYS A 1 8   ? 0.25801   -7.85236  -17.07902 1.000 28.14000 ?  1086 LYS A O   1 
ATOM   36   C CB  . LYS A 1 8   ? 0.09011   -9.71899  -19.75204 1.000 43.20000 ?  1086 LYS A CB  1 
ATOM   37   N N   . PRO A 1 9   ? -0.09487  -10.00394 -16.53973 1.000 30.77000 ?  1087 PRO A N   1 
ATOM   38   C CA  . PRO A 1 9   ? 0.53643   -9.81812  -15.22147 1.000 32.21000 ?  1087 PRO A CA  1 
ATOM   39   C C   . PRO A 1 9   ? 1.95361   -9.28796  -15.30059 1.000 34.48000 ?  1087 PRO A C   1 
ATOM   40   O O   . PRO A 1 9   ? 2.33225   -8.44355  -14.47839 1.000 22.98000 ?  1087 PRO A O   1 
ATOM   41   C CB  . PRO A 1 9   ? 0.49360   -11.22534 -14.61044 1.000 31.43000 ?  1087 PRO A CB  1 
ATOM   42   C CG  . PRO A 1 9   ? -0.60292  -11.91656 -15.31895 1.000 35.90000 ?  1087 PRO A CG  1 
ATOM   43   C CD  . PRO A 1 9   ? -0.65083  -11.35691 -16.70654 1.000 26.67000 ?  1087 PRO A CD  1 
ATOM   44   N N   . GLU A 1 10  ? 2.75246   -9.75382  -16.26558 1.000 26.89000 ?  1088 GLU A N   1 
ATOM   45   C CA  . GLU A 1 10  ? 4.13467   -9.29818  -16.34382 1.000 24.70000 ?  1088 GLU A CA  1 
ATOM   46   C C   . GLU A 1 10  ? 4.20344   -7.80599  -16.63268 1.000 24.41000 ?  1088 GLU A C   1 
ATOM   47   O O   . GLU A 1 10  ? 5.02395   -7.09319  -16.04643 1.000 23.99000 ?  1088 GLU A O   1 
ATOM   48   C CB  . GLU A 1 10  ? 4.90329   -10.08033 -17.40559 1.000 31.24000 ?  1088 GLU A CB  1 
ATOM   49   C CG  . GLU A 1 10  ? 6.37643   -10.22940 -17.08014 1.000 37.85000 ?  1088 GLU A CG  1 
ATOM   50   N N   . GLU A 1 11  ? 3.34167   -7.31400  -17.52230 1.000 24.85000 ?  1089 GLU A N   1 
ATOM   51   C CA  . GLU A 1 11  ? 3.35116   -5.89105  -17.85173 1.000 29.56000 ?  1089 GLU A CA  1 
ATOM   52   C C   . GLU A 1 11  ? 2.94056   -5.04287  -16.65386 1.000 23.59000 ?  1089 GLU A C   1 
ATOM   53   O O   . GLU A 1 11  ? 3.56619   -4.01115  -16.37082 1.000 24.55000 ?  1089 GLU A O   1 
ATOM   54   C CB  . GLU A 1 11  ? 2.43393   -5.62123  -19.04424 1.000 35.25000 ?  1089 GLU A CB  1 
ATOM   55   N N   . LEU A 1 12  ? 1.88300   -5.45336  -15.94521 1.000 26.73000 ?  1090 LEU A N   1 
ATOM   56   C CA  . LEU A 1 12  ? 1.47353   -4.74249  -14.73695 1.000 24.45000 ?  1090 LEU A CA  1 
ATOM   57   C C   . LEU A 1 12  ? 2.59207   -4.72564  -13.70973 1.000 24.83000 ?  1090 LEU A C   1 
ATOM   58   O O   . LEU A 1 12  ? 2.91319   -3.67734  -13.13721 1.000 24.58000 ?  1090 LEU A O   1 
ATOM   59   C CB  . LEU A 1 12  ? 0.22377   -5.38776  -14.13891 1.000 26.95000 ?  1090 LEU A CB  1 
ATOM   60   C CG  . LEU A 1 12  ? -1.11991  -4.93549  -14.68881 1.000 21.81000 ?  1090 LEU A CG  1 
ATOM   61   C CD1 . LEU A 1 12  ? -2.23528  -5.45399  -13.81799 1.000 28.87000 ?  1090 LEU A CD1 1 
ATOM   62   C CD2 . LEU A 1 12  ? -1.18159  -3.42078  -14.80932 1.000 25.49000 ?  1090 LEU A CD2 1 
ATOM   63   N N   . ARG A 1 13  ? 3.19354   -5.88664  -13.46155 1.000 22.00000 ?  1091 ARG A N   1 
ATOM   64   C CA  . ARG A 1 13  ? 4.24960   -5.98178  -12.46750 1.000 20.03000 ?  1091 ARG A CA  1 
ATOM   65   C C   . ARG A 1 13  ? 5.42582   -5.08811  -12.83394 1.000 21.39000 ?  1091 ARG A C   1 
ATOM   66   O O   . ARG A 1 13  ? 5.95991   -4.36115  -11.98851 1.000 19.05000 ?  1091 ARG A O   1 
ATOM   67   C CB  . ARG A 1 13  ? 4.69017   -7.43993  -12.32587 1.000 20.79000 ?  1091 ARG A CB  1 
ATOM   68   C CG  . ARG A 1 13  ? 5.74301   -7.67378  -11.26832 1.000 25.09000 ?  1091 ARG A CG  1 
ATOM   69   C CD  . ARG A 1 13  ? 5.89273   -9.16110  -10.99930 1.000 26.17000 ?  1091 ARG A CD  1 
ATOM   70   N NE  . ARG A 1 13  ? 7.29047   -9.57724  -10.99346 1.000 40.90000 ?  1091 ARG A NE  1 
ATOM   71   C CZ  . ARG A 1 13  ? 7.98722   -9.83677  -9.89199  1.000 37.83000 ?  1091 ARG A CZ  1 
ATOM   72   N N   . GLN A 1 14  ? 5.83510   -5.11298  -14.09898 1.000 20.28000 ?  1092 GLN A N   1 
ATOM   73   C CA  . GLN A 1 14  ? 6.97085   -4.30281  -14.51417 1.000 20.34000 ?  1092 GLN A CA  1 
ATOM   74   C C   . GLN A 1 14  ? 6.69688   -2.82214  -14.30924 1.000 19.65000 ?  1092 GLN A C   1 
ATOM   75   O O   . GLN A 1 14  ? 7.58487   -2.06647  -13.89765 1.000 23.55000 ?  1092 GLN A O   1 
ATOM   76   C CB  . GLN A 1 14  ? 7.29583   -4.58635  -15.98218 1.000 22.73000 ?  1092 GLN A CB  1 
ATOM   77   C CG  . GLN A 1 14  ? 7.82499   -5.99595  -16.24085 1.000 25.96000 ?  1092 GLN A CG  1 
ATOM   78   N N   . ALA A 1 15  ? 5.48097   -2.38342  -14.62535 1.000 18.57000 ?  1093 ALA A N   1 
ATOM   79   C CA  . ALA A 1 15  ? 5.14865   -0.97050  -14.50318 1.000 19.36000 ?  1093 ALA A CA  1 
ATOM   80   C C   . ALA A 1 15  ? 4.94651   -0.56342  -13.05275 1.000 16.77000 ?  1093 ALA A C   1 
ATOM   81   O O   . ALA A 1 15  ? 5.37299   0.52434   -12.64749 1.000 18.52000 ?  1093 ALA A O   1 
ATOM   82   C CB  . ALA A 1 15  ? 3.88921   -0.65214  -15.30967 1.000 21.50000 ?  1093 ALA A CB  1 
ATOM   83   N N   . LEU A 1 16  ? 4.27946   -1.40296  -12.26186 1.000 17.57000 ?  1094 LEU A N   1 
ATOM   84   C CA  . LEU A 1 16  ? 3.82332   -0.97816  -10.94608 1.000 15.23000 ?  1094 LEU A CA  1 
ATOM   85   C C   . LEU A 1 16  ? 4.82211   -1.26820  -9.84351  1.000 14.20000 ?  1094 LEU A C   1 
ATOM   86   O O   . LEU A 1 16  ? 4.87265   -0.51626  -8.85897  1.000 14.10000 ?  1094 LEU A O   1 
ATOM   87   C CB  . LEU A 1 16  ? 2.49511   -1.65104  -10.60250 1.000 14.82000 ?  1094 LEU A CB  1 
ATOM   88   C CG  . LEU A 1 16  ? 1.36625   -1.32342  -11.57335 1.000 15.09000 ?  1094 LEU A CG  1 
ATOM   89   C CD1 . LEU A 1 16  ? 0.15108   -2.19661  -11.28748 1.000 16.06000 ?  1094 LEU A CD1 1 
ATOM   90   C CD2 . LEU A 1 16  ? 1.02562   0.15604   -11.45557 1.000 17.04000 ?  1094 LEU A CD2 1 
ATOM   91   N N   . MET A 1 17  ? 5.62222   -2.32148  -9.97570  1.000 15.24000 ?  1095 MET A N   1 
ATOM   92   C CA  . MET A 1 17  ? 6.53784   -2.65495  -8.88749  1.000 15.89000 ?  1095 MET A CA  1 
ATOM   93   C C   . MET A 1 17  ? 7.48184   -1.51632  -8.51661  1.000 17.06000 ?  1095 MET A C   1 
ATOM   94   O O   . MET A 1 17  ? 7.74074   -1.34927  -7.31223  1.000 15.72000 ?  1095 MET A O   1 
ATOM   95   C CB  . MET A 1 17  ? 7.32581   -3.93170  -9.20654  1.000 18.53000 ?  1095 MET A CB  1 
ATOM   96   C CG  . MET A 1 17  ? 8.06413   -4.52814  -7.98325  1.000 20.17000 ?  1095 MET A CG  1 
ATOM   97   S SD  . MET A 1 17  ? 7.02055   -5.03538  -6.58699  1.000 23.23000 ?  1095 MET A SD  1 
ATOM   98   C CE  . MET A 1 17  ? 6.60943   -6.71405  -7.06539  1.000 26.28000 ?  1095 MET A CE  1 
ATOM   99   N N   . PRO A 1 18  ? 8.01335   -0.70932  -9.44530  1.000 16.70000 ?  1096 PRO A N   1 
ATOM   100  C CA  . PRO A 1 18  ? 8.84702   0.42409   -9.00640  1.000 16.02000 ?  1096 PRO A CA  1 
ATOM   101  C C   . PRO A 1 18  ? 8.12822   1.37090   -8.06415  1.000 15.40000 ?  1096 PRO A C   1 
ATOM   102  O O   . PRO A 1 18  ? 8.77632   1.95375   -7.17914  1.000 15.84000 ?  1096 PRO A O   1 
ATOM   103  C CB  . PRO A 1 18  ? 9.22187   1.11766   -10.32245 1.000 18.35000 ?  1096 PRO A CB  1 
ATOM   104  C CG  . PRO A 1 18  ? 9.18508   0.02005   -11.32428 1.000 21.87000 ?  1096 PRO A CG  1 
ATOM   105  C CD  . PRO A 1 18  ? 8.05198   -0.86587  -10.91510 1.000 17.22000 ?  1096 PRO A CD  1 
ATOM   106  N N   . THR A 1 19  ? 6.80880   1.53665   -8.21640  1.000 13.80000 ?  1097 THR A N   1 
ATOM   107  C CA  . THR A 1 19  ? 6.07972   2.43655   -7.32655  1.000 14.43000 ?  1097 THR A CA  1 
ATOM   108  C C   . THR A 1 19  ? 5.95015   1.84334   -5.93332  1.000 13.11000 ?  1097 THR A C   1 
ATOM   109  O O   . THR A 1 19  ? 5.97394   2.58761   -4.94282  1.000 13.06000 ?  1097 THR A O   1 
ATOM   110  C CB  . THR A 1 19  ? 4.69293   2.77553   -7.88056  1.000 13.72000 ?  1097 THR A CB  1 
ATOM   111  O OG1 . THR A 1 19  ? 3.83737   1.61918   -7.83585  1.000 12.96000 ?  1097 THR A OG1 1 
ATOM   112  C CG2 . THR A 1 19  ? 4.77984   3.28993   -9.31878  1.000 14.63000 ?  1097 THR A CG2 1 
ATOM   113  N N   . LEU A 1 20  ? 5.82871   0.51815   -5.83575  1.000 13.10000 ?  1098 LEU A N   1 
ATOM   114  C CA  . LEU A 1 20  ? 5.81542   -0.12575  -4.52583  1.000 11.00000 ?  1098 LEU A CA  1 
ATOM   115  C C   . LEU A 1 20  ? 7.20221   -0.08356  -3.89728  1.000 13.71000 ?  1098 LEU A C   1 
ATOM   116  O O   . LEU A 1 20  ? 7.33781   0.18019   -2.69364  1.000 12.76000 ?  1098 LEU A O   1 
ATOM   117  C CB  . LEU A 1 20  ? 5.30846   -1.56898  -4.65335  1.000 13.73000 ?  1098 LEU A CB  1 
ATOM   118  C CG  . LEU A 1 20  ? 4.87332   -2.23523  -3.33204  1.000 13.78000 ?  1098 LEU A CG  1 
ATOM   119  C CD1 . LEU A 1 20  ? 3.64506   -1.55874  -2.77221  1.000 16.64000 ?  1098 LEU A CD1 1 
ATOM   120  C CD2 . LEU A 1 20  ? 4.61243   -3.71920  -3.55739  1.000 15.21000 ?  1098 LEU A CD2 1 
ATOM   121  N N   . GLU A 1 21  ? 8.24593   -0.30943  -4.70179  1.000 13.90000 ?  1099 GLU A N   1 
ATOM   122  C CA  . GLU A 1 21  ? 9.61305   -0.23760  -4.19069  1.000 14.66000 ?  1099 GLU A CA  1 
ATOM   123  C C   . GLU A 1 21  ? 9.92427   1.14131   -3.62473  1.000 14.22000 ?  1099 GLU A C   1 
ATOM   124  O O   . GLU A 1 21  ? 10.64165  1.25848   -2.62425  1.000 13.76000 ?  1099 GLU A O   1 
ATOM   125  C CB  . GLU A 1 21  ? 10.61110  -0.59695  -5.29012  1.000 16.64000 ?  1099 GLU A CB  1 
ATOM   126  C CG  . GLU A 1 21  ? 10.56414  -2.05270  -5.69725  1.000 23.26000 ?  1099 GLU A CG  1 
ATOM   127  C CD  . GLU A 1 21  ? 11.28815  -2.32904  -7.00660  1.000 35.51000 ?  1099 GLU A CD  1 
ATOM   128  O OE1 . GLU A 1 21  ? 11.46747  -1.39086  -7.80978  1.000 30.83000 ?  1099 GLU A OE1 1 
ATOM   129  O OE2 . GLU A 1 21  ? 11.67164  -3.49625  -7.23329  1.000 44.72000 -1 1099 GLU A OE2 1 
ATOM   130  N N   . ALA A 1 22  ? 9.38781   2.19535   -4.23857  1.000 12.99000 ?  1100 ALA A N   1 
ATOM   131  C CA  . ALA A 1 22  ? 9.58799   3.54041   -3.70768  1.000 13.70000 ?  1100 ALA A CA  1 
ATOM   132  C C   . ALA A 1 22  ? 9.01788   3.66892   -2.29881  1.000 14.54000 ?  1100 ALA A C   1 
ATOM   133  O O   . ALA A 1 22  ? 9.58856   4.36284   -1.45173  1.000 14.78000 ?  1100 ALA A O   1 
ATOM   134  C CB  . ALA A 1 22  ? 8.95483   4.57070   -4.63630  1.000 13.81000 ?  1100 ALA A CB  1 
ATOM   135  N N   . LEU A 1 23  ? 7.89121   3.00870   -2.02228  1.000 10.70000 ?  1101 LEU A N   1 
ATOM   136  C CA  . LEU A 1 23  ? 7.35972   3.03943   -0.66611  1.000 11.58000 ?  1101 LEU A CA  1 
ATOM   137  C C   . LEU A 1 23  ? 8.24552   2.25092   0.29219   1.000 11.32000 ?  1101 LEU A C   1 
ATOM   138  O O   . LEU A 1 23  ? 8.54512   2.72893   1.39092   1.000 12.80000 ?  1101 LEU A O   1 
ATOM   139  C CB  . LEU A 1 23  ? 5.92938   2.49525   -0.64915  1.000 11.02000 ?  1101 LEU A CB  1 
ATOM   140  C CG  . LEU A 1 23  ? 4.96409   3.27556   -1.53770  1.000 10.57000 ?  1101 LEU A CG  1 
ATOM   141  C CD1 . LEU A 1 23  ? 3.54673   2.75066   -1.35211  1.000 13.17000 ?  1101 LEU A CD1 1 
ATOM   142  C CD2 . LEU A 1 23  ? 5.03544   4.76919   -1.24756  1.000 13.00000 ?  1101 LEU A CD2 1 
ATOM   143  N N   . TYR A 1 24  ? 8.69549   1.05778   -0.11454  1.000 11.19000 ?  1102 TYR A N   1 
ATOM   144  C CA  . TYR A 1 24  ? 9.61813   0.28213   0.71474   1.000 11.63000 ?  1102 TYR A CA  1 
ATOM   145  C C   . TYR A 1 24  ? 10.87571  1.07532   1.04919   1.000 13.25000 ?  1102 TYR A C   1 
ATOM   146  O O   . TYR A 1 24  ? 11.41375  0.95975   2.15861   1.000 17.26000 ?  1102 TYR A O   1 
ATOM   147  C CB  . TYR A 1 24  ? 10.00893  -0.99645  -0.01055  1.000 12.91000 ?  1102 TYR A CB  1 
ATOM   148  C CG  . TYR A 1 24  ? 9.13603   -2.19964  0.23602   1.000 14.20000 ?  1102 TYR A CG  1 
ATOM   149  C CD1 . TYR A 1 24  ? 9.35520   -3.02558  1.32342   1.000 13.07000 ?  1102 TYR A CD1 1 
ATOM   150  C CD2 . TYR A 1 24  ? 8.12805   -2.54129  -0.65372  1.000 13.62000 ?  1102 TYR A CD2 1 
ATOM   151  C CE1 . TYR A 1 24  ? 8.57633   -4.15407  1.53442   1.000 14.45000 ?  1102 TYR A CE1 1 
ATOM   152  C CE2 . TYR A 1 24  ? 7.34270   -3.65056  -0.45716  1.000 13.06000 ?  1102 TYR A CE2 1 
ATOM   153  C CZ  . TYR A 1 24  ? 7.56934   -4.45991  0.63648   1.000 13.87000 ?  1102 TYR A CZ  1 
ATOM   154  O OH  . TYR A 1 24  ? 6.78478   -5.58321  0.80848   1.000 16.93000 ?  1102 TYR A OH  1 
ATOM   155  N N   . ARG A 1 25  ? 11.37696  1.85643   0.09161   1.000 14.42000 ?  1103 ARG A N   1 
ATOM   156  C CA  . ARG A 1 25  ? 12.62252  2.59896   0.28516   1.000 17.65000 ?  1103 ARG A CA  1 
ATOM   157  C C   . ARG A 1 25  ? 12.48079  3.71727   1.30379   1.000 15.93000 ?  1103 ARG A C   1 
ATOM   158  O O   . ARG A 1 25  ? 13.49225  4.15007   1.87923   1.000 19.06000 ?  1103 ARG A O   1 
ATOM   159  C CB  . ARG A 1 25  ? 13.08743  3.20439   -1.03889  1.000 20.26000 ?  1103 ARG A CB  1 
ATOM   160  C CG  . ARG A 1 25  ? 13.90618  2.28973   -1.91400  1.000 27.33000 ?  1103 ARG A CG  1 
ATOM   161  C CD  . ARG A 1 25  ? 14.74332  3.10938   -2.89042  1.000 30.46000 ?  1103 ARG A CD  1 
ATOM   162  N NE  . ARG A 1 25  ? 13.96346  4.13850   -3.57135  1.000 34.60000 ?  1103 ARG A NE  1 
ATOM   163  C CZ  . ARG A 1 25  ? 13.25609  3.92265   -4.67643  1.000 28.96000 ?  1103 ARG A CZ  1 
ATOM   164  N NH1 . ARG A 1 25  ? 12.57507  4.91423   -5.23610  1.000 31.00000 ?  1103 ARG A NH1 1 
ATOM   165  N NH2 . ARG A 1 25  ? 13.23827  2.71460   -5.22594  1.000 27.25000 ?  1103 ARG A NH2 1 
ATOM   166  N N   . GLN A 1 26  ? 11.26569  4.20359   1.53016   1.000 11.65000 ?  1104 GLN A N   1 
ATOM   167  C CA  . GLN A 1 26  ? 11.06541  5.40247   2.33434   1.000 12.60000 ?  1104 GLN A CA  1 
ATOM   168  C C   . GLN A 1 26  ? 11.36900  5.09079   3.78631   1.000 12.55000 ?  1104 GLN A C   1 
ATOM   169  O O   . GLN A 1 26  ? 10.70927  4.25450   4.40450   1.000 11.95000 ?  1104 GLN A O   1 
ATOM   170  C CB  . GLN A 1 26  ? 9.63736   5.90978   2.18206   1.000 12.11000 ?  1104 GLN A CB  1 
ATOM   171  C CG  . GLN A 1 26  ? 9.38557   7.23298   2.86240   1.000 14.68000 ?  1104 GLN A CG  1 
ATOM   172  C CD  . GLN A 1 26  ? 10.22059  8.33538   2.25359   1.000 16.10000 ?  1104 GLN A CD  1 
ATOM   173  O OE1 . GLN A 1 26  ? 10.36375  8.41916   1.02804   1.000 14.90000 ?  1104 GLN A OE1 1 
ATOM   174  N NE2 . GLN A 1 26  ? 10.77853  9.19160   3.10285   1.000 19.02000 ?  1104 GLN A NE2 1 
ATOM   175  N N   . ASP A 1 27  ? 12.38077  5.75513   4.32820   1.000 13.16000 ?  1105 ASP A N   1 
ATOM   176  C CA  . ASP A 1 27  ? 12.82816  5.48814   5.67390   1.000 13.67000 ?  1105 ASP A CA  1 
ATOM   177  C C   . ASP A 1 27  ? 12.83489  6.80010   6.44703   1.000 12.49000 ?  1105 ASP A C   1 
ATOM   178  O O   . ASP A 1 27  ? 13.41271  7.78703   5.96793   1.000 15.62000 ?  1105 ASP A O   1 
ATOM   179  C CB  . ASP A 1 27  ? 14.22506  4.87792   5.64819   1.000 15.90000 ?  1105 ASP A CB  1 
ATOM   180  C CG  . ASP A 1 27  ? 14.75536  4.61475   7.02615   1.000 17.79000 ?  1105 ASP A CG  1 
ATOM   181  O OD1 . ASP A 1 27  ? 14.75572  3.44681   7.45183   1.000 19.56000 ?  1105 ASP A OD1 1 
ATOM   182  O OD2 . ASP A 1 27  ? 15.16131  5.59544   7.68207   1.000 17.67000 -1 1105 ASP A OD2 1 
ATOM   183  N N   . PRO A 1 28  ? 12.24887  6.84885   7.65395   1.000 10.93000 ?  1106 PRO A N   1 
ATOM   184  C CA  . PRO A 1 28  ? 11.67218  5.74223   8.42878   1.000 13.82000 ?  1106 PRO A CA  1 
ATOM   185  C C   . PRO A 1 28  ? 10.19860  5.43412   8.13528   1.000 9.87000  ?  1106 PRO A C   1 
ATOM   186  O O   . PRO A 1 28  ? 9.64631   4.50971   8.72207   1.000 9.55000  ?  1106 PRO A O   1 
ATOM   187  C CB  . PRO A 1 28  ? 11.81766  6.24030   9.87004   1.000 11.69000 ?  1106 PRO A CB  1 
ATOM   188  C CG  . PRO A 1 28  ? 11.63477  7.73584   9.74256   1.000 12.51000 ?  1106 PRO A CG  1 
ATOM   189  C CD  . PRO A 1 28  ? 12.26041  8.11773   8.41455   1.000 12.33000 ?  1106 PRO A CD  1 
ATOM   190  N N   . GLU A 1 29  ? 9.58051   6.18768   7.22954   1.000 10.53000 ?  1107 GLU A N   1 
ATOM   191  C CA  . GLU A 1 29  ? 8.12169   6.22122   7.21108   1.000 9.45000  ?  1107 GLU A CA  1 
ATOM   192  C C   . GLU A 1 29  ? 7.47083   4.90981   6.76489   1.000 12.13000 ?  1107 GLU A C   1 
ATOM   193  O O   . GLU A 1 29  ? 6.31293   4.67114   7.12316   1.000 10.23000 ?  1107 GLU A O   1 
ATOM   194  C CB  . GLU A 1 29  ? 7.63290   7.37431   6.32401   1.000 10.65000 ?  1107 GLU A CB  1 
ATOM   195  C CG  . GLU A 1 29  ? 7.94838   8.76413   6.86741   1.000 11.65000 ?  1107 GLU A CG  1 
ATOM   196  C CD  . GLU A 1 29  ? 9.23350   9.33095   6.31044   1.000 14.87000 ?  1107 GLU A CD  1 
ATOM   197  O OE1 . GLU A 1 29  ? 10.06950  8.56339   5.79423   1.000 13.40000 ?  1107 GLU A OE1 1 
ATOM   198  O OE2 . GLU A 1 29  ? 9.40548   10.56796  6.40958   1.000 17.65000 -1 1107 GLU A OE2 1 
ATOM   199  N N   . SER A 1 30  ? 8.16339   4.04668   6.01091   1.000 9.29000  ?  1108 SER A N   1 
ATOM   200  C CA  . SER A 1 30  ? 7.54152   2.76739   5.65175   1.000 9.28000  ?  1108 SER A CA  1 
ATOM   201  C C   . SER A 1 30  ? 7.67449   1.70990   6.73050   1.000 10.15000 ?  1108 SER A C   1 
ATOM   202  O O   . SER A 1 30  ? 7.05610   0.64850   6.60103   1.000 8.88000  ?  1108 SER A O   1 
ATOM   203  C CB  . SER A 1 30  ? 8.13033   2.21348   4.35309   1.000 9.83000  ?  1108 SER A CB  1 
ATOM   204  O OG  . SER A 1 30  ? 9.44898   1.76037   4.57075   1.000 11.47000 ?  1108 SER A OG  1 
ATOM   205  N N   . LEU A 1 31  ? 8.44748   1.96493   7.77865   1.000 9.43000  ?  1109 LEU A N   1 
ATOM   206  C CA  . LEU A 1 31  ? 8.69835   0.92171   8.76522   1.000 8.95000  ?  1109 LEU A CA  1 
ATOM   207  C C   . LEU A 1 31  ? 7.42576   0.33045   9.36393   1.000 9.73000  ?  1109 LEU A C   1 
ATOM   208  O O   . LEU A 1 31  ? 7.38929   -0.89577  9.55695   1.000 10.42000 ?  1109 LEU A O   1 
ATOM   209  C CB  . LEU A 1 31  ? 9.63139   1.47043   9.85229   1.000 9.58000  ?  1109 LEU A CB  1 
ATOM   210  C CG  . LEU A 1 31  ? 11.06292  1.63506   9.33952   1.000 10.63000 ?  1109 LEU A CG  1 
ATOM   211  C CD1 . LEU A 1 31  ? 11.92337  2.33447   10.39518  1.000 13.17000 ?  1109 LEU A CD1 1 
ATOM   212  C CD2 . LEU A 1 31  ? 11.67636  0.29548   8.94320   1.000 17.71000 ?  1109 LEU A CD2 1 
ATOM   213  N N   . PRO A 1 32  ? 6.37248   1.09730   9.67931   1.000 6.86000  ?  1110 PRO A N   1 
ATOM   214  C CA  . PRO A 1 32  ? 5.12477   0.47917   10.17963  1.000 8.29000  ?  1110 PRO A CA  1 
ATOM   215  C C   . PRO A 1 32  ? 4.33939   -0.29995  9.13446   1.000 9.85000  ?  1110 PRO A C   1 
ATOM   216  O O   . PRO A 1 32  ? 3.35717   -0.95323  9.50700   1.000 10.32000 ?  1110 PRO A O   1 
ATOM   217  C CB  . PRO A 1 32  ? 4.29780   1.69033   10.65874  1.000 7.97000  ?  1110 PRO A CB  1 
ATOM   218  C CG  . PRO A 1 32  ? 5.31772   2.79304   10.86195  1.000 7.70000  ?  1110 PRO A CG  1 
ATOM   219  C CD  . PRO A 1 32  ? 6.30725   2.57110   9.77482   1.000 6.96000  ?  1110 PRO A CD  1 
ATOM   220  N N   . PHE A 1 33  ? 4.72021   -0.22226  7.85276   1.000 7.30000  ?  1111 PHE A N   1 
ATOM   221  C CA  . PHE A 1 33  ? 3.90460   -0.69082  6.73850   1.000 8.42000  ?  1111 PHE A CA  1 
ATOM   222  C C   . PHE A 1 33  ? 4.51567   -1.85208  5.98033   1.000 9.19000  ?  1111 PHE A C   1 
ATOM   223  O O   . PHE A 1 33  ? 3.87448   -2.37427  5.05371   1.000 9.82000  ?  1111 PHE A O   1 
ATOM   224  C CB  . PHE A 1 33  ? 3.64969   0.47377   5.77648   1.000 7.51000  ?  1111 PHE A CB  1 
ATOM   225  C CG  . PHE A 1 33  ? 2.92484   1.62437   6.41274   1.000 8.56000  ?  1111 PHE A CG  1 
ATOM   226  C CD1 . PHE A 1 33  ? 1.54403   1.58773   6.53270   1.000 10.40000 ?  1111 PHE A CD1 1 
ATOM   227  C CD2 . PHE A 1 33  ? 3.60453   2.71661   6.91469   1.000 9.62000  ?  1111 PHE A CD2 1 
ATOM   228  C CE1 . PHE A 1 33  ? 0.85054   2.61810   7.12039   1.000 11.19000 ?  1111 PHE A CE1 1 
ATOM   229  C CE2 . PHE A 1 33  ? 2.89773   3.77404   7.51402   1.000 10.13000 ?  1111 PHE A CE2 1 
ATOM   230  C CZ  . PHE A 1 33  ? 1.52480   3.71298   7.61430   1.000 10.65000 ?  1111 PHE A CZ  1 
ATOM   231  N N   . ARG A 1 34  ? 5.72599   -2.28776  6.34438   1.000 8.66000  ?  1112 ARG A N   1 
ATOM   232  C CA  . ARG A 1 34  ? 6.41692   -3.31123  5.57556   1.000 9.47000  ?  1112 ARG A CA  1 
ATOM   233  C C   . ARG A 1 34  ? 5.92108   -4.71923  5.87326   1.000 9.87000  ?  1112 ARG A C   1 
ATOM   234  O O   . ARG A 1 34  ? 6.26144   -5.64942  5.12994   1.000 13.68000 ?  1112 ARG A O   1 
ATOM   235  C CB  . ARG A 1 34  ? 7.91996   -3.23262  5.84324   1.000 12.29000 ?  1112 ARG A CB  1 
ATOM   236  C CG  . ARG A 1 34  ? 8.57566   -1.99639  5.26641   1.000 12.39000 ?  1112 ARG A CG  1 
ATOM   237  C CD  . ARG A 1 34  ? 10.01923  -1.94462  5.69742   1.000 10.68000 ?  1112 ARG A CD  1 
ATOM   238  N NE  . ARG A 1 34  ? 10.71336  -0.81209  5.10302   1.000 12.78000 ?  1112 ARG A NE  1 
ATOM   239  C CZ  . ARG A 1 34  ? 11.99257  -0.54095  5.32062   1.000 17.52000 ?  1112 ARG A CZ  1 
ATOM   240  N NH1 . ARG A 1 34  ? 12.69419  -1.32322  6.11788   1.000 17.08000 ?  1112 ARG A NH1 1 
ATOM   241  N NH2 . ARG A 1 34  ? 12.55798  0.49969   4.73677   1.000 18.92000 ?  1112 ARG A NH2 1 
ATOM   242  N N   . GLN A 1 35  ? 5.11941   -4.89395  6.91609   1.000 9.64000  ?  1113 GLN A N   1 
ATOM   243  C CA  . GLN A 1 35  ? 4.60816   -6.18302  7.35244   1.000 9.45000  ?  1113 GLN A CA  1 
ATOM   244  C C   . GLN A 1 35  ? 3.19287   -5.97517  7.86359   1.000 10.74000 ?  1113 GLN A C   1 
ATOM   245  O O   . GLN A 1 35  ? 2.82272   -4.85371  8.22016   1.000 10.56000 ?  1113 GLN A O   1 
ATOM   246  C CB  . GLN A 1 35  ? 5.49426   -6.78083  8.45614   1.000 12.01000 ?  1113 GLN A CB  1 
ATOM   247  C CG  . GLN A 1 35  ? 5.58884   -5.93630  9.72030   1.000 13.31000 ?  1113 GLN A CG  1 
ATOM   248  C CD  . GLN A 1 35  ? 6.49747   -4.73630  9.55132   1.000 10.94000 ?  1113 GLN A CD  1 
ATOM   249  O OE1 . GLN A 1 35  ? 7.62274   -4.85968  9.06695   1.000 13.54000 ?  1113 GLN A OE1 1 
ATOM   250  N NE2 . GLN A 1 35  ? 6.00456   -3.55886  9.93858   1.000 10.69000 ?  1113 GLN A NE2 1 
ATOM   251  N N   . PRO A 1 36  ? 2.37046   -7.02096  7.89624   1.000 10.16000 ?  1114 PRO A N   1 
ATOM   252  C CA  . PRO A 1 36  ? 1.01948   -6.85558  8.45231   1.000 10.18000 ?  1114 PRO A CA  1 
ATOM   253  C C   . PRO A 1 36  ? 1.07168   -6.35181  9.89122   1.000 9.96000  ?  1114 PRO A C   1 
ATOM   254  O O   . PRO A 1 36  ? 1.97551   -6.70160  10.65320  1.000 12.86000 ?  1114 PRO A O   1 
ATOM   255  C CB  . PRO A 1 36  ? 0.42885   -8.26939  8.37600   1.000 9.81000  ?  1114 PRO A CB  1 
ATOM   256  C CG  . PRO A 1 36  ? 1.18169   -8.91876  7.27257   1.000 12.43000 ?  1114 PRO A CG  1 
ATOM   257  C CD  . PRO A 1 36  ? 2.57000   -8.36378  7.31652   1.000 12.82000 ?  1114 PRO A CD  1 
ATOM   258  N N   . VAL A 1 37  ? 0.10715   -5.49704  10.24151  1.000 11.35000 ?  1115 VAL A N   1 
ATOM   259  C CA  . VAL A 1 37  ? -0.08091  -5.12968  11.63916  1.000 13.04000 ?  1115 VAL A CA  1 
ATOM   260  C C   . VAL A 1 37  ? -0.30924  -6.38214  12.46602  1.000 14.41000 ?  1115 VAL A C   1 
ATOM   261  O O   . VAL A 1 37  ? -1.18047  -7.20661  12.14757  1.000 13.70000 ?  1115 VAL A O   1 
ATOM   262  C CB  . VAL A 1 37  ? -1.26468  -4.16901  11.79772  1.000 12.93000 ?  1115 VAL A CB  1 
ATOM   263  C CG1 . VAL A 1 37  ? -1.56128  -3.94108  13.29711  1.000 13.75000 ?  1115 VAL A CG1 1 
ATOM   264  C CG2 . VAL A 1 37  ? -0.99512  -2.84701  11.09164  1.000 12.07000 ?  1115 VAL A CG2 1 
ATOM   265  N N   . ASP A 1 38  ? 0.47605   -6.53203  13.53378  1.000 12.99000 ?  1116 ASP A N   1 
ATOM   266  C CA  . ASP A 1 38  ? 0.29998   -7.58839  14.52924  1.000 15.64000 ?  1116 ASP A CA  1 
ATOM   267  C C   . ASP A 1 38  ? -0.23496  -6.94577  15.80226  1.000 16.26000 ?  1116 ASP A C   1 
ATOM   268  O O   . ASP A 1 38  ? 0.54567   -6.38741  16.59164  1.000 17.80000 ?  1116 ASP A O   1 
ATOM   269  C CB  . ASP A 1 38  ? 1.61874   -8.31616  14.80444  1.000 16.79000 ?  1116 ASP A CB  1 
ATOM   270  C CG  . ASP A 1 38  ? 1.43631   -9.56479  15.67312  1.000 18.53000 ?  1116 ASP A CG  1 
ATOM   271  O OD1 . ASP A 1 38  ? 0.67877   -9.51221  16.66375  1.000 23.18000 ?  1116 ASP A OD1 1 
ATOM   272  O OD2 . ASP A 1 38  ? 2.05313   -10.60276 15.35502  1.000 30.59000 -1 1116 ASP A OD2 1 
ATOM   273  N N   . PRO A 1 39  ? -1.54697  -6.97767  16.03969  1.000 14.72000 ?  1117 PRO A N   1 
ATOM   274  C CA  . PRO A 1 39  ? -2.09775  -6.20871  17.16670  1.000 14.56000 ?  1117 PRO A CA  1 
ATOM   275  C C   . PRO A 1 39  ? -1.55689  -6.64241  18.50816  1.000 18.15000 ?  1117 PRO A C   1 
ATOM   276  O O   . PRO A 1 39  ? -1.23580  -5.78932  19.34294  1.000 17.90000 ?  1117 PRO A O   1 
ATOM   277  C CB  . PRO A 1 39  ? -3.60687  -6.44806  17.04704  1.000 16.78000 ?  1117 PRO A CB  1 
ATOM   278  C CG  . PRO A 1 39  ? -3.81325  -6.71532  15.57686  1.000 16.96000 ?  1117 PRO A CG  1 
ATOM   279  C CD  . PRO A 1 39  ? -2.60499  -7.52426  15.17403  1.000 13.87000 ?  1117 PRO A CD  1 
ATOM   280  N N   . GLN A 1 40  ? -1.43187  -7.94790  18.73636  1.000 18.28000 ?  1118 GLN A N   1 
ATOM   281  C CA  . GLN A 1 40  ? -0.92447  -8.42013  20.01957  1.000 22.09000 ?  1118 GLN A CA  1 
ATOM   282  C C   . GLN A 1 40  ? 0.51573   -7.97128  20.23451  1.000 18.88000 ?  1118 GLN A C   1 
ATOM   283  O O   . GLN A 1 40  ? 0.86208   -7.44090  21.29750  1.000 23.02000 ?  1118 GLN A O   1 
ATOM   284  C CB  . GLN A 1 40  ? -1.04246  -9.94487  20.09147  1.000 22.49000 ?  1118 GLN A CB  1 
ATOM   285  N N   . LEU A 1 41  ? 1.36617   -8.15689  19.22072  1.000 19.72000 ?  1119 LEU A N   1 
ATOM   286  C CA  . LEU A 1 41  ? 2.78898   -7.85765  19.36269  1.000 19.75000 ?  1119 LEU A CA  1 
ATOM   287  C C   . LEU A 1 41  ? 3.04155   -6.36135  19.51099  1.000 19.58000 ?  1119 LEU A C   1 
ATOM   288  O O   . LEU A 1 41  ? 3.95121   -5.94898  20.24212  1.000 22.76000 ?  1119 LEU A O   1 
ATOM   289  C CB  . LEU A 1 41  ? 3.55983   -8.41191  18.16574  1.000 23.47000 ?  1119 LEU A CB  1 
ATOM   290  C CG  . LEU A 1 41  ? 5.07442   -8.34627  18.27517  1.000 22.75000 ?  1119 LEU A CG  1 
ATOM   291  C CD1 . LEU A 1 41  ? 5.52350   -9.18084  19.47056  1.000 24.54000 ?  1119 LEU A CD1 1 
ATOM   292  C CD2 . LEU A 1 41  ? 5.73690   -8.83417  16.99624  1.000 25.63000 ?  1119 LEU A CD2 1 
ATOM   293  N N   . LEU A 1 42  ? 2.25847   -5.53113  18.82042  1.000 17.62000 ?  1120 LEU A N   1 
ATOM   294  C CA  . LEU A 1 42  ? 2.42598   -4.08622  18.90474  1.000 14.65000 ?  1120 LEU A CA  1 
ATOM   295  C C   . LEU A 1 42  ? 1.73939   -3.48072  20.11864  1.000 18.69000 ?  1120 LEU A C   1 
ATOM   296  O O   . LEU A 1 42  ? 1.92081   -2.28712  20.37992  1.000 21.38000 ?  1120 LEU A O   1 
ATOM   297  C CB  . LEU A 1 42  ? 1.89436   -3.41825  17.63112  1.000 14.06000 ?  1120 LEU A CB  1 
ATOM   298  C CG  . LEU A 1 42  ? 2.65332   -3.68083  16.32758  1.000 17.13000 ?  1120 LEU A CG  1 
ATOM   299  C CD1 . LEU A 1 42  ? 1.82922   -3.19332  15.15415  1.000 14.04000 ?  1120 LEU A CD1 1 
ATOM   300  C CD2 . LEU A 1 42  ? 4.01082   -3.01427  16.31835  1.000 17.48000 ?  1120 LEU A CD2 1 
ATOM   301  N N   . GLY A 1 43  ? 0.96666   -4.25933  20.86936  1.000 18.51000 ?  1121 GLY A N   1 
ATOM   302  C CA  . GLY A 1 43  ? 0.28003   -3.71409  22.02318  1.000 18.76000 ?  1121 GLY A CA  1 
ATOM   303  C C   . GLY A 1 43  ? -0.96335  -2.91821  21.70579  1.000 19.09000 ?  1121 GLY A C   1 
ATOM   304  O O   . GLY A 1 43  ? -1.34723  -2.04700  22.49232  1.000 20.94000 ?  1121 GLY A O   1 
ATOM   305  N N   . ILE A 1 44  ? -1.60866  -3.18871  20.57397  1.000 17.46000 ?  1122 ILE A N   1 
ATOM   306  C CA  . ILE A 1 44  ? -2.82907  -2.48690  20.18218  1.000 15.37000 ?  1122 ILE A CA  1 
ATOM   307  C C   . ILE A 1 44  ? -3.91997  -3.52341  19.92582  1.000 20.71000 ?  1122 ILE A C   1 
ATOM   308  O O   . ILE A 1 44  ? -4.36954  -3.69230  18.77973  1.000 17.12000 ?  1122 ILE A O   1 
ATOM   309  C CB  . ILE A 1 44  ? -2.59453  -1.58278  18.95606  1.000 14.79000 ?  1122 ILE A CB  1 
ATOM   310  C CG1 . ILE A 1 44  ? -1.77405  -2.29176  17.87437  1.000 16.39000 ?  1122 ILE A CG1 1 
ATOM   311  C CG2 . ILE A 1 44  ? -1.88977  -0.28440  19.36906  1.000 15.78000 ?  1122 ILE A CG2 1 
ATOM   312  C CD1 . ILE A 1 44  ? -1.91531  -1.62938  16.48796  1.000 14.35000 ?  1122 ILE A CD1 1 
ATOM   313  N N   . PRO A 1 45  ? -4.40410  -4.21087  20.96568  1.000 18.86000 ?  1123 PRO A N   1 
ATOM   314  C CA  . PRO A 1 45  ? -5.28882  -5.36964  20.74573  1.000 19.98000 ?  1123 PRO A CA  1 
ATOM   315  C C   . PRO A 1 45  ? -6.64783  -5.03746  20.14224  1.000 17.61000 ?  1123 PRO A C   1 
ATOM   316  O O   . PRO A 1 45  ? -7.33838  -5.96649  19.70458  1.000 19.79000 ?  1123 PRO A O   1 
ATOM   317  C CB  . PRO A 1 45  ? -5.44476  -5.96325  22.15414  1.000 22.21000 ?  1123 PRO A CB  1 
ATOM   318  C CG  . PRO A 1 45  ? -5.13482  -4.82813  23.08470  1.000 25.16000 ?  1123 PRO A CG  1 
ATOM   319  C CD  . PRO A 1 45  ? -4.08533  -4.01666  22.39224  1.000 22.22000 ?  1123 PRO A CD  1 
ATOM   320  N N   . ASP A 1 46  ? -7.06153  -3.77065  20.08374  1.000 16.71000 ?  1124 ASP A N   1 
ATOM   321  C CA  . ASP A 1 46  ? -8.34188  -3.42972  19.47681  1.000 17.21000 ?  1124 ASP A CA  1 
ATOM   322  C C   . ASP A 1 46  ? -8.26016  -3.22630  17.96437  1.000 17.02000 ?  1124 ASP A C   1 
ATOM   323  O O   . ASP A 1 46  ? -9.27271  -2.87441  17.35198  1.000 16.32000 ?  1124 ASP A O   1 
ATOM   324  C CB  . ASP A 1 46  ? -8.93470  -2.17417  20.13917  1.000 18.41000 ?  1124 ASP A CB  1 
ATOM   325  C CG  . ASP A 1 46  ? -8.12824  -0.91045  19.85977  1.000 19.46000 ?  1124 ASP A CG  1 
ATOM   326  O OD1 . ASP A 1 46  ? -6.93433  -1.00823  19.50768  1.000 19.02000 ?  1124 ASP A OD1 1 
ATOM   327  O OD2 . ASP A 1 46  ? -8.70587  0.18861   20.01160  1.000 25.47000 -1 1124 ASP A OD2 1 
ATOM   328  N N   . TYR A 1 47  ? -7.09527  -3.45721  17.35077  1.000 16.02000 ?  1125 TYR A N   1 
ATOM   329  C CA  . TYR A 1 47  ? -6.89277  -3.06607  15.95493  1.000 14.48000 ?  1125 TYR A CA  1 
ATOM   330  C C   . TYR A 1 47  ? -7.93892  -3.67670  15.02701  1.000 13.80000 ?  1125 TYR A C   1 
ATOM   331  O O   . TYR A 1 47  ? -8.52989  -2.97613  14.19381  1.000 15.89000 ?  1125 TYR A O   1 
ATOM   332  C CB  . TYR A 1 47  ? -5.48813  -3.45284  15.49548  1.000 13.69000 ?  1125 TYR A CB  1 
ATOM   333  C CG  . TYR A 1 47  ? -5.19948  -3.02894  14.07328  1.000 11.55000 ?  1125 TYR A CG  1 
ATOM   334  C CD1 . TYR A 1 47  ? -4.91932  -1.69871  13.76710  1.000 12.91000 ?  1125 TYR A CD1 1 
ATOM   335  C CD2 . TYR A 1 47  ? -5.18900  -3.95167  13.03464  1.000 13.86000 ?  1125 TYR A CD2 1 
ATOM   336  C CE1 . TYR A 1 47  ? -4.64257  -1.30003  12.46745  1.000 12.92000 ?  1125 TYR A CE1 1 
ATOM   337  C CE2 . TYR A 1 47  ? -4.91997  -3.55773  11.71887  1.000 11.16000 ?  1125 TYR A CE2 1 
ATOM   338  C CZ  . TYR A 1 47  ? -4.64395  -2.22933  11.44685  1.000 12.29000 ?  1125 TYR A CZ  1 
ATOM   339  O OH  . TYR A 1 47  ? -4.37732  -1.82357  10.15797  1.000 12.99000 ?  1125 TYR A OH  1 
ATOM   340  N N   . PHE A 1 48  ? -8.16294  -4.98816  15.13363  1.000 13.83000 ?  1126 PHE A N   1 
ATOM   341  C CA  . PHE A 1 48  ? -9.09494  -5.64800  14.22610  1.000 16.63000 ?  1126 PHE A CA  1 
ATOM   342  C C   . PHE A 1 48  ? -10.55232 -5.32596  14.54226  1.000 16.96000 ?  1126 PHE A C   1 
ATOM   343  O O   . PHE A 1 48  ? -11.42475 -5.62284  13.71506  1.000 20.24000 ?  1126 PHE A O   1 
ATOM   344  C CB  . PHE A 1 48  ? -8.87381  -7.16539  14.24395  1.000 14.54000 ?  1126 PHE A CB  1 
ATOM   345  C CG  . PHE A 1 48  ? -7.55604  -7.61443  13.65758  1.000 13.19000 ?  1126 PHE A CG  1 
ATOM   346  C CD1 . PHE A 1 48  ? -6.98172  -6.96088  12.57272  1.000 14.12000 ?  1126 PHE A CD1 1 
ATOM   347  C CD2 . PHE A 1 48  ? -6.90623  -8.72232  14.17760  1.000 13.63000 ?  1126 PHE A CD2 1 
ATOM   348  C CE1 . PHE A 1 48  ? -5.77419  -7.40033  12.03305  1.000 12.71000 ?  1126 PHE A CE1 1 
ATOM   349  C CE2 . PHE A 1 48  ? -5.70279  -9.17183  13.63801  1.000 15.82000 ?  1126 PHE A CE2 1 
ATOM   350  C CZ  . PHE A 1 48  ? -5.13164  -8.49768  12.57076  1.000 13.49000 ?  1126 PHE A CZ  1 
ATOM   351  N N   . ASP A 1 49  ? -10.84204 -4.72567  15.70007  1.000 17.59000 ?  1127 ASP A N   1 
ATOM   352  C CA  . ASP A 1 49  ? -12.17867 -4.19005  15.92872  1.000 19.09000 ?  1127 ASP A CA  1 
ATOM   353  C C   . ASP A 1 49  ? -12.45990 -2.97762  15.05404  1.000 19.79000 ?  1127 ASP A C   1 
ATOM   354  O O   . ASP A 1 49  ? -13.62794 -2.67242  14.79067  1.000 25.06000 ?  1127 ASP A O   1 
ATOM   355  C CB  . ASP A 1 49  ? -12.36774 -3.80896  17.40322  1.000 25.28000 ?  1127 ASP A CB  1 
ATOM   356  C CG  . ASP A 1 49  ? -12.00454 -4.93496  18.35484  1.000 30.74000 ?  1127 ASP A CG  1 
ATOM   357  O OD1 . ASP A 1 49  ? -11.74290 -4.64604  19.54165  1.000 37.32000 ?  1127 ASP A OD1 1 
ATOM   358  O OD2 . ASP A 1 49  ? -11.97872 -6.10537  17.92373  1.000 36.30000 -1 1127 ASP A OD2 1 
ATOM   359  N N   . ILE A 1 50  ? -11.42035 -2.28661  14.59287  1.000 16.91000 ?  1128 ILE A N   1 
ATOM   360  C CA  . ILE A 1 50  ? -11.56577 -1.08331  13.78937  1.000 16.33000 ?  1128 ILE A CA  1 
ATOM   361  C C   . ILE A 1 50  ? -11.24568 -1.34181  12.32156  1.000 13.40000 ?  1128 ILE A C   1 
ATOM   362  O O   . ILE A 1 50  ? -11.92261 -0.81979  11.43313  1.000 16.45000 ?  1128 ILE A O   1 
ATOM   363  C CB  . ILE A 1 50  ? -10.67134 0.04479   14.35759  1.000 17.18000 ?  1128 ILE A CB  1 
ATOM   364  C CG1 . ILE A 1 50  ? -11.09246 0.38103   15.78848  1.000 23.34000 ?  1128 ILE A CG1 1 
ATOM   365  C CG2 . ILE A 1 50  ? -10.69176 1.29239   13.45118  1.000 17.58000 ?  1128 ILE A CG2 1 
ATOM   366  C CD1 . ILE A 1 50  ? -12.12138 1.47434   15.85784  1.000 33.58000 ?  1128 ILE A CD1 1 
ATOM   367  N N   . VAL A 1 51  ? -10.19816 -2.11776  12.05535  1.000 13.88000 ?  1129 VAL A N   1 
ATOM   368  C CA  . VAL A 1 51  ? -9.69542  -2.36853  10.71301  1.000 13.97000 ?  1129 VAL A CA  1 
ATOM   369  C C   . VAL A 1 51  ? -10.07319 -3.79400  10.34228  1.000 12.97000 ?  1129 VAL A C   1 
ATOM   370  O O   . VAL A 1 51  ? -9.46765  -4.75605  10.83083  1.000 14.67000 ?  1129 VAL A O   1 
ATOM   371  C CB  . VAL A 1 51  ? -8.17957  -2.15066  10.63122  1.000 11.18000 ?  1129 VAL A CB  1 
ATOM   372  C CG1 . VAL A 1 51  ? -7.65996  -2.51886  9.25387   1.000 11.48000 ?  1129 VAL A CG1 1 
ATOM   373  C CG2 . VAL A 1 51  ? -7.85157  -0.69250  10.94290  1.000 14.64000 ?  1129 VAL A CG2 1 
ATOM   374  N N   . LYS A 1 52  ? -11.06930 -3.92729  9.46976   1.000 12.47000 ?  1130 LYS A N   1 
ATOM   375  C CA  . LYS A 1 52  ? -11.56289 -5.24010  9.08779   1.000 13.77000 ?  1130 LYS A CA  1 
ATOM   376  C C   . LYS A 1 52  ? -10.94293 -5.76410  7.80579   1.000 12.82000 ?  1130 LYS A C   1 
ATOM   377  O O   . LYS A 1 52  ? -11.03916 -6.96609  7.54260   1.000 13.10000 ?  1130 LYS A O   1 
ATOM   378  C CB  . LYS A 1 52  ? -13.08866 -5.21053  8.93044   1.000 19.57000 ?  1130 LYS A CB  1 
ATOM   379  C CG  . LYS A 1 52  ? -13.84642 -4.88628  10.21622  1.000 23.18000 ?  1130 LYS A CG  1 
ATOM   380  C CD  . LYS A 1 52  ? -13.63204 -5.96460  11.26093  1.000 23.13000 ?  1130 LYS A CD  1 
ATOM   381  C CE  . LYS A 1 52  ? -14.48247 -5.70349  12.50304  1.000 24.90000 ?  1130 LYS A CE  1 
ATOM   382  N NZ  . LYS A 1 52  ? -14.16413 -6.66352  13.59269  1.000 29.79000 ?  1130 LYS A NZ  1 
ATOM   383  N N   . ASN A 1 53  ? -10.28727 -4.91774  7.01649   1.000 12.30000 ?  1131 ASN A N   1 
ATOM   384  C CA  . ASN A 1 53  ? -9.60030  -5.34544  5.80025   1.000 9.76000  ?  1131 ASN A CA  1 
ATOM   385  C C   . ASN A 1 53  ? -8.16233  -4.85076  5.83642   1.000 10.68000 ?  1131 ASN A C   1 
ATOM   386  O O   . ASN A 1 53  ? -7.79043  -3.90968  5.12057   1.000 9.83000  ?  1131 ASN A O   1 
ATOM   387  C CB  . ASN A 1 53  ? -10.34154 -4.86256  4.55458   1.000 12.82000 ?  1131 ASN A CB  1 
ATOM   388  C CG  . ASN A 1 53  ? -11.73027 -5.45208  4.45491   1.000 15.73000 ?  1131 ASN A CG  1 
ATOM   389  O OD1 . ASN A 1 53  ? -12.73029 -4.75013  4.61177   1.000 20.62000 ?  1131 ASN A OD1 1 
ATOM   390  N ND2 . ASN A 1 53  ? -11.79887 -6.74792  4.21218   1.000 12.80000 ?  1131 ASN A ND2 1 
ATOM   391  N N   . PRO A 1 54  ? -7.31944  -5.48512  6.65035   1.000 9.64000  ?  1132 PRO A N   1 
ATOM   392  C CA  A PRO A 1 54  ? -5.91973  -5.05454  6.74342   0.400 8.82000  ?  1132 PRO A CA  1 
ATOM   393  C CA  B PRO A 1 54  ? -5.91888  -5.05657  6.74379   0.600 8.78000  ?  1132 PRO A CA  1 
ATOM   394  C C   . PRO A 1 54  ? -5.20323  -5.16091  5.40450   1.000 9.73000  ?  1132 PRO A C   1 
ATOM   395  O O   . PRO A 1 54  ? -5.51360  -6.00865  4.56636   1.000 11.15000 ?  1132 PRO A O   1 
ATOM   396  C CB  A PRO A 1 54  ? -5.31443  -6.01716  7.77439   0.400 10.81000 ?  1132 PRO A CB  1 
ATOM   397  C CB  B PRO A 1 54  ? -5.31278  -6.02193  7.77147   0.600 10.83000 ?  1132 PRO A CB  1 
ATOM   398  C CG  A PRO A 1 54  ? -6.48467  -6.57205  8.53519   0.400 10.13000 ?  1132 PRO A CG  1 
ATOM   399  C CG  B PRO A 1 54  ? -6.25718  -7.19331  7.82207   0.600 9.51000  ?  1132 PRO A CG  1 
ATOM   400  C CD  A PRO A 1 54  ? -7.61263  -6.62107  7.54444   0.400 10.47000 ?  1132 PRO A CD  1 
ATOM   401  C CD  B PRO A 1 54  ? -7.61579  -6.62641  7.53599   0.600 10.46000 ?  1132 PRO A CD  1 
ATOM   402  N N   . MET A 1 55  ? -4.22894  -4.28081  5.21332   1.000 8.21000  ?  1133 MET A N   1 
ATOM   403  C CA  . MET A 1 55  ? -3.40726  -4.28692  4.01636   1.000 7.59000  ?  1133 MET A CA  1 
ATOM   404  C C   . MET A 1 55  ? -2.05824  -3.67434  4.36913   1.000 9.98000  ?  1133 MET A C   1 
ATOM   405  O O   . MET A 1 55  ? -1.97719  -2.75539  5.19209   1.000 10.16000 ?  1133 MET A O   1 
ATOM   406  C CB  . MET A 1 55  ? -4.10119  -3.52272  2.87903   1.000 9.07000  ?  1133 MET A CB  1 
ATOM   407  C CG  . MET A 1 55  ? -3.42878  -3.62131  1.52788   1.000 9.86000  ?  1133 MET A CG  1 
ATOM   408  S SD  . MET A 1 55  ? -3.20153  -5.31107  0.93497   1.000 10.58000 ?  1133 MET A SD  1 
ATOM   409  C CE  . MET A 1 55  ? -4.87808  -5.94354  0.97179   1.000 11.32000 ?  1133 MET A CE  1 
ATOM   410  N N   . ASP A 1 56  ? -1.00405  -4.18246  3.73909   1.000 9.19000  ?  1134 ASP A N   1 
ATOM   411  C CA  . ASP A 1 56  ? 0.34934   -3.68980  3.98894   1.000 8.18000  ?  1134 ASP A CA  1 
ATOM   412  C C   . ASP A 1 56  ? 1.19040   -3.93154  2.74245   1.000 8.79000  ?  1134 ASP A C   1 
ATOM   413  O O   . ASP A 1 56  ? 0.75538   -4.59722  1.79318   1.000 9.11000  ?  1134 ASP A O   1 
ATOM   414  C CB  . ASP A 1 56  ? 0.98600   -4.37321  5.20128   1.000 9.29000  ?  1134 ASP A CB  1 
ATOM   415  C CG  . ASP A 1 56  ? 1.45047   -5.76893  4.87949   1.000 12.04000 ?  1134 ASP A CG  1 
ATOM   416  O OD1 . ASP A 1 56  ? 0.58098   -6.61224  4.60705   1.000 12.32000 ?  1134 ASP A OD1 1 
ATOM   417  O OD2 . ASP A 1 56  ? 2.67060   -6.00311  4.85694   1.000 11.59000 -1 1134 ASP A OD2 1 
ATOM   418  N N   . LEU A 1 57  ? 2.42243   -3.41189  2.76619   1.000 8.55000  ?  1135 LEU A N   1 
ATOM   419  C CA  . LEU A 1 57  ? 3.27691   -3.48094  1.58018   1.000 7.80000  ?  1135 LEU A CA  1 
ATOM   420  C C   . LEU A 1 57  ? 3.55490   -4.91933  1.15487   1.000 10.24000 ?  1135 LEU A C   1 
ATOM   421  O O   . LEU A 1 57  ? 3.56504   -5.22099  -0.04165  1.000 9.82000  ?  1135 LEU A O   1 
ATOM   422  C CB  . LEU A 1 57  ? 4.59611   -2.74058  1.82931   1.000 8.78000  ?  1135 LEU A CB  1 
ATOM   423  C CG  . LEU A 1 57  ? 4.43731   -1.23850  2.01368   1.000 7.60000  ?  1135 LEU A CG  1 
ATOM   424  C CD1 . LEU A 1 57  ? 5.77167   -0.62359  2.38581   1.000 9.67000  ?  1135 LEU A CD1 1 
ATOM   425  C CD2 . LEU A 1 57  ? 3.88582   -0.56338  0.74934   1.000 11.52000 ?  1135 LEU A CD2 1 
ATOM   426  N N   . SER A 1 58  ? 3.76799   -5.82589  2.11216   1.000 7.65000  ?  1136 SER A N   1 
ATOM   427  C CA  . SER A 1 58  ? 4.14382   -7.18932  1.74559   1.000 8.97000  ?  1136 SER A CA  1 
ATOM   428  C C   . SER A 1 58  ? 2.97192   -7.94315  1.14652   1.000 9.22000  ?  1136 SER A C   1 
ATOM   429  O O   . SER A 1 58  ? 3.17756   -8.79354  0.27798   1.000 10.55000 ?  1136 SER A O   1 
ATOM   430  C CB  . SER A 1 58  ? 4.70861   -7.92313  2.96812   1.000 10.49000 ?  1136 SER A CB  1 
ATOM   431  O OG  . SER A 1 58  ? 3.70443   -8.21663  3.92873   1.000 11.57000 ?  1136 SER A OG  1 
ATOM   432  N N   . THR A 1 59  ? 1.74953   -7.64601  1.58567   1.000 9.14000  ?  1137 THR A N   1 
ATOM   433  C CA  . THR A 1 59  ? 0.58836   -8.28870  0.97803   1.000 8.75000  ?  1137 THR A CA  1 
ATOM   434  C C   . THR A 1 59  ? 0.40233   -7.79946  -0.45330  1.000 9.21000  ?  1137 THR A C   1 
ATOM   435  O O   . THR A 1 59  ? 0.13804   -8.59655  -1.36712  1.000 9.82000  ?  1137 THR A O   1 
ATOM   436  C CB  . THR A 1 59  ? -0.64462  -8.00888  1.83343   1.000 9.47000  ?  1137 THR A CB  1 
ATOM   437  O OG1 . THR A 1 59  ? -0.44577  -8.59529  3.12990   1.000 13.00000 ?  1137 THR A OG1 1 
ATOM   438  C CG2 . THR A 1 59  ? -1.89264  -8.61371  1.22320   1.000 13.23000 ?  1137 THR A CG2 1 
ATOM   439  N N   . ILE A 1 60  ? 0.58399   -6.49502  -0.67248  1.000 8.61000  ?  1138 ILE A N   1 
ATOM   440  C CA  . ILE A 1 60  ? 0.44892   -5.92590  -2.01045  1.000 8.39000  ?  1138 ILE A CA  1 
ATOM   441  C C   . ILE A 1 60  ? 1.51244   -6.49602  -2.93439  1.000 11.33000 ?  1138 ILE A C   1 
ATOM   442  O O   . ILE A 1 60  ? 1.23287   -6.84179  -4.08995  1.000 11.20000 ?  1138 ILE A O   1 
ATOM   443  C CB  . ILE A 1 60  ? 0.52651   -4.38801  -1.94028  1.000 7.86000  ?  1138 ILE A CB  1 
ATOM   444  C CG1 . ILE A 1 60  ? -0.65902  -3.81961  -1.16186  1.000 9.58000  ?  1138 ILE A CG1 1 
ATOM   445  C CG2 . ILE A 1 60  ? 0.54926   -3.79821  -3.33581  1.000 10.95000 ?  1138 ILE A CG2 1 
ATOM   446  C CD1 . ILE A 1 60  ? -0.49673  -2.33699  -0.78070  1.000 9.34000  ?  1138 ILE A CD1 1 
ATOM   447  N N   . LYS A 1 61  ? 2.74426   -6.62070  -2.43433  1.000 9.76000  ?  1139 LYS A N   1 
ATOM   448  C CA  . LYS A 1 61  ? 3.82084   -7.19940  -3.22894  1.000 9.66000  ?  1139 LYS A CA  1 
ATOM   449  C C   . LYS A 1 61  ? 3.48141   -8.61876  -3.65913  1.000 9.76000  ?  1139 LYS A C   1 
ATOM   450  O O   . LYS A 1 61  ? 3.67561   -8.97646  -4.82062  1.000 10.79000 ?  1139 LYS A O   1 
ATOM   451  C CB  . LYS A 1 61  ? 5.13067   -7.18112  -2.43735  1.000 11.87000 ?  1139 LYS A CB  1 
ATOM   452  C CG  . LYS A 1 61  ? 6.32805   -7.69928  -3.21573  1.000 13.20000 ?  1139 LYS A CG  1 
ATOM   453  C CD  . LYS A 1 61  ? 7.58480   -7.69415  -2.35332  1.000 19.59000 ?  1139 LYS A CD  1 
ATOM   454  C CE  . LYS A 1 61  ? 8.81803   -8.02924  -3.18350  1.000 26.05000 ?  1139 LYS A CE  1 
ATOM   455  N NZ  . LYS A 1 61  ? 8.82343   -9.45822  -3.58322  1.000 34.81000 ?  1139 LYS A NZ  1 
ATOM   456  N N   . ARG A 1 62  ? 2.95365   -9.43193  -2.74047  1.000 9.81000  ?  1140 ARG A N   1 
ATOM   457  C CA  . ARG A 1 62  ? 2.62270   -10.81449 -3.08094  1.000 11.05000 ?  1140 ARG A CA  1 
ATOM   458  C C   . ARG A 1 62  ? 1.51727   -10.87623 -4.12266  1.000 13.24000 ?  1140 ARG A C   1 
ATOM   459  O O   . ARG A 1 62  ? 1.56180   -11.71512 -5.03197  1.000 11.24000 ?  1140 ARG A O   1 
ATOM   460  C CB  . ARG A 1 62  ? 2.22349   -11.58150 -1.82506  1.000 11.41000 ?  1140 ARG A CB  1 
ATOM   461  C CG  . ARG A 1 62  ? 2.07570   -13.07939 -2.04435  1.000 11.63000 ?  1140 ARG A CG  1 
ATOM   462  C CD  . ARG A 1 62  ? 1.80876   -13.79210 -0.72008  1.000 14.54000 ?  1140 ARG A CD  1 
ATOM   463  N NE  . ARG A 1 62  ? 2.88980   -13.57520 0.23939   1.000 14.57000 ?  1140 ARG A NE  1 
ATOM   464  C CZ  . ARG A 1 62  ? 2.79639   -12.82838 1.33708   1.000 14.03000 ?  1140 ARG A CZ  1 
ATOM   465  N NH1 . ARG A 1 62  ? 1.65983   -12.22219 1.64820   1.000 19.72000 ?  1140 ARG A NH1 1 
ATOM   466  N NH2 . ARG A 1 62  ? 3.84443   -12.69345 2.13228   1.000 15.20000 ?  1140 ARG A NH2 1 
ATOM   467  N N   . LYS A 1 63  ? 0.51365   -9.99636  -4.00648  1.000 9.93000  ?  1141 LYS A N   1 
ATOM   468  C CA  . LYS A 1 63  ? -0.55211  -9.95116  -5.00391  1.000 11.25000 ?  1141 LYS A CA  1 
ATOM   469  C C   . LYS A 1 63  ? -0.01478  -9.52073  -6.36674  1.000 12.13000 ?  1141 LYS A C   1 
ATOM   470  O O   . LYS A 1 63  ? -0.43071  -10.06015 -7.39780  1.000 11.98000 ?  1141 LYS A O   1 
ATOM   471  C CB  . LYS A 1 63  ? -1.68233  -9.04005  -4.52055  1.000 12.13000 ?  1141 LYS A CB  1 
ATOM   472  C CG  . LYS A 1 63  ? -2.42263  -9.62710  -3.31625  1.000 12.66000 ?  1141 LYS A CG  1 
ATOM   473  C CD  . LYS A 1 63  ? -3.49765  -8.69761  -2.75997  1.000 10.80000 ?  1141 LYS A CD  1 
ATOM   474  C CE  . LYS A 1 63  ? -4.70315  -8.66097  -3.67523  1.000 12.80000 ?  1141 LYS A CE  1 
ATOM   475  N NZ  . LYS A 1 63  ? -5.85087  -7.94220  -3.02648  1.000 13.80000 ?  1141 LYS A NZ  1 
ATOM   476  N N   . LEU A 1 64  ? 0.93156   -8.57685  -6.39631  1.000 10.43000 ?  1142 LEU A N   1 
ATOM   477  C CA  A LEU A 1 64  ? 1.58130   -8.21583  -7.65215  0.540 11.04000 ?  1142 LEU A CA  1 
ATOM   478  C CA  B LEU A 1 64  ? 1.57266   -8.21761  -7.65549  0.460 11.05000 ?  1142 LEU A CA  1 
ATOM   479  C C   . LEU A 1 64  ? 2.36949   -9.38633  -8.22548  1.000 14.18000 ?  1142 LEU A C   1 
ATOM   480  O O   . LEU A 1 64  ? 2.32227   -9.64907  -9.43532  1.000 16.72000 ?  1142 LEU A O   1 
ATOM   481  C CB  A LEU A 1 64  ? 2.50886   -7.01601  -7.44044  0.540 13.38000 ?  1142 LEU A CB  1 
ATOM   482  C CB  B LEU A 1 64  ? 2.47113   -6.99547  -7.44866  0.460 13.38000 ?  1142 LEU A CB  1 
ATOM   483  C CG  A LEU A 1 64  ? 2.04481   -5.61681  -7.83006  0.540 15.80000 ?  1142 LEU A CG  1 
ATOM   484  C CG  B LEU A 1 64  ? 2.81986   -6.16182  -8.67646  0.460 16.01000 ?  1142 LEU A CG  1 
ATOM   485  C CD1 A LEU A 1 64  ? 3.11761   -4.63389  -7.43612  0.540 10.39000 ?  1142 LEU A CD1 1 
ATOM   486  C CD1 B LEU A 1 64  ? 1.55670   -5.68670  -9.37646  0.460 14.95000 ?  1142 LEU A CD1 1 
ATOM   487  C CD2 A LEU A 1 64  ? 1.75073   -5.52582  -9.31873  0.540 15.14000 ?  1142 LEU A CD2 1 
ATOM   488  C CD2 B LEU A 1 64  ? 3.68063   -4.97538  -8.27040  0.460 14.21000 ?  1142 LEU A CD2 1 
ATOM   489  N N   . ASP A 1 65  ? 3.08958   -10.11559 -7.36406  1.000 11.22000 ?  1143 ASP A N   1 
ATOM   490  C CA  . ASP A 1 65  ? 3.92485   -11.22052 -7.81675  1.000 11.28000 ?  1143 ASP A CA  1 
ATOM   491  C C   . ASP A 1 65  ? 3.11156   -12.41397 -8.30493  1.000 13.19000 ?  1143 ASP A C   1 
ATOM   492  O O   . ASP A 1 65  ? 3.65615   -13.24661 -9.03711  1.000 18.50000 ?  1143 ASP A O   1 
ATOM   493  C CB  . ASP A 1 65  ? 4.84257   -11.66897 -6.68460  1.000 11.82000 ?  1143 ASP A CB  1 
ATOM   494  C CG  . ASP A 1 65  ? 5.99783   -10.72178 -6.44813  1.000 17.72000 ?  1143 ASP A CG  1 
ATOM   495  O OD1 . ASP A 1 65  ? 6.30754   -9.91778  -7.35538  1.000 22.25000 ?  1143 ASP A OD1 1 
ATOM   496  O OD2 . ASP A 1 65  ? 6.59420   -10.78139 -5.34403  1.000 18.71000 -1 1143 ASP A OD2 1 
ATOM   497  N N   . THR A 1 66  ? 1.84370   -12.52841 -7.90306  1.000 12.34000 ?  1144 THR A N   1 
ATOM   498  C CA  . THR A 1 66  ? 0.97499   -13.63643 -8.28721  1.000 13.27000 ?  1144 THR A CA  1 
ATOM   499  C C   . THR A 1 66  ? -0.12584  -13.22747 -9.25686  1.000 19.26000 ?  1144 THR A C   1 
ATOM   500  O O   . THR A 1 66  ? -1.07976  -13.98926 -9.45264  1.000 19.63000 ?  1144 THR A O   1 
ATOM   501  C CB  . THR A 1 66  ? 0.33620   -14.27147 -7.05385  1.000 12.76000 ?  1144 THR A CB  1 
ATOM   502  O OG1 . THR A 1 66  ? -0.34968  -13.25953 -6.30304  1.000 12.23000 ?  1144 THR A OG1 1 
ATOM   503  C CG2 . THR A 1 66  ? 1.38729   -14.90253 -6.18067  1.000 12.62000 ?  1144 THR A CG2 1 
ATOM   504  N N   . GLY A 1 67  ? -0.04338  -12.03959 -9.84573  1.000 13.67000 ?  1145 GLY A N   1 
ATOM   505  C CA  . GLY A 1 67  ? -0.99907  -11.66215 -10.87367 1.000 15.42000 ?  1145 GLY A CA  1 
ATOM   506  C C   . GLY A 1 67  ? -2.41850  -11.42327 -10.39830 1.000 16.17000 ?  1145 GLY A C   1 
ATOM   507  O O   . GLY A 1 67  ? -3.35846  -11.56719 -11.18667 1.000 22.89000 ?  1145 GLY A O   1 
ATOM   508  N N   . GLN A 1 68  ? -2.59721  -11.01554 -9.13666  1.000 15.75000 ?  1146 GLN A N   1 
ATOM   509  C CA  . GLN A 1 68  ? -3.92928  -10.80534 -8.57528  1.000 17.15000 ?  1146 GLN A CA  1 
ATOM   510  C C   . GLN A 1 68  ? -4.60631  -9.55729  -9.10555  1.000 24.98000 ?  1146 GLN A C   1 
ATOM   511  O O   . GLN A 1 68  ? -5.82773  -9.41879  -8.96923  1.000 27.25000 ?  1146 GLN A O   1 
ATOM   512  C CB  . GLN A 1 68  ? -3.85158  -10.69945 -7.05519  1.000 23.97000 ?  1146 GLN A CB  1 
ATOM   513  C CG  . GLN A 1 68  ? -3.56390  -11.99032 -6.37273  1.000 21.99000 ?  1146 GLN A CG  1 
ATOM   514  C CD  . GLN A 1 68  ? -4.40335  -13.11713 -6.90423  1.000 24.34000 ?  1146 GLN A CD  1 
ATOM   515  O OE1 . GLN A 1 68  ? -3.87938  -14.15423 -7.29996  1.000 28.82000 ?  1146 GLN A OE1 1 
ATOM   516  N NE2 . GLN A 1 68  ? -5.72365  -12.92669 -6.91777  1.000 22.48000 ?  1146 GLN A NE2 1 
ATOM   517  N N   . TYR A 1 69  ? -3.85070  -8.62848  -9.65879  1.000 16.83000 ?  1147 TYR A N   1 
ATOM   518  C CA  . TYR A 1 69  ? -4.41684  -7.39832  -10.18356 1.000 22.98000 ?  1147 TYR A CA  1 
ATOM   519  C C   . TYR A 1 69  ? -4.55282  -7.54780  -11.69008 1.000 23.77000 ?  1147 TYR A C   1 
ATOM   520  O O   . TYR A 1 69  ? -3.56117  -7.79120  -12.38295 1.000 32.36000 ?  1147 TYR A O   1 
ATOM   521  C CB  . TYR A 1 69  ? -3.53719  -6.20700  -9.82336  1.000 20.39000 ?  1147 TYR A CB  1 
ATOM   522  C CG  . TYR A 1 69  ? -3.27702  -6.04741  -8.33377  1.000 15.18000 ?  1147 TYR A CG  1 
ATOM   523  C CD1 . TYR A 1 69  ? -4.32232  -5.85797  -7.44039  1.000 10.65000 ?  1147 TYR A CD1 1 
ATOM   524  C CD2 . TYR A 1 69  ? -1.98975  -6.08460  -7.83220  1.000 14.61000 ?  1147 TYR A CD2 1 
ATOM   525  C CE1 . TYR A 1 69  ? -4.08151  -5.70384  -6.08061  1.000 12.13000 ?  1147 TYR A CE1 1 
ATOM   526  C CE2 . TYR A 1 69  ? -1.74021  -5.93360  -6.48258  1.000 13.03000 ?  1147 TYR A CE2 1 
ATOM   527  C CZ  . TYR A 1 69  ? -2.78377  -5.73512  -5.61353  1.000 11.62000 ?  1147 TYR A CZ  1 
ATOM   528  O OH  . TYR A 1 69  ? -2.53390  -5.58822  -4.26286  1.000 12.31000 ?  1147 TYR A OH  1 
ATOM   529  N N   . GLN A 1 70  ? -5.77762  -7.43222  -12.18879 1.000 23.64000 ?  1148 GLN A N   1 
ATOM   530  C CA  . GLN A 1 70  ? -5.99869  -7.42326  -13.62678 1.000 21.24000 ?  1148 GLN A CA  1 
ATOM   531  C C   . GLN A 1 70  ? -5.89875  -6.02014  -14.20853 1.000 24.33000 ?  1148 GLN A C   1 
ATOM   532  O O   . GLN A 1 70  ? -5.57144  -5.86658  -15.39176 1.000 24.86000 ?  1148 GLN A O   1 
ATOM   533  C CB  . GLN A 1 70  ? -7.36611  -8.03331  -13.95062 1.000 24.31000 ?  1148 GLN A CB  1 
ATOM   534  C CG  . GLN A 1 70  ? -7.49947  -9.51189  -13.58770 1.000 31.87000 ?  1148 GLN A CG  1 
ATOM   535  C CD  . GLN A 1 70  ? -8.02286  -9.72415  -12.18042 1.000 33.43000 ?  1148 GLN A CD  1 
ATOM   536  O OE1 . GLN A 1 70  ? -7.48789  -10.53511 -11.42380 1.000 39.88000 ?  1148 GLN A OE1 1 
ATOM   537  N NE2 . GLN A 1 70  ? -9.07345  -8.99411  -11.81997 1.000 31.56000 ?  1148 GLN A NE2 1 
ATOM   538  N N   . GLU A 1 71  ? -6.15315  -4.99685  -13.39587 1.000 19.95000 ?  1149 GLU A N   1 
ATOM   539  C CA  . GLU A 1 71  ? -6.13046  -3.60947  -13.82838 1.000 21.18000 ?  1149 GLU A CA  1 
ATOM   540  C C   . GLU A 1 71  ? -5.24444  -2.79486  -12.90256 1.000 17.71000 ?  1149 GLU A C   1 
ATOM   541  O O   . GLU A 1 71  ? -5.13362  -3.10714  -11.71196 1.000 17.22000 ?  1149 GLU A O   1 
ATOM   542  C CB  . GLU A 1 71  ? -7.54213  -3.00320  -13.84114 1.000 20.04000 ?  1149 GLU A CB  1 
ATOM   543  C CG  . GLU A 1 71  ? -8.62338  -3.93204  -14.36825 1.000 22.97000 ?  1149 GLU A CG  1 
ATOM   544  C CD  . GLU A 1 71  ? -8.63210  -3.99441  -15.87595 1.000 27.79000 ?  1149 GLU A CD  1 
ATOM   545  O OE1 . GLU A 1 71  ? -8.00293  -3.12052  -16.51416 1.000 26.92000 ?  1149 GLU A OE1 1 
ATOM   546  O OE2 . GLU A 1 71  ? -9.25404  -4.92893  -16.42492 1.000 31.01000 -1 1149 GLU A OE2 1 
ATOM   547  N N   . PRO A 1 72  ? -4.59673  -1.74892  -13.42340 1.000 18.63000 ?  1150 PRO A N   1 
ATOM   548  C CA  . PRO A 1 72  ? -3.78737  -0.88537  -12.54871 1.000 18.38000 ?  1150 PRO A CA  1 
ATOM   549  C C   . PRO A 1 72  ? -4.56782  -0.32222  -11.37507 1.000 15.08000 ?  1150 PRO A C   1 
ATOM   550  O O   . PRO A 1 72  ? -4.02483  -0.22822  -10.26351 1.000 13.55000 ?  1150 PRO A O   1 
ATOM   551  C CB  . PRO A 1 72  ? -3.30854  0.21930   -13.50124 1.000 21.25000 ?  1150 PRO A CB  1 
ATOM   552  C CG  . PRO A 1 72  ? -3.35102  -0.41720  -14.86301 1.000 20.55000 ?  1150 PRO A CG  1 
ATOM   553  C CD  . PRO A 1 72  ? -4.53592  -1.32516  -14.83494 1.000 20.30000 ?  1150 PRO A CD  1 
ATOM   554  N N   . TRP A 1 73  ? -5.83583  0.03822   -11.57286 1.000 14.45000 ?  1151 TRP A N   1 
ATOM   555  C CA  . TRP A 1 73  ? -6.58222  0.64940   -10.48048 1.000 11.75000 ?  1151 TRP A CA  1 
ATOM   556  C C   . TRP A 1 73  ? -6.82057  -0.31811  -9.32548  1.000 12.14000 ?  1151 TRP A C   1 
ATOM   557  O O   . TRP A 1 73  ? -7.03749  0.12512   -8.19273  1.000 11.64000 ?  1151 TRP A O   1 
ATOM   558  C CB  . TRP A 1 73  ? -7.90149  1.24030   -11.00631 1.000 12.60000 ?  1151 TRP A CB  1 
ATOM   559  C CG  . TRP A 1 73  ? -8.84166  0.26165   -11.62571 1.000 16.37000 ?  1151 TRP A CG  1 
ATOM   560  C CD1 . TRP A 1 73  ? -8.97768  -0.00976  -12.95551 1.000 17.17000 ?  1151 TRP A CD1 1 
ATOM   561  C CD2 . TRP A 1 73  ? -9.80290  -0.54923  -10.94672 1.000 16.52000 ?  1151 TRP A CD2 1 
ATOM   562  N NE1 . TRP A 1 73  ? -9.95429  -0.95703  -13.14251 1.000 18.87000 ?  1151 TRP A NE1 1 
ATOM   563  C CE2 . TRP A 1 73  ? -10.47468 -1.30902  -11.92660 1.000 17.48000 ?  1151 TRP A CE2 1 
ATOM   564  C CE3 . TRP A 1 73  ? -10.15573 -0.71693  -9.60584  1.000 17.62000 ?  1151 TRP A CE3 1 
ATOM   565  C CZ2 . TRP A 1 73  ? -11.48044 -2.21598  -11.60654 1.000 19.55000 ?  1151 TRP A CZ2 1 
ATOM   566  C CZ3 . TRP A 1 73  ? -11.15629 -1.61966  -9.28803  1.000 22.67000 ?  1151 TRP A CZ3 1 
ATOM   567  C CH2 . TRP A 1 73  ? -11.80548 -2.35885  -10.28498 1.000 21.62000 ?  1151 TRP A CH2 1 
ATOM   568  N N   . GLN A 1 74  ? -6.76595  -1.63296  -9.57276  1.000 12.35000 ?  1152 GLN A N   1 
ATOM   569  C CA  . GLN A 1 74  ? -6.93393  -2.58375  -8.48191  1.000 13.25000 ?  1152 GLN A CA  1 
ATOM   570  C C   . GLN A 1 74  ? -5.73158  -2.56074  -7.54805  1.000 9.46000  ?  1152 GLN A C   1 
ATOM   571  O O   . GLN A 1 74  ? -5.88516  -2.67331  -6.32692  1.000 11.76000 ?  1152 GLN A O   1 
ATOM   572  C CB  . GLN A 1 74  ? -7.16736  -3.99130  -9.03601  1.000 13.88000 ?  1152 GLN A CB  1 
ATOM   573  C CG  . GLN A 1 74  ? -8.49677  -4.11476  -9.78247  1.000 14.91000 ?  1152 GLN A CG  1 
ATOM   574  C CD  . GLN A 1 74  ? -8.60558  -5.41661  -10.55132 1.000 21.40000 ?  1152 GLN A CD  1 
ATOM   575  O OE1 . GLN A 1 74  ? -7.61051  -5.93757  -11.04166 1.000 20.24000 ?  1152 GLN A OE1 1 
ATOM   576  N NE2 . GLN A 1 74  ? -9.81790  -5.95038  -10.64587 1.000 29.73000 ?  1152 GLN A NE2 1 
ATOM   577  N N   . TYR A 1 75  ? -4.52842  -2.43418  -8.11340  1.000 10.94000 ?  1153 TYR A N   1 
ATOM   578  C CA  . TYR A 1 75  ? -3.32932  -2.24445  -7.30326  1.000 10.37000 ?  1153 TYR A CA  1 
ATOM   579  C C   . TYR A 1 75  ? -3.40675  -0.93568  -6.52140  1.000 9.72000  ?  1153 TYR A C   1 
ATOM   580  O O   . TYR A 1 75  ? -3.15789  -0.90761  -5.31159  1.000 9.78000  ?  1153 TYR A O   1 
ATOM   581  C CB  . TYR A 1 75  ? -2.09434  -2.28476  -8.20354  1.000 11.78000 ?  1153 TYR A CB  1 
ATOM   582  C CG  . TYR A 1 75  ? -0.84125  -1.67275  -7.61925  1.000 10.37000 ?  1153 TYR A CG  1 
ATOM   583  C CD1 . TYR A 1 75  ? -0.05544  -2.38769  -6.72022  1.000 11.15000 ?  1153 TYR A CD1 1 
ATOM   584  C CD2 . TYR A 1 75  ? -0.42953  -0.39587  -7.97526  1.000 11.03000 ?  1153 TYR A CD2 1 
ATOM   585  C CE1 . TYR A 1 75  ? 1.09169   -1.83806  -6.17734  1.000 10.00000 ?  1153 TYR A CE1 1 
ATOM   586  C CE2 . TYR A 1 75  ? 0.71855   0.15449   -7.44124  1.000 10.04000 ?  1153 TYR A CE2 1 
ATOM   587  C CZ  . TYR A 1 75  ? 1.47910   -0.56731  -6.54596  1.000 9.83000  ?  1153 TYR A CZ  1 
ATOM   588  O OH  . TYR A 1 75  ? 2.62573   -0.01469  -6.01507  1.000 12.88000 ?  1153 TYR A OH  1 
ATOM   589  N N   . VAL A 1 76  ? -3.78974  0.15548   -7.19776  1.000 10.22000 ?  1154 VAL A N   1 
ATOM   590  C CA  . VAL A 1 76  ? -3.89736  1.45167   -6.53303  1.000 10.76000 ?  1154 VAL A CA  1 
ATOM   591  C C   . VAL A 1 76  ? -4.89047  1.38050   -5.38397  1.000 9.58000  ?  1154 VAL A C   1 
ATOM   592  O O   . VAL A 1 76  ? -4.66541  1.95033   -4.30866  1.000 9.95000  ?  1154 VAL A O   1 
ATOM   593  C CB  . VAL A 1 76  ? -4.29251  2.52729   -7.55727  1.000 9.27000  ?  1154 VAL A CB  1 
ATOM   594  C CG1 . VAL A 1 76  ? -4.61061  3.84756   -6.84595  1.000 10.47000 ?  1154 VAL A CG1 1 
ATOM   595  C CG2 . VAL A 1 76  ? -3.19215  2.72362   -8.56207  1.000 12.39000 ?  1154 VAL A CG2 1 
ATOM   596  N N   . ASP A 1 77  ? -5.99634  0.66162   -5.57495  1.000 9.16000  ?  1155 ASP A N   1 
ATOM   597  C CA  . ASP A 1 77  ? -6.99215  0.59501   -4.51787  1.000 9.53000  ?  1155 ASP A CA  1 
ATOM   598  C C   . ASP A 1 77  ? -6.43340  -0.08866  -3.27107  1.000 9.74000  ?  1155 ASP A C   1 
ATOM   599  O O   . ASP A 1 77  ? -6.73598  0.32761   -2.14572  1.000 11.28000 ?  1155 ASP A O   1 
ATOM   600  C CB  . ASP A 1 77  ? -8.26071  -0.10219  -5.01929  1.000 9.61000  ?  1155 ASP A CB  1 
ATOM   601  C CG  . ASP A 1 77  ? -9.09841  0.77858   -5.94940  1.000 13.80000 ?  1155 ASP A CG  1 
ATOM   602  O OD1 . ASP A 1 77  ? -10.12190 0.26619   -6.44879  1.000 17.01000 ?  1155 ASP A OD1 1 
ATOM   603  O OD2 . ASP A 1 77  ? -8.74322  1.95449   -6.17998  1.000 15.48000 -1 1155 ASP A OD2 1 
ATOM   604  N N   . ASP A 1 78  ? -5.58778  -1.11650  -3.44093  1.000 9.35000  ?  1156 ASP A N   1 
ATOM   605  C CA  . ASP A 1 78  ? -4.99942  -1.76018  -2.26343  1.000 9.51000  ?  1156 ASP A CA  1 
ATOM   606  C C   . ASP A 1 78  ? -4.01029  -0.83862  -1.54465  1.000 8.28000  ?  1156 ASP A C   1 
ATOM   607  O O   . ASP A 1 78  ? -3.93677  -0.85125  -0.30339  1.000 8.18000  ?  1156 ASP A O   1 
ATOM   608  C CB  . ASP A 1 78  ? -4.32047  -3.06916  -2.66144  1.000 8.38000  ?  1156 ASP A CB  1 
ATOM   609  C CG  . ASP A 1 78  ? -5.22313  -4.27272  -2.48535  1.000 13.45000 ?  1156 ASP A CG  1 
ATOM   610  O OD1 . ASP A 1 78  ? -6.34866  -4.15532  -1.95276  1.000 13.52000 ?  1156 ASP A OD1 1 
ATOM   611  O OD2 . ASP A 1 78  ? -4.78965  -5.36474  -2.89042  1.000 12.53000 -1 1156 ASP A OD2 1 
ATOM   612  N N   . VAL A 1 79  ? -3.21951  -0.06586  -2.29617  1.000 7.28000  ?  1157 VAL A N   1 
ATOM   613  C CA  . VAL A 1 79  ? -2.31469  0.90504   -1.67038  1.000 7.44000  ?  1157 VAL A CA  1 
ATOM   614  C C   . VAL A 1 79  ? -3.11479  1.89882   -0.84086  1.000 9.07000  ?  1157 VAL A C   1 
ATOM   615  O O   . VAL A 1 79  ? -2.79002  2.17826   0.31902   1.000 8.15000  ?  1157 VAL A O   1 
ATOM   616  C CB  . VAL A 1 79  ? -1.46166  1.61768   -2.73521  1.000 7.97000  ?  1157 VAL A CB  1 
ATOM   617  C CG1 . VAL A 1 79  ? -0.60725  2.69896   -2.07635  1.000 12.05000 ?  1157 VAL A CG1 1 
ATOM   618  C CG2 . VAL A 1 79  ? -0.56931  0.63754   -3.46837  1.000 8.30000  ?  1157 VAL A CG2 1 
ATOM   619  N N   . TRP A 1 80  ? -4.20922  2.41194   -1.40625  1.000 8.93000  ?  1158 TRP A N   1 
ATOM   620  C CA  . TRP A 1 80  ? -5.01844  3.36708   -0.65629  1.000 8.82000  ?  1158 TRP A CA  1 
ATOM   621  C C   . TRP A 1 80  ? -5.81912  2.70778   0.45878   1.000 9.54000  ?  1158 TRP A C   1 
ATOM   622  O O   . TRP A 1 80  ? -6.12874  3.38575   1.43992   1.000 10.84000 ?  1158 TRP A O   1 
ATOM   623  C CB  . TRP A 1 80  ? -5.93924  4.17275   -1.59391  1.000 10.37000 ?  1158 TRP A CB  1 
ATOM   624  C CG  . TRP A 1 80  ? -5.11087  5.24499   -2.26325  1.000 9.36000  ?  1158 TRP A CG  1 
ATOM   625  C CD1 . TRP A 1 80  ? -4.40573  5.12900   -3.42547  1.000 10.72000 ?  1158 TRP A CD1 1 
ATOM   626  C CD2 . TRP A 1 80  ? -4.84820  6.56644   -1.77048  1.000 9.97000  ?  1158 TRP A CD2 1 
ATOM   627  N NE1 . TRP A 1 80  ? -3.73133  6.29501   -3.69696  1.000 11.46000 ?  1158 TRP A NE1 1 
ATOM   628  C CE2 . TRP A 1 80  ? -3.98182  7.18893   -2.69017  1.000 9.48000  ?  1158 TRP A CE2 1 
ATOM   629  C CE3 . TRP A 1 80  ? -5.25949  7.27647   -0.63741  1.000 10.99000 ?  1158 TRP A CE3 1 
ATOM   630  C CZ2 . TRP A 1 80  ? -3.52820  8.50212   -2.52233  1.000 9.63000  ?  1158 TRP A CZ2 1 
ATOM   631  C CZ3 . TRP A 1 80  ? -4.81624  8.58626   -0.47774  1.000 11.25000 ?  1158 TRP A CZ3 1 
ATOM   632  C CH2 . TRP A 1 80  ? -3.94448  9.17042   -1.40681  1.000 11.53000 ?  1158 TRP A CH2 1 
ATOM   633  N N   . LEU A 1 81  ? -6.09956  1.39634   0.37880   1.000 9.37000  ?  1159 LEU A N   1 
ATOM   634  C CA  . LEU A 1 81  ? -6.68644  0.70355   1.52495   1.000 7.68000  ?  1159 LEU A CA  1 
ATOM   635  C C   . LEU A 1 81  ? -5.70707  0.69679   2.69544   1.000 8.52000  ?  1159 LEU A C   1 
ATOM   636  O O   . LEU A 1 81  ? -6.09039  0.96258   3.83931   1.000 9.19000  ?  1159 LEU A O   1 
ATOM   637  C CB  . LEU A 1 81  ? -7.09538  -0.72713  1.13011   1.000 9.26000  ?  1159 LEU A CB  1 
ATOM   638  C CG  . LEU A 1 81  ? -7.52626  -1.64831  2.27003   1.000 9.42000  ?  1159 LEU A CG  1 
ATOM   639  C CD1 . LEU A 1 81  ? -8.74132  -1.07911  2.97582   1.000 11.04000 ?  1159 LEU A CD1 1 
ATOM   640  C CD2 . LEU A 1 81  ? -7.82501  -3.04494  1.71297   1.000 10.80000 ?  1159 LEU A CD2 1 
ATOM   641  N N   . MET A 1 82  ? -4.42663  0.43963   2.40804   1.000 7.73000  ?  1160 MET A N   1 
ATOM   642  C CA  . MET A 1 82  ? -3.38535  0.53990   3.42845   1.000 8.07000  ?  1160 MET A CA  1 
ATOM   643  C C   . MET A 1 82  ? -3.34104  1.93507   4.04691   1.000 7.70000  ?  1160 MET A C   1 
ATOM   644  O O   . MET A 1 82  ? -3.33290  2.07481   5.27347   1.000 7.59000  ?  1160 MET A O   1 
ATOM   645  C CB  . MET A 1 82  ? -2.04479  0.16104   2.80795   1.000 8.92000  ?  1160 MET A CB  1 
ATOM   646  C CG  . MET A 1 82  ? -0.86966  0.26172   3.77150   1.000 9.77000  ?  1160 MET A CG  1 
ATOM   647  S SD  . MET A 1 82  ? 0.67701   -0.11171  2.94075   1.000 9.85000  ?  1160 MET A SD  1 
ATOM   648  C CE  . MET A 1 82  ? 0.70267   1.15926   1.66890   1.000 18.50000 ?  1160 MET A CE  1 
ATOM   649  N N   . PHE A 1 83  ? -3.34608  2.98311   3.21314   1.000 8.54000  ?  1161 PHE A N   1 
ATOM   650  C CA  . PHE A 1 83  ? -3.33517  4.33982   3.76026   1.000 7.45000  ?  1161 PHE A CA  1 
ATOM   651  C C   . PHE A 1 83  ? -4.58993  4.62283   4.57567   1.000 8.79000  ?  1161 PHE A C   1 
ATOM   652  O O   . PHE A 1 83  ? -4.51941  5.18352   5.67827   1.000 8.80000  ?  1161 PHE A O   1 
ATOM   653  C CB  . PHE A 1 83  ? -3.23166  5.37528   2.64829   1.000 8.54000  ?  1161 PHE A CB  1 
ATOM   654  C CG  . PHE A 1 83  ? -1.97327  5.30351   1.83908   1.000 7.90000  ?  1161 PHE A CG  1 
ATOM   655  C CD1 . PHE A 1 83  ? -0.79537  4.79746   2.37297   1.000 10.07000 ?  1161 PHE A CD1 1 
ATOM   656  C CD2 . PHE A 1 83  ? -1.96101  5.78847   0.53390   1.000 9.99000  ?  1161 PHE A CD2 1 
ATOM   657  C CE1 . PHE A 1 83  ? 0.37964   4.76703   1.60425   1.000 10.04000 ?  1161 PHE A CE1 1 
ATOM   658  C CE2 . PHE A 1 83  ? -0.80001  5.76023   -0.22576  1.000 10.13000 ?  1161 PHE A CE2 1 
ATOM   659  C CZ  . PHE A 1 83  ? 0.35804   5.24605   0.29584   1.000 10.33000 ?  1161 PHE A CZ  1 
ATOM   660  N N   . ASN A 1 84  ? -5.76112  4.28246   4.02456   1.000 8.39000  ?  1162 ASN A N   1 
ATOM   661  C CA  . ASN A 1 84  ? -7.00766  4.61365   4.70629   1.000 9.96000  ?  1162 ASN A CA  1 
ATOM   662  C C   . ASN A 1 84  ? -7.11925  3.88489   6.04100   1.000 11.26000 ?  1162 ASN A C   1 
ATOM   663  O O   . ASN A 1 84  ? -7.59483  4.45850   7.02313   1.000 11.64000 ?  1162 ASN A O   1 
ATOM   664  C CB  . ASN A 1 84  ? -8.20850  4.31077   3.79584   1.000 12.46000 ?  1162 ASN A CB  1 
ATOM   665  C CG  . ASN A 1 84  ? -8.38455  5.34349   2.68603   1.000 18.15000 ?  1162 ASN A CG  1 
ATOM   666  O OD1 . ASN A 1 84  ? -8.05376  6.50918   2.84554   1.000 18.53000 ?  1162 ASN A OD1 1 
ATOM   667  N ND2 . ASN A 1 84  ? -8.91413  4.90223   1.55204   1.000 26.42000 ?  1162 ASN A ND2 1 
ATOM   668  N N   . ASN A 1 85  ? -6.65917  2.63069   6.10780   1.000 9.83000  ?  1163 ASN A N   1 
ATOM   669  C CA  . ASN A 1 85  ? -6.64398  1.93108   7.38953   1.000 10.21000 ?  1163 ASN A CA  1 
ATOM   670  C C   . ASN A 1 85  ? -5.80456  2.69261   8.40837   1.000 8.40000  ?  1163 ASN A C   1 
ATOM   671  O O   . ASN A 1 85  ? -6.18955  2.81696   9.57597   1.000 9.83000  ?  1163 ASN A O   1 
ATOM   672  C CB  . ASN A 1 85  ? -6.07906  0.51394   7.22481   1.000 8.93000  ?  1163 ASN A CB  1 
ATOM   673  C CG  . ASN A 1 85  ? -7.02050  -0.43310  6.52620   1.000 11.47000 ?  1163 ASN A CG  1 
ATOM   674  O OD1 . ASN A 1 85  ? -8.22192  -0.18055  6.40019   1.000 12.37000 ?  1163 ASN A OD1 1 
ATOM   675  N ND2 . ASN A 1 85  ? -6.47092  -1.54166  6.07403   1.000 13.02000 ?  1163 ASN A ND2 1 
ATOM   676  N N   . ALA A 1 86  ? -4.63582  3.18110   7.99033   1.000 9.78000  ?  1164 ALA A N   1 
ATOM   677  C CA  . ALA A 1 86  ? -3.74887  3.81045   8.96043   1.000 8.80000  ?  1164 ALA A CA  1 
ATOM   678  C C   . ALA A 1 86  ? -4.29612  5.15668   9.40234   1.000 10.00000 ?  1164 ALA A C   1 
ATOM   679  O O   . ALA A 1 86  ? -4.21200  5.50246   10.58108  1.000 9.67000  ?  1164 ALA A O   1 
ATOM   680  C CB  . ALA A 1 86  ? -2.34300  3.93874   8.37553   1.000 10.66000 ?  1164 ALA A CB  1 
ATOM   681  N N   . TRP A 1 87  ? -4.90009  5.90882   8.47815   1.000 8.83000  ?  1165 TRP A N   1 
ATOM   682  C CA  . TRP A 1 87  ? -5.49811  7.18557   8.85873   1.000 8.87000  ?  1165 TRP A CA  1 
ATOM   683  C C   . TRP A 1 87  ? -6.73278  6.98563   9.72781   1.000 11.05000 ?  1165 TRP A C   1 
ATOM   684  O O   . TRP A 1 87  ? -7.06471  7.86124   10.53746  1.000 15.07000 ?  1165 TRP A O   1 
ATOM   685  C CB  . TRP A 1 87  ? -5.87256  7.98527   7.61658   1.000 10.47000 ?  1165 TRP A CB  1 
ATOM   686  C CG  . TRP A 1 87  ? -4.75719  8.72821   6.92010   1.000 8.88000  ?  1165 TRP A CG  1 
ATOM   687  C CD1 . TRP A 1 87  ? -3.71332  9.42481   7.48664   1.000 8.81000  ?  1165 TRP A CD1 1 
ATOM   688  C CD2 . TRP A 1 87  ? -4.61708  8.87558   5.50723   1.000 8.48000  ?  1165 TRP A CD2 1 
ATOM   689  N NE1 . TRP A 1 87  ? -2.94297  9.98170   6.50422   1.000 9.36000  ?  1165 TRP A NE1 1 
ATOM   690  C CE2 . TRP A 1 87  ? -3.47974  9.67044   5.27779   1.000 9.22000  ?  1165 TRP A CE2 1 
ATOM   691  C CE3 . TRP A 1 87  ? -5.35477  8.40916   4.40877   1.000 10.79000 ?  1165 TRP A CE3 1 
ATOM   692  C CZ2 . TRP A 1 87  ? -3.05553  10.01511  3.99811   1.000 10.66000 ?  1165 TRP A CZ2 1 
ATOM   693  C CZ3 . TRP A 1 87  ? -4.92840  8.73441   3.13357   1.000 9.86000  ?  1165 TRP A CZ3 1 
ATOM   694  C CH2 . TRP A 1 87  ? -3.78787  9.53992   2.93334   1.000 10.38000 ?  1165 TRP A CH2 1 
ATOM   695  N N   . LEU A 1 88  ? -7.42493  5.85383   9.57101   1.000 9.88000  ?  1166 LEU A N   1 
ATOM   696  C CA  . LEU A 1 88  ? -8.60796  5.55654   10.37078  1.000 11.62000 ?  1166 LEU A CA  1 
ATOM   697  C C   . LEU A 1 88  ? -8.22528  5.15392   11.78716  1.000 12.47000 ?  1166 LEU A C   1 
ATOM   698  O O   . LEU A 1 88  ? -8.74080  5.71271   12.76375  1.000 14.35000 ?  1166 LEU A O   1 
ATOM   699  C CB  . LEU A 1 88  ? -9.41802  4.44272   9.69593   1.000 11.03000 ?  1166 LEU A CB  1 
ATOM   700  C CG  . LEU A 1 88  ? -10.56024 3.85721   10.52580  1.000 14.45000 ?  1166 LEU A CG  1 
ATOM   701  C CD1 . LEU A 1 88  ? -11.66261 4.89217   10.64062  1.000 16.93000 ?  1166 LEU A CD1 1 
ATOM   702  C CD2 . LEU A 1 88  ? -11.07915 2.55547   9.89830   1.000 17.02000 ?  1166 LEU A CD2 1 
ATOM   703  N N   . TYR A 1 89  ? -7.30537  4.19283   11.92014  1.000 10.67000 ?  1167 TYR A N   1 
ATOM   704  C CA  . TYR A 1 89  ? -7.02483  3.62371   13.23135  1.000 8.86000  ?  1167 TYR A CA  1 
ATOM   705  C C   . TYR A 1 89  ? -6.21679  4.58206   14.10023  1.000 8.91000  ?  1167 TYR A C   1 
ATOM   706  O O   . TYR A 1 89  ? -6.42212  4.64402   15.31855  1.000 11.42000 ?  1167 TYR A O   1 
ATOM   707  C CB  . TYR A 1 89  ? -6.27348  2.29513   13.08820  1.000 11.04000 ?  1167 TYR A CB  1 
ATOM   708  C CG  . TYR A 1 89  ? -5.95875  1.73778   14.44153  1.000 10.64000 ?  1167 TYR A CG  1 
ATOM   709  C CD1 . TYR A 1 89  ? -6.95159  1.14596   15.21204  1.000 10.50000 ?  1167 TYR A CD1 1 
ATOM   710  C CD2 . TYR A 1 89  ? -4.69742  1.90426   15.00235  1.000 11.26000 ?  1167 TYR A CD2 1 
ATOM   711  C CE1 . TYR A 1 89  ? -6.67775  0.68638   16.48424  1.000 15.52000 ?  1167 TYR A CE1 1 
ATOM   712  C CE2 . TYR A 1 89  ? -4.41433  1.44462   16.26381  1.000 13.39000 ?  1167 TYR A CE2 1 
ATOM   713  C CZ  . TYR A 1 89  ? -5.40515  0.84537   17.00278  1.000 15.93000 ?  1167 TYR A CZ  1 
ATOM   714  O OH  . TYR A 1 89  ? -5.10243  0.39973   18.26615  1.000 18.18000 ?  1167 TYR A OH  1 
ATOM   715  N N   . ASN A 1 90  ? -5.27179  5.29284   13.50234  1.000 10.08000 ?  1168 ASN A N   1 
ATOM   716  C CA  . ASN A 1 90  ? -4.30474  6.08103   14.25506  1.000 9.39000  ?  1168 ASN A CA  1 
ATOM   717  C C   . ASN A 1 90  ? -4.74408  7.53782   14.34904  1.000 10.86000 ?  1168 ASN A C   1 
ATOM   718  O O   . ASN A 1 90  ? -5.34917  8.08061   13.42042  1.000 12.50000 ?  1168 ASN A O   1 
ATOM   719  C CB  . ASN A 1 90  ? -2.92551  5.96204   13.60072  1.000 9.30000  ?  1168 ASN A CB  1 
ATOM   720  C CG  . ASN A 1 90  ? -2.46643  4.52302   13.49951  1.000 11.43000 ?  1168 ASN A CG  1 
ATOM   721  O OD1 . ASN A 1 90  ? -1.98686  3.94971   14.47345  1.000 10.85000 ?  1168 ASN A OD1 1 
ATOM   722  N ND2 . ASN A 1 90  ? -2.64075  3.92029   12.32763  1.000 11.03000 ?  1168 ASN A ND2 1 
ATOM   723  N N   . ARG A 1 91  ? -4.43045  8.16335   15.48500  1.000 9.42000  ?  1169 ARG A N   1 
ATOM   724  C CA  . ARG A 1 91  ? -4.79073  9.56313   15.70372  1.000 10.66000 ?  1169 ARG A CA  1 
ATOM   725  C C   . ARG A 1 91  ? -3.99068  10.47504  14.78648  1.000 10.63000 ?  1169 ARG A C   1 
ATOM   726  O O   . ARG A 1 91  ? -2.86046  10.17058  14.40540  1.000 9.72000  ?  1169 ARG A O   1 
ATOM   727  C CB  . ARG A 1 91  ? -4.53547  9.97473   17.15458  1.000 12.29000 ?  1169 ARG A CB  1 
ATOM   728  C CG  . ARG A 1 91  ? -5.36309  9.20841   18.19062  1.000 17.97000 ?  1169 ARG A CG  1 
ATOM   729  C CD  . ARG A 1 91  ? -5.26782  9.85028   19.57613  1.000 28.62000 ?  1169 ARG A CD  1 
ATOM   730  N NE  . ARG A 1 91  ? -6.21636  10.95103  19.74322  1.000 31.25000 ?  1169 ARG A NE  1 
ATOM   731  N N   . LYS A 1 92  ? -4.56522  11.64131  14.47619  1.000 12.16000 ?  1170 LYS A N   1 
ATOM   732  C CA  . LYS A 1 92  ? -3.87260  12.58626  13.60113  1.000 11.32000 ?  1170 LYS A CA  1 
ATOM   733  C C   . LYS A 1 92  ? -2.59974  13.13553  14.22973  1.000 9.49000  ?  1170 LYS A C   1 
ATOM   734  O O   . LYS A 1 92  ? -1.75720  13.68031  13.50863  1.000 11.89000 ?  1170 LYS A O   1 
ATOM   735  C CB  . LYS A 1 92  ? -4.80601  13.73445  13.20601  1.000 11.93000 ?  1170 LYS A CB  1 
ATOM   736  C CG  . LYS A 1 92  ? -5.15843  14.68232  14.34260  1.000 12.60000 ?  1170 LYS A CG  1 
ATOM   737  C CD  . LYS A 1 92  ? -6.15562  15.72461  13.88895  1.000 15.76000 ?  1170 LYS A CD  1 
ATOM   738  C CE  . LYS A 1 92  ? -6.37765  16.75537  14.97832  1.000 21.88000 ?  1170 LYS A CE  1 
ATOM   739  N NZ  . LYS A 1 92  ? -7.29445  17.82810  14.50155  1.000 29.43000 ?  1170 LYS A NZ  1 
ATOM   740  N N   . THR A 1 93  ? -2.43160  12.94690  15.53110  1.000 9.97000  ?  1171 THR A N   1 
ATOM   741  C CA  . THR A 1 93  ? -1.24220  13.35145  16.26642  1.000 11.89000 ?  1171 THR A CA  1 
ATOM   742  C C   . THR A 1 93  ? -0.18858  12.25620  16.34399  1.000 12.35000 ?  1171 THR A C   1 
ATOM   743  O O   . THR A 1 93  ? 0.84318   12.45742  16.99130  1.000 12.15000 ?  1171 THR A O   1 
ATOM   744  C CB  . THR A 1 93  ? -1.64103  13.77476  17.68934  1.000 10.38000 ?  1171 THR A CB  1 
ATOM   745  O OG1 . THR A 1 93  ? -2.55963  12.82024  18.23915  1.000 13.68000 ?  1171 THR A OG1 1 
ATOM   746  C CG2 . THR A 1 93  ? -2.33569  15.15020  17.64527  1.000 12.75000 ?  1171 THR A CG2 1 
ATOM   747  N N   . SER A 1 94  ? -0.40454  11.10480  15.71466  1.000 9.45000  ?  1172 SER A N   1 
ATOM   748  C CA  . SER A 1 94  ? 0.42836   9.93691   15.96463  1.000 9.20000  ?  1172 SER A CA  1 
ATOM   749  C C   . SER A 1 94  ? 1.49802   9.73176   14.89835  1.000 7.24000  ?  1172 SER A C   1 
ATOM   750  O O   . SER A 1 94  ? 1.39365   10.20520  13.76155  1.000 9.17000  ?  1172 SER A O   1 
ATOM   751  C CB  . SER A 1 94  ? -0.43628  8.68824   16.05757  1.000 10.06000 ?  1172 SER A CB  1 
ATOM   752  O OG  . SER A 1 94  ? -0.94151  8.35134   14.76697  1.000 9.81000  ?  1172 SER A OG  1 
ATOM   753  N N   . ARG A 1 95  ? 2.54166   8.99857   15.30595  1.000 9.57000  ?  1173 ARG A N   1 
ATOM   754  C CA  . ARG A 1 95  ? 3.59788   8.55275   14.39517  1.000 8.68000  ?  1173 ARG A CA  1 
ATOM   755  C C   . ARG A 1 95  ? 3.03435   7.92064   13.12748  1.000 8.74000  ?  1173 ARG A C   1 
ATOM   756  O O   . ARG A 1 95  ? 3.40338   8.29973   12.01080  1.000 8.65000  ?  1173 ARG A O   1 
ATOM   757  C CB  . ARG A 1 95  ? 4.49582   7.53472   15.10779  1.000 8.71000  ?  1173 ARG A CB  1 
ATOM   758  C CG  . ARG A 1 95  ? 5.57817   6.90817   14.22452  1.000 9.24000  ?  1173 ARG A CG  1 
ATOM   759  C CD  . ARG A 1 95  ? 6.08382   5.58260   14.80707  1.000 10.70000 ?  1173 ARG A CD  1 
ATOM   760  N NE  . ARG A 1 95  ? 6.61756   5.78653   16.15469  1.000 11.81000 ?  1173 ARG A NE  1 
ATOM   761  C CZ  . ARG A 1 95  ? 7.90985   5.92414   16.43482  1.000 11.72000 ?  1173 ARG A CZ  1 
ATOM   762  N NH1 . ARG A 1 95  ? 8.81455   5.85971   15.46401  1.000 9.77000  ?  1173 ARG A NH1 1 
ATOM   763  N NH2 . ARG A 1 95  ? 8.29078   6.13688   17.68953  1.000 10.93000 ?  1173 ARG A NH2 1 
ATOM   764  N N   . VAL A 1 96  ? 2.16625   6.91680   13.28100  1.000 8.95000  ?  1174 VAL A N   1 
ATOM   765  C CA  . VAL A 1 96  ? 1.78926   6.13458   12.10624  1.000 9.68000  ?  1174 VAL A CA  1 
ATOM   766  C C   . VAL A 1 96  ? 0.90739   6.95001   11.16234  1.000 9.36000  ?  1174 VAL A C   1 
ATOM   767  O O   . VAL A 1 96  ? 1.04582   6.84973   9.94176   1.000 9.07000  ?  1174 VAL A O   1 
ATOM   768  C CB  . VAL A 1 96  ? 1.12877   4.80975   12.52807  1.000 7.24000  ?  1174 VAL A CB  1 
ATOM   769  C CG1 . VAL A 1 96  ? 0.58976   4.05103   11.31299  1.000 10.59000 ?  1174 VAL A CG1 1 
ATOM   770  C CG2 . VAL A 1 96  ? 2.15565   3.93245   13.24640  1.000 9.34000  ?  1174 VAL A CG2 1 
ATOM   771  N N   . TYR A 1 97  ? 0.02708   7.79884   11.69994  1.000 7.70000  ?  1175 TYR A N   1 
ATOM   772  C CA  . TYR A 1 97  ? -0.75303  8.67813   10.82826  1.000 7.62000  ?  1175 TYR A CA  1 
ATOM   773  C C   . TYR A 1 97  ? 0.16278   9.60148   10.03547  1.000 8.50000  ?  1175 TYR A C   1 
ATOM   774  O O   . TYR A 1 97  ? -0.00542  9.77184   8.82194   1.000 9.25000  ?  1175 TYR A O   1 
ATOM   775  C CB  . TYR A 1 97  ? -1.74393  9.47354   11.67763  1.000 9.35000  ?  1175 TYR A CB  1 
ATOM   776  C CG  . TYR A 1 97  ? -2.68444  10.42202  10.97812  1.000 8.78000  ?  1175 TYR A CG  1 
ATOM   777  C CD1 . TYR A 1 97  ? -2.21682  11.58450  10.37039  1.000 8.16000  ?  1175 TYR A CD1 1 
ATOM   778  C CD2 . TYR A 1 97  ? -4.05176  10.20187  11.00034  1.000 9.50000  ?  1175 TYR A CD2 1 
ATOM   779  C CE1 . TYR A 1 97  ? -3.07846  12.46757  9.76376   1.000 9.40000  ?  1175 TYR A CE1 1 
ATOM   780  C CE2 . TYR A 1 97  ? -4.92751  11.09177  10.38283  1.000 9.52000  ?  1175 TYR A CE2 1 
ATOM   781  C CZ  . TYR A 1 97  ? -4.41763  12.21974  9.78265   1.000 9.83000  ?  1175 TYR A CZ  1 
ATOM   782  O OH  . TYR A 1 97  ? -5.22029  13.14957  9.17271   1.000 11.38000 ?  1175 TYR A OH  1 
ATOM   783  N N   . LYS A 1 98  ? 1.16082   10.19218  10.70291  1.000 8.24000  ?  1176 LYS A N   1 
ATOM   784  C CA  . LYS A 1 98  ? 2.09662   11.08379  10.02878  1.000 9.84000  ?  1176 LYS A CA  1 
ATOM   785  C C   . LYS A 1 98  ? 2.94493   10.35313  8.99296   1.000 7.48000  ?  1176 LYS A C   1 
ATOM   786  O O   . LYS A 1 98  ? 3.17924   10.87473  7.89121   1.000 9.91000  ?  1176 LYS A O   1 
ATOM   787  C CB  . LYS A 1 98  ? 2.96778   11.77889  11.07666  1.000 8.67000  ?  1176 LYS A CB  1 
ATOM   788  C CG  . LYS A 1 98  ? 2.15415   12.76355  11.90623  1.000 9.95000  ?  1176 LYS A CG  1 
ATOM   789  C CD  . LYS A 1 98  ? 2.96679   13.29512  13.08362  1.000 10.29000 ?  1176 LYS A CD  1 
ATOM   790  C CE  . LYS A 1 98  ? 2.18900   14.34741  13.86218  1.000 10.99000 ?  1176 LYS A CE  1 
ATOM   791  N NZ  . LYS A 1 98  ? 1.79226   15.48016  12.99687  1.000 13.92000 ?  1176 LYS A NZ  1 
ATOM   792  N N   . PHE A 1 99  ? 3.40466   9.14272   9.31971   1.000 7.64000  ?  1177 PHE A N   1 
ATOM   793  C CA  . PHE A 1 99  ? 4.16377   8.35889   8.35066   1.000 7.61000  ?  1177 PHE A CA  1 
ATOM   794  C C   . PHE A 1 99  ? 3.28316   7.98977   7.15778   1.000 8.99000  ?  1177 PHE A C   1 
ATOM   795  O O   . PHE A 1 99  ? 3.73417   8.01916   6.00419   1.000 8.76000  ?  1177 PHE A O   1 
ATOM   796  C CB  . PHE A 1 99  ? 4.73237   7.10416   9.02757   1.000 7.90000  ?  1177 PHE A CB  1 
ATOM   797  C CG  . PHE A 1 99  ? 5.94168   7.35401   9.92460   1.000 8.74000  ?  1177 PHE A CG  1 
ATOM   798  C CD1 . PHE A 1 99  ? 6.36131   8.64009   10.23636  1.000 10.28000 ?  1177 PHE A CD1 1 
ATOM   799  C CD2 . PHE A 1 99  ? 6.63326   6.28928   10.47165  1.000 10.91000 ?  1177 PHE A CD2 1 
ATOM   800  C CE1 . PHE A 1 99  ? 7.47215   8.86159   11.05679  1.000 11.91000 ?  1177 PHE A CE1 1 
ATOM   801  C CE2 . PHE A 1 99  ? 7.73791   6.49914   11.29903  1.000 11.96000 ?  1177 PHE A CE2 1 
ATOM   802  C CZ  . PHE A 1 99  ? 8.15910   7.78411   11.58785  1.000 10.44000 ?  1177 PHE A CZ  1 
ATOM   803  N N   . CYS A 1 100 ? 2.01417   7.65997   7.42114   1.000 9.37000  ?  1178 CYS A N   1 
ATOM   804  C CA  . CYS A 1 100 ? 1.07952   7.38897   6.33665   1.000 10.03000 ?  1178 CYS A CA  1 
ATOM   805  C C   . CYS A 1 100 ? 0.96192   8.58504   5.40376   1.000 10.31000 ?  1178 CYS A C   1 
ATOM   806  O O   . CYS A 1 100 ? 1.03846   8.44052   4.18006   1.000 9.58000  ?  1178 CYS A O   1 
ATOM   807  C CB  . CYS A 1 100 ? -0.28341  7.03723   6.90852   1.000 7.79000  ?  1178 CYS A CB  1 
ATOM   808  S SG  . CYS A 1 100 ? -1.47144  6.70021   5.60982   1.000 9.56000  ?  1178 CYS A SG  1 
ATOM   809  N N   . SER A 1 101 ? 0.76538   9.77666   5.96764   1.000 9.66000  ?  1179 SER A N   1 
ATOM   810  C CA  . SER A 1 101 ? 0.61978   10.95690  5.12745   1.000 7.09000  ?  1179 SER A CA  1 
ATOM   811  C C   . SER A 1 101 ? 1.83193   11.14211  4.21636   1.000 10.55000 ?  1179 SER A C   1 
ATOM   812  O O   . SER A 1 101 ? 1.68612   11.50392  3.04325   1.000 9.87000  ?  1179 SER A O   1 
ATOM   813  C CB  . SER A 1 101 ? 0.41725   12.18561  6.00789   1.000 8.44000  ?  1179 SER A CB  1 
ATOM   814  O OG  . SER A 1 101 ? -0.74484  12.04579  6.79771   1.000 9.25000  ?  1179 SER A OG  1 
ATOM   815  N N   . LYS A 1 102 ? 3.03880   10.90331  4.73585   1.000 9.78000  ?  1180 LYS A N   1 
ATOM   816  C CA  . LYS A 1 102 ? 4.22862   11.01392  3.90055   1.000 11.07000 ?  1180 LYS A CA  1 
ATOM   817  C C   . LYS A 1 102 ? 4.23853   9.95444   2.80446   1.000 10.45000 ?  1180 LYS A C   1 
ATOM   818  O O   . LYS A 1 102 ? 4.54633   10.25552  1.64402   1.000 11.16000 ?  1180 LYS A O   1 
ATOM   819  C CB  . LYS A 1 102 ? 5.48128   10.90120  4.76808   1.000 12.37000 ?  1180 LYS A CB  1 
ATOM   820  C CG  . LYS A 1 102 ? 6.77084   10.84269  3.97055   1.000 14.05000 ?  1180 LYS A CG  1 
ATOM   821  C CD  . LYS A 1 102 ? 7.04524   12.15766  3.25268   1.000 15.72000 ?  1180 LYS A CD  1 
ATOM   822  C CE  . LYS A 1 102 ? 8.33953   12.07063  2.46051   1.000 19.97000 ?  1180 LYS A CE  1 
ATOM   823  N NZ  . LYS A 1 102 ? 8.60181   13.36250  1.75431   1.000 26.92000 ?  1180 LYS A NZ  1 
ATOM   824  N N   . LEU A 1 103 ? 3.89971   8.70571   3.15261   1.000 10.12000 ?  1181 LEU A N   1 
ATOM   825  C CA  . LEU A 1 103 ? 3.86460   7.64238   2.14883   1.000 11.06000 ?  1181 LEU A CA  1 
ATOM   826  C C   . LEU A 1 103 ? 2.87549   7.95336   1.03640   1.000 9.79000  ?  1181 LEU A C   1 
ATOM   827  O O   . LEU A 1 103 ? 3.14151   7.65703   -0.13437  1.000 10.64000 ?  1181 LEU A O   1 
ATOM   828  C CB  . LEU A 1 103 ? 3.51331   6.29851   2.78607   1.000 11.55000 ?  1181 LEU A CB  1 
ATOM   829  C CG  . LEU A 1 103 ? 4.58644   5.60164   3.60696   1.000 15.13000 ?  1181 LEU A CG  1 
ATOM   830  C CD1 . LEU A 1 103 ? 4.17467   4.16301   3.79518   1.000 13.18000 ?  1181 LEU A CD1 1 
ATOM   831  C CD2 . LEU A 1 103 ? 5.94179   5.67973   2.93392   1.000 14.29000 ?  1181 LEU A CD2 1 
ATOM   832  N N   . ALA A 1 104 ? 1.72795   8.53792   1.37794   1.000 10.93000 ?  1182 ALA A N   1 
ATOM   833  C CA  . ALA A 1 104 ? 0.75174   8.86733   0.34696   1.000 11.47000 ?  1182 ALA A CA  1 
ATOM   834  C C   . ALA A 1 104 ? 1.30433   9.91005   -0.61585  1.000 9.81000  ?  1182 ALA A C   1 
ATOM   835  O O   . ALA A 1 104 ? 1.08414   9.81633   -1.83073  1.000 11.06000 ?  1182 ALA A O   1 
ATOM   836  C CB  . ALA A 1 104 ? -0.54975  9.34207   0.98777   1.000 11.38000 ?  1182 ALA A CB  1 
ATOM   837  N N   . GLU A 1 105 ? 2.03346   10.90708  -0.09978  1.000 11.30000 ?  1183 GLU A N   1 
ATOM   838  C CA  . GLU A 1 105 ? 2.65823   11.88876  -0.98678  1.000 13.37000 ?  1183 GLU A CA  1 
ATOM   839  C C   . GLU A 1 105 ? 3.68775   11.23046  -1.89011  1.000 12.09000 ?  1183 GLU A C   1 
ATOM   840  O O   . GLU A 1 105 ? 3.74229   11.51052  -3.09266  1.000 14.12000 ?  1183 GLU A O   1 
ATOM   841  C CB  . GLU A 1 105 ? 3.32282   12.99928  -0.17217  1.000 15.02000 ?  1183 GLU A CB  1 
ATOM   842  C CG  . GLU A 1 105 ? 2.36054   13.93429  0.50728   1.000 19.34000 ?  1183 GLU A CG  1 
ATOM   843  C CD  . GLU A 1 105 ? 3.06392   15.10624  1.16373   1.000 28.72000 ?  1183 GLU A CD  1 
ATOM   844  O OE1 . GLU A 1 105 ? 4.31277   15.08238  1.26961   1.000 26.38000 ?  1183 GLU A OE1 1 
ATOM   845  O OE2 . GLU A 1 105 ? 2.36388   16.05075  1.57524   1.000 31.64000 -1 1183 GLU A OE2 1 
ATOM   846  N N   . VAL A 1 106 ? 4.50647   10.33912  -1.33211  1.000 11.54000 ?  1184 VAL A N   1 
ATOM   847  C CA  . VAL A 1 106 ? 5.49771   9.63461   -2.14004  1.000 13.41000 ?  1184 VAL A CA  1 
ATOM   848  C C   . VAL A 1 106 ? 4.81472   8.81064   -3.21853  1.000 12.89000 ?  1184 VAL A C   1 
ATOM   849  O O   . VAL A 1 106 ? 5.24180   8.79914   -4.37674  1.000 13.80000 ?  1184 VAL A O   1 
ATOM   850  C CB  . VAL A 1 106 ? 6.39310   8.76167   -1.24008  1.000 14.76000 ?  1184 VAL A CB  1 
ATOM   851  C CG1 . VAL A 1 106 ? 7.32457   7.87978   -2.07911  1.000 15.71000 ?  1184 VAL A CG1 1 
ATOM   852  C CG2 . VAL A 1 106 ? 7.19314   9.64174   -0.28649  1.000 16.71000 ?  1184 VAL A CG2 1 
ATOM   853  N N   . PHE A 1 107 ? 3.74813   8.10335   -2.85369  1.000 10.59000 ?  1185 PHE A N   1 
ATOM   854  C CA  . PHE A 1 107 ? 3.07334   7.24918   -3.82098  1.000 11.94000 ?  1185 PHE A CA  1 
ATOM   855  C C   . PHE A 1 107 ? 2.51183   8.05635   -4.98381  1.000 12.33000 ?  1185 PHE A C   1 
ATOM   856  O O   . PHE A 1 107 ? 2.63648   7.65101   -6.14411  1.000 13.59000 ?  1185 PHE A O   1 
ATOM   857  C CB  . PHE A 1 107 ? 1.96228   6.46578   -3.13236  1.000 11.61000 ?  1185 PHE A CB  1 
ATOM   858  C CG  . PHE A 1 107 ? 1.29113   5.48004   -4.03706  1.000 10.95000 ?  1185 PHE A CG  1 
ATOM   859  C CD1 . PHE A 1 107 ? 1.98638   4.37665   -4.51779  1.000 9.33000  ?  1185 PHE A CD1 1 
ATOM   860  C CD2 . PHE A 1 107 ? -0.02675  5.65689   -4.42111  1.000 11.41000 ?  1185 PHE A CD2 1 
ATOM   861  C CE1 . PHE A 1 107 ? 1.37488   3.47140   -5.37238  1.000 10.71000 ?  1185 PHE A CE1 1 
ATOM   862  C CE2 . PHE A 1 107 ? -0.64722  4.74392   -5.26782  1.000 10.61000 ?  1185 PHE A CE2 1 
ATOM   863  C CZ  . PHE A 1 107 ? 0.04856   3.65326   -5.74473  1.000 11.16000 ?  1185 PHE A CZ  1 
ATOM   864  N N   . GLU A 1 108 ? 1.87999   9.19861   -4.69026  1.000 12.73000 ?  1186 GLU A N   1 
ATOM   865  C CA  . GLU A 1 108 ? 1.34400   10.04596  -5.75448  1.000 14.01000 ?  1186 GLU A CA  1 
ATOM   866  C C   . GLU A 1 108 ? 2.42872   10.45078  -6.74546  1.000 14.54000 ?  1186 GLU A C   1 
ATOM   867  O O   . GLU A 1 108 ? 2.22498   10.38037  -7.96205  1.000 16.29000 ?  1186 GLU A O   1 
ATOM   868  C CB  . GLU A 1 108 ? 0.68590   11.28224  -5.15491  1.000 13.86000 ?  1186 GLU A CB  1 
ATOM   869  C CG  . GLU A 1 108 ? -0.59374  10.97030  -4.41506  1.000 12.47000 ?  1186 GLU A CG  1 
ATOM   870  C CD  . GLU A 1 108 ? -1.13004  12.16977  -3.66507  1.000 14.29000 ?  1186 GLU A CD  1 
ATOM   871  O OE1 . GLU A 1 108 ? -2.36670  12.33022  -3.64997  1.000 15.14000 ?  1186 GLU A OE1 1 
ATOM   872  O OE2 . GLU A 1 108 ? -0.33792  12.95246  -3.08871  1.000 15.97000 -1 1186 GLU A OE2 1 
ATOM   873  N N   . GLN A 1 109 ? 3.60283   10.84750  -6.24487  1.000 16.47000 ?  1187 GLN A N   1 
ATOM   874  C CA  . GLN A 1 109 ? 4.68196   11.24857  -7.14198  1.000 16.27000 ?  1187 GLN A CA  1 
ATOM   875  C C   . GLN A 1 109 ? 5.08578   10.10133  -8.05987  1.000 18.05000 ?  1187 GLN A C   1 
ATOM   876  O O   . GLN A 1 109 ? 5.40445   10.31848  -9.23604  1.000 19.55000 ?  1187 GLN A O   1 
ATOM   877  C CB  . GLN A 1 109 ? 5.88114   11.74432  -6.33169  1.000 21.26000 ?  1187 GLN A CB  1 
ATOM   878  N N   . GLU A 1 110 ? 5.04946   8.86805   -7.55014  1.000 13.70000 ?  1188 GLU A N   1 
ATOM   879  C CA  . GLU A 1 110 ? 5.46872   7.71769   -8.34386  1.000 12.93000 ?  1188 GLU A CA  1 
ATOM   880  C C   . GLU A 1 110 ? 4.36475   7.21964   -9.26595  1.000 16.04000 ?  1188 GLU A C   1 
ATOM   881  O O   . GLU A 1 110 ? 4.63769   6.85736   -10.41528 1.000 16.65000 ?  1188 GLU A O   1 
ATOM   882  C CB  . GLU A 1 110 ? 5.90719   6.57295   -7.42767  1.000 17.31000 ?  1188 GLU A CB  1 
ATOM   883  C CG  . GLU A 1 110 ? 6.99403   6.94792   -6.43775  1.000 22.09000 ?  1188 GLU A CG  1 
ATOM   884  C CD  . GLU A 1 110 ? 8.33535   7.20333   -7.09622  1.000 32.95000 ?  1188 GLU A CD  1 
ATOM   885  O OE1 . GLU A 1 110 ? 8.70934   6.43918   -8.01349  1.000 36.31000 ?  1188 GLU A OE1 1 
ATOM   886  O OE2 . GLU A 1 110 ? 9.02309   8.16034   -6.68181  1.000 40.97000 -1 1188 GLU A OE2 1 
ATOM   887  N N   . ILE A 1 111 ? 3.12513   7.16246   -8.77775  1.000 14.56000 ?  1189 ILE A N   1 
ATOM   888  C CA  . ILE A 1 111 ? 2.08827   6.45854   -9.52287  1.000 16.05000 ?  1189 ILE A CA  1 
ATOM   889  C C   . ILE A 1 111 ? 1.51776   7.32092   -10.63785 1.000 16.92000 ?  1189 ILE A C   1 
ATOM   890  O O   . ILE A 1 111 ? 1.05432   6.79000   -11.65347 1.000 17.91000 ?  1189 ILE A O   1 
ATOM   891  C CB  . ILE A 1 111 ? 0.97453   5.96509   -8.57848  1.000 16.09000 ?  1189 ILE A CB  1 
ATOM   892  C CG1 . ILE A 1 111 ? 0.13219   4.87484   -9.24942  1.000 15.12000 ?  1189 ILE A CG1 1 
ATOM   893  C CG2 . ILE A 1 111 ? 0.09368   7.11903   -8.12708  1.000 15.05000 ?  1189 ILE A CG2 1 
ATOM   894  C CD1 . ILE A 1 111 ? 0.93285   3.69599   -9.69618  1.000 17.16000 ?  1189 ILE A CD1 1 
ATOM   895  N N   . ASP A 1 112 ? 1.54022   8.64224   -10.48824 1.000 16.45000 ?  1190 ASP A N   1 
ATOM   896  C CA  . ASP A 1 112 ? 0.88308   9.48629   -11.48410 1.000 21.21000 ?  1190 ASP A CA  1 
ATOM   897  C C   . ASP A 1 112 ? 1.50357   9.34333   -12.87250 1.000 20.58000 ?  1190 ASP A C   1 
ATOM   898  O O   . ASP A 1 112 ? 0.74745   9.13972   -13.83739 1.000 20.07000 ?  1190 ASP A O   1 
ATOM   899  C CB  . ASP A 1 112 ? 0.86297   10.93875  -10.99284 1.000 21.29000 ?  1190 ASP A CB  1 
ATOM   900  C CG  . ASP A 1 112 ? -0.08620  11.14855  -9.80444  1.000 25.73000 ?  1190 ASP A CG  1 
ATOM   901  O OD1 . ASP A 1 112 ? -0.91335  10.25404  -9.51376  1.000 23.45000 ?  1190 ASP A OD1 1 
ATOM   902  O OD2 . ASP A 1 112 ? -0.00924  12.21672  -9.16088  1.000 24.99000 -1 1190 ASP A OD2 1 
ATOM   903  N N   . PRO A 1 113 ? 2.82966   9.39695   -13.05607 1.000 19.96000 ?  1191 PRO A N   1 
ATOM   904  C CA  . PRO A 1 113 ? 3.36760   9.16917   -14.40715 1.000 21.34000 ?  1191 PRO A CA  1 
ATOM   905  C C   . PRO A 1 113 ? 3.19793   7.74302   -14.88958 1.000 26.07000 ?  1191 PRO A C   1 
ATOM   906  O O   . PRO A 1 113 ? 2.99847   7.53197   -16.09166 1.000 28.83000 ?  1191 PRO A O   1 
ATOM   907  C CB  . PRO A 1 113 ? 4.84849   9.54788   -14.27580 1.000 21.85000 ?  1191 PRO A CB  1 
ATOM   908  C CG  . PRO A 1 113 ? 5.14675   9.45779   -12.83443 1.000 24.75000 ?  1191 PRO A CG  1 
ATOM   909  C CD  . PRO A 1 113 ? 3.88365   9.81923   -12.11902 1.000 23.01000 ?  1191 PRO A CD  1 
ATOM   910  N N   . VAL A 1 114 ? 3.26273   6.75816   -13.99042 1.000 20.43000 ?  1192 VAL A N   1 
ATOM   911  C CA  . VAL A 1 114 ? 3.09396   5.36755   -14.40480 1.000 23.20000 ?  1192 VAL A CA  1 
ATOM   912  C C   . VAL A 1 114 ? 1.68961   5.13886   -14.95099 1.000 27.09000 ?  1192 VAL A C   1 
ATOM   913  O O   . VAL A 1 114 ? 1.50936   4.42614   -15.94534 1.000 32.42000 ?  1192 VAL A O   1 
ATOM   914  C CB  . VAL A 1 114 ? 3.41999   4.42273   -13.23137 1.000 20.59000 ?  1192 VAL A CB  1 
ATOM   915  C CG1 . VAL A 1 114 ? 3.05814   2.98775   -13.58313 1.000 23.15000 ?  1192 VAL A CG1 1 
ATOM   916  C CG2 . VAL A 1 114 ? 4.89276   4.51320   -12.87840 1.000 21.90000 ?  1192 VAL A CG2 1 
ATOM   917  N N   . MET A 1 115 ? 0.67708   5.75085   -14.32454 1.000 24.24000 ?  1193 MET A N   1 
ATOM   918  C CA  . MET A 1 115 ? -0.69780  5.60773   -14.79906 1.000 27.47000 ?  1193 MET A CA  1 
ATOM   919  C C   . MET A 1 115 ? -0.85228  6.18386   -16.19902 1.000 34.08000 ?  1193 MET A C   1 
ATOM   920  O O   . MET A 1 115 ? -1.44122  5.55212   -17.08353 1.000 35.12000 ?  1193 MET A O   1 
ATOM   921  C CB  . MET A 1 115 ? -1.67791  6.30654   -13.86042 1.000 27.58000 ?  1193 MET A CB  1 
ATOM   922  C CG  . MET A 1 115 ? -1.67131  5.79866   -12.43417 1.000 38.19000 ?  1193 MET A CG  1 
ATOM   923  S SD  . MET A 1 115 ? -2.92494  4.54781   -12.18290 1.000 37.39000 ?  1193 MET A SD  1 
ATOM   924  C CE  . MET A 1 115 ? -1.86708  3.11175   -12.10926 1.000 39.29000 ?  1193 MET A CE  1 
ATOM   925  N N   . GLN A 1 116 ? -0.35026  7.40671   -16.40492 1.000 28.35000 ?  1194 GLN A N   1 
ATOM   926  C CA  . GLN A 1 116 ? -0.46921  8.06019   -17.70617 1.000 32.02000 ?  1194 GLN A CA  1 
ATOM   927  C C   . GLN A 1 116 ? 0.11115   7.19152   -18.81435 1.000 37.48000 ?  1194 GLN A C   1 
ATOM   928  O O   . GLN A 1 116 ? -0.42882  7.14749   -19.92324 1.000 43.30000 ?  1194 GLN A O   1 
ATOM   929  C CB  . GLN A 1 116 ? 0.22824   9.42047   -17.66703 1.000 33.95000 ?  1194 GLN A CB  1 
ATOM   930  N N   . SER A 1 117 ? 1.20167   6.48166   -18.52839 1.000 32.52000 ?  1195 SER A N   1 
ATOM   931  C CA  . SER A 1 117 ? 1.85900   5.64084   -19.51900 1.000 35.49000 ?  1195 SER A CA  1 
ATOM   932  C C   . SER A 1 117 ? 1.24878   4.24785   -19.62999 1.000 38.83000 ?  1195 SER A C   1 
ATOM   933  O O   . SER A 1 117 ? 1.61483   3.50579   -20.54808 1.000 43.22000 ?  1195 SER A O   1 
ATOM   934  C CB  . SER A 1 117 ? 3.34808   5.52268   -19.19018 1.000 36.99000 ?  1195 SER A CB  1 
ATOM   935  O OG  . SER A 1 117 ? 3.53075   5.07957   -17.85602 1.000 41.64000 ?  1195 SER A OG  1 
ATOM   936  N N   . LEU A 1 118 ? 0.33478   3.87677   -18.73246 1.000 38.92000 ?  1196 LEU A N   1 
ATOM   937  C CA  . LEU A 1 118 ? -0.28698  2.55563   -18.74214 1.000 40.15000 ?  1196 LEU A CA  1 
ATOM   938  C C   . LEU A 1 118 ? -1.65040  2.54371   -19.41982 1.000 43.62000 ?  1196 LEU A C   1 
ATOM   939  O O   . LEU A 1 118 ? -1.95803  1.60803   -20.16477 1.000 38.83000 ?  1196 LEU A O   1 
ATOM   940  C CB  . LEU A 1 118 ? -0.43492  2.02533   -17.31002 1.000 34.36000 ?  1196 LEU A CB  1 
ATOM   941  C CG  . LEU A 1 118 ? 0.70186   1.17215   -16.74303 1.000 35.43000 ?  1196 LEU A CG  1 
ATOM   942  C CD1 . LEU A 1 118 ? 0.42353   0.82661   -15.28478 1.000 28.46000 ?  1196 LEU A CD1 1 
ATOM   943  C CD2 . LEU A 1 118 ? 0.90308   -0.08937  -17.56631 1.000 31.75000 ?  1196 LEU A CD2 1 
ATOM   944  N N   . GLY A 1 119 ? -2.47801  3.55547   -19.17534 1.000 40.29000 ?  1197 GLY A N   1 
ATOM   945  C CA  . GLY A 1 119 ? -3.80003  3.62398   -19.76696 1.000 42.65000 ?  1197 GLY A CA  1 
ATOM   946  C C   . GLY A 1 119 ? -4.76197  2.58737   -19.22233 1.000 46.14000 ?  1197 GLY A C   1 
HETATM 947  C C10 . LSZ B 2 .   ? 10.80832  3.76924   13.54634  1.000 10.81000 ?  1201 LSZ A C10 1 
HETATM 948  N N12 . LSZ B 2 .   ? 9.54606   1.76499   13.50303  1.000 10.33000 ?  1201 LSZ A N12 1 
HETATM 949  C C13 . LSZ B 2 .   ? 8.42978   0.81137   13.46880  1.000 9.28000  ?  1201 LSZ A C13 1 
HETATM 950  C C15 . LSZ B 2 .   ? 6.08674   0.31703   13.78111  1.000 8.94000  ?  1201 LSZ A C15 1 
HETATM 951  C C20 . LSZ B 2 .   ? 0.19745   0.67998   12.83943  1.000 8.13000  ?  1201 LSZ A C20 1 
HETATM 952  C C21 . LSZ B 2 .   ? -0.65677  0.74518   11.56496  1.000 9.49000  ?  1201 LSZ A C21 1 
HETATM 953  C C22 . LSZ B 2 .   ? -0.04641  0.38894   10.24350  1.000 9.87000  ?  1201 LSZ A C22 1 
HETATM 954  C C24 . LSZ B 2 .   ? -0.35176  1.02407   14.08117  1.000 10.08000 ?  1201 LSZ A C24 1 
HETATM 955  C C26 . LSZ B 2 .   ? 1.76902   0.57669   15.14753  1.000 8.08000  ?  1201 LSZ A C26 1 
HETATM 956  C C28 . LSZ B 2 .   ? 2.03014   0.78849   17.50089  1.000 14.85000 ?  1201 LSZ A C28 1 
HETATM 957  C C01 . LSZ B 2 .   ? 16.22404  -1.44144  12.47554  1.000 13.79000 ?  1201 LSZ A C01 1 
HETATM 958  C C03 . LSZ B 2 .   ? 15.19711  0.58719   12.17822  1.000 13.66000 ?  1201 LSZ A C03 1 
HETATM 959  C C04 . LSZ B 2 .   ? 14.91546  1.91691   12.80172  1.000 11.35000 ?  1201 LSZ A C04 1 
HETATM 960  C C06 . LSZ B 2 .   ? 14.25287  3.06605   14.59185  1.000 13.35000 ?  1201 LSZ A C06 1 
HETATM 961  C C07 . LSZ B 2 .   ? 12.97395  3.69601   14.10611  1.000 11.87000 ?  1201 LSZ A C07 1 
HETATM 962  C C08 . LSZ B 2 .   ? 12.70179  4.98558   13.63508  1.000 11.40000 ?  1201 LSZ A C08 1 
HETATM 963  C C09 . LSZ B 2 .   ? 11.29812  5.05585   13.28440  1.000 10.62000 ?  1201 LSZ A C09 1 
HETATM 964  C C11 . LSZ B 2 .   ? 9.44155   3.19324   13.40593  1.000 10.66000 ?  1201 LSZ A C11 1 
HETATM 965  C C14 . LSZ B 2 .   ? 7.08483   1.25916   13.77638  1.000 9.79000  ?  1201 LSZ A C14 1 
HETATM 966  C C16 . LSZ B 2 .   ? 4.68416   0.80691   14.06115  1.000 10.42000 ?  1201 LSZ A C16 1 
HETATM 967  C C18 . LSZ B 2 .   ? 2.30020   0.23222   13.87268  1.000 8.43000  ?  1201 LSZ A C18 1 
HETATM 968  C C19 . LSZ B 2 .   ? 1.54329   0.28676   12.72199  1.000 8.99000  ?  1201 LSZ A C19 1 
HETATM 969  C C25 . LSZ B 2 .   ? 0.45571   0.96523   15.25094  1.000 10.24000 ?  1201 LSZ A C25 1 
HETATM 970  C C29 . LSZ B 2 .   ? 3.14315   0.55766   18.52590  1.000 13.73000 ?  1201 LSZ A C29 1 
HETATM 971  C C31 . LSZ B 2 .   ? 6.32920   -1.02386  13.50947  1.000 10.65000 ?  1201 LSZ A C31 1 
HETATM 972  C C32 . LSZ B 2 .   ? 7.69723   -1.41743  13.22739  1.000 10.35000 ?  1201 LSZ A C32 1 
HETATM 973  C C33 . LSZ B 2 .   ? 8.05232   -2.88425  12.92086  1.000 10.68000 ?  1201 LSZ A C33 1 
HETATM 974  C C36 . LSZ B 2 .   ? 10.41895  -5.36058  11.86251  1.000 16.64000 ?  1201 LSZ A C36 1 
HETATM 975  C C37 . LSZ B 2 .   ? 8.03114   -5.05536  12.61190  1.000 12.37000 ?  1201 LSZ A C37 1 
HETATM 976  C C38 . LSZ B 2 .   ? 7.23677   -3.99345  13.00494  1.000 12.51000 ?  1201 LSZ A C38 1 
HETATM 977  C C39 . LSZ B 2 .   ? 8.74035   -0.50269  13.21710  1.000 9.22000  ?  1201 LSZ A C39 1 
HETATM 978  C C42 . LSZ B 2 .   ? 15.13739  1.01061   14.93705  1.000 14.31000 ?  1201 LSZ A C42 1 
HETATM 979  C C43 . LSZ B 2 .   ? 15.50164  -0.30577  14.31543  1.000 12.03000 ?  1201 LSZ A C43 1 
HETATM 980  N N02 . LSZ B 2 .   ? 16.01102  -0.21407  13.03068  1.000 12.94000 ?  1201 LSZ A N02 1 
HETATM 981  N N05 . LSZ B 2 .   ? 14.36698  1.86605   14.08746  1.000 12.62000 ?  1201 LSZ A N05 1 
HETATM 982  N N17 . LSZ B 2 .   ? 3.66343   -0.14688  13.70683  1.000 9.15000  ?  1201 LSZ A N17 1 
HETATM 983  N N34 . LSZ B 2 .   ? 9.26251   -3.23197  12.51005  1.000 13.21000 ?  1201 LSZ A N34 1 
HETATM 984  N N35 . LSZ B 2 .   ? 9.20872   -4.58330  12.33291  1.000 14.39000 ?  1201 LSZ A N35 1 
HETATM 985  O O23 . LSZ B 2 .   ? -1.85871  1.11457   11.65260  1.000 9.62000  ?  1201 LSZ A O23 1 
HETATM 986  O O27 . LSZ B 2 .   ? 2.59346   0.48540   16.22527  1.000 11.01000 ?  1201 LSZ A O27 1 
HETATM 987  O O30 . LSZ B 2 .   ? 4.47216   1.86686   14.49282  1.000 10.35000 ?  1201 LSZ A O30 1 
HETATM 988  O O40 . LSZ B 2 .   ? 8.45127   3.82218   13.25629  1.000 10.75000 ?  1201 LSZ A O40 1 
HETATM 989  O O41 . LSZ B 2 .   ? 11.78800  2.98069   14.03679  1.000 12.05000 ?  1201 LSZ A O41 1 
HETATM 990  C C1  . EDO C 3 .   ? 9.93742   -2.05355  -16.40267 1.000 41.61000 ?  1202 EDO A C1  1 
HETATM 991  O O1  . EDO C 3 .   ? 9.28930   -2.52254  -17.58558 1.000 39.95000 ?  1202 EDO A O1  1 
HETATM 992  C C2  . EDO C 3 .   ? 10.91675  -3.12386  -15.95100 1.000 39.48000 ?  1202 EDO A C2  1 
HETATM 993  O O2  . EDO C 3 .   ? 10.43546  -4.43846  -16.21311 1.000 44.04000 ?  1202 EDO A O2  1 
HETATM 994  O O   . HOH D 4 .   ? 8.39294   4.52470   -9.15480  1.000 36.00000 ?  1301 HOH A O   1 
HETATM 995  O O   . HOH D 4 .   ? 11.70616  7.00405   -5.59572  1.000 40.16000 ?  1302 HOH A O   1 
HETATM 996  O O   . HOH D 4 .   ? -9.44585  3.04816   0.23550   1.000 30.61000 ?  1303 HOH A O   1 
HETATM 997  O O   . HOH D 4 .   ? 8.29022   9.56141   -4.95821  1.000 36.48000 ?  1304 HOH A O   1 
HETATM 998  O O   . HOH D 4 .   ? -13.03788 -7.71895  16.45391  1.000 34.98000 ?  1305 HOH A O   1 
HETATM 999  O O   . HOH D 4 .   ? -0.99950  8.19848   -22.03582 1.000 38.56000 ?  1306 HOH A O   1 
HETATM 1000 O O   . HOH D 4 .   ? -7.52742  8.92730   12.67936  1.000 19.92000 ?  1307 HOH A O   1 
HETATM 1001 O O   . HOH D 4 .   ? -12.58837 -8.41867  14.37080  1.000 36.98000 ?  1308 HOH A O   1 
HETATM 1002 O O   . HOH D 4 .   ? 3.12052   18.39853  1.99386   1.000 38.71000 ?  1309 HOH A O   1 
HETATM 1003 O O   . HOH D 4 .   ? -13.75601 -1.08461  -21.88008 1.000 47.18000 ?  1310 HOH A O   1 
HETATM 1004 O O   . HOH D 4 .   ? 0.08325   -6.85498  -20.81476 1.000 40.47000 ?  1311 HOH A O   1 
HETATM 1005 O O   . HOH D 4 .   ? 6.74580   14.13890  0.15931   1.000 28.88000 ?  1312 HOH A O   1 
HETATM 1006 O O   . HOH D 4 .   ? -3.57113  0.58319   9.69411   1.000 10.38000 ?  1313 HOH A O   1 
HETATM 1007 O O   . HOH D 4 .   ? 15.02883  1.27883   6.07810   1.000 22.56000 ?  1314 HOH A O   1 
HETATM 1008 O O   . HOH D 4 .   ? -8.79422  -2.57917  -18.97129 1.000 30.30000 ?  1315 HOH A O   1 
HETATM 1009 O O   . HOH D 4 .   ? 0.32055   15.60215  3.09346   1.000 23.28000 ?  1316 HOH A O   1 
HETATM 1010 O O   . HOH D 4 .   ? -6.99053  -11.52845 -5.14720  1.000 40.33000 ?  1317 HOH A O   1 
HETATM 1011 O O   . HOH D 4 .   ? 7.73120   12.21229  7.51672   1.000 26.26000 ?  1318 HOH A O   1 
HETATM 1012 O O   . HOH D 4 .   ? -3.36870  -11.67957 -13.80399 1.000 39.95000 ?  1319 HOH A O   1 
HETATM 1013 O O   . HOH D 4 .   ? 4.02626   2.58285   -17.22333 1.000 40.55000 ?  1320 HOH A O   1 
HETATM 1014 O O   . HOH D 4 .   ? -0.97924  4.96701   16.68525  1.000 12.56000 ?  1321 HOH A O   1 
HETATM 1015 O O   . HOH D 4 .   ? -8.65535  2.12936   -2.44109  1.000 26.02000 ?  1322 HOH A O   1 
HETATM 1016 O O   . HOH D 4 .   ? 13.92051  10.38258  6.12714   1.000 19.02000 ?  1323 HOH A O   1 
HETATM 1017 O O   . HOH D 4 .   ? -8.84079  8.12076   4.79923   1.000 27.28000 ?  1324 HOH A O   1 
HETATM 1018 O O   . HOH D 4 .   ? -4.99579  13.38693  19.12420  1.000 26.86000 ?  1325 HOH A O   1 
HETATM 1019 O O   . HOH D 4 .   ? -0.34311  -1.46096  6.83543   1.000 13.38000 ?  1326 HOH A O   1 
HETATM 1020 O O   . HOH D 4 .   ? -3.74531  11.73561  -5.84134  1.000 13.73000 ?  1327 HOH A O   1 
HETATM 1021 O O   . HOH D 4 .   ? -8.58730  3.84094   16.63716  1.000 24.87000 ?  1328 HOH A O   1 
HETATM 1022 O O   . HOH D 4 .   ? 11.59740  11.84181  5.60188   1.000 23.31000 ?  1329 HOH A O   1 
HETATM 1023 O O   . HOH D 4 .   ? -15.59704 -5.81522  15.66935  1.000 34.38000 ?  1330 HOH A O   1 
HETATM 1024 O O   . HOH D 4 .   ? -8.39227  2.73569   19.29737  1.000 40.57000 ?  1331 HOH A O   1 
HETATM 1025 O O   . HOH D 4 .   ? -3.76545  -2.56040  7.67179   1.000 14.77000 ?  1332 HOH A O   1 
HETATM 1026 O O   . HOH D 4 .   ? -7.41001  -7.72226  -7.64926  1.000 34.75000 ?  1333 HOH A O   1 
HETATM 1027 O O   . HOH D 4 .   ? -12.34709 -1.32525  8.84553   1.000 22.25000 ?  1334 HOH A O   1 
HETATM 1028 O O   . HOH D 4 .   ? -8.56618  -6.08186  -18.73935 1.000 28.90000 ?  1335 HOH A O   1 
HETATM 1029 O O   . HOH D 4 .   ? -10.89048 -2.21538  -5.79302  1.000 26.56000 ?  1336 HOH A O   1 
HETATM 1030 O O   . HOH D 4 .   ? -8.60643  -2.80612  -2.46568  1.000 19.72000 ?  1337 HOH A O   1 
HETATM 1031 O O   . HOH D 4 .   ? 4.84567   12.75343  -10.20698 1.000 29.33000 ?  1338 HOH A O   1 
HETATM 1032 O O   . HOH D 4 .   ? 3.41593   -8.95459  10.90059  1.000 16.08000 ?  1339 HOH A O   1 
HETATM 1033 O O   . HOH D 4 .   ? 9.23428   -6.95895  8.60536   1.000 23.79000 ?  1340 HOH A O   1 
HETATM 1034 O O   . HOH D 4 .   ? 8.21191   -7.57042  1.92050   1.000 21.38000 ?  1341 HOH A O   1 
HETATM 1035 O O   . HOH D 4 .   ? -10.82407 -6.62234  -15.03809 1.000 39.04000 ?  1342 HOH A O   1 
HETATM 1036 O O   . HOH D 4 .   ? -12.38190 -5.80002  -9.83127  1.000 41.22000 ?  1343 HOH A O   1 
HETATM 1037 O O   . HOH D 4 .   ? 3.97702   13.43191  7.59825   1.000 28.92000 ?  1344 HOH A O   1 
HETATM 1038 O O   . HOH D 4 .   ? 4.10445   8.96623   -18.09069 1.000 35.86000 ?  1345 HOH A O   1 
HETATM 1039 O O   . HOH D 4 .   ? -1.89208  9.59356   -14.16520 1.000 30.02000 ?  1346 HOH A O   1 
HETATM 1040 O O   . HOH D 4 .   ? -2.41713  -8.98100  -14.52359 1.000 33.05000 ?  1347 HOH A O   1 
HETATM 1041 O O   . HOH D 4 .   ? 4.47035   -11.22115 14.28039  1.000 36.23000 ?  1348 HOH A O   1 
HETATM 1042 O O   . HOH D 4 .   ? 16.95989  7.07335   6.27126   1.000 22.01000 ?  1349 HOH A O   1 
HETATM 1043 O O   . HOH D 4 .   ? -4.77313  -8.61281  4.25517   1.000 24.14000 ?  1350 HOH A O   1 
HETATM 1044 O O   . HOH D 4 .   ? 8.60825   -6.86259  4.43703   1.000 29.66000 ?  1351 HOH A O   1 
HETATM 1045 O O   . HOH D 4 .   ? 1.24507   -8.53052  -11.68349 1.000 27.26000 ?  1352 HOH A O   1 
HETATM 1046 O O   . HOH D 4 .   ? 2.58273   12.20629  19.08360  1.000 15.24000 ?  1353 HOH A O   1 
HETATM 1047 O O   . HOH D 4 .   ? -7.90261  -6.35722  -1.48064  1.000 16.22000 ?  1354 HOH A O   1 
HETATM 1048 O O   . HOH D 4 .   ? 10.92716  6.72938   -1.12412  1.000 19.41000 ?  1355 HOH A O   1 
HETATM 1049 O O   . HOH D 4 .   ? -2.42382  12.99601  -8.12677  1.000 25.95000 ?  1356 HOH A O   1 
HETATM 1050 O O   . HOH D 4 .   ? -9.69346  -8.50333  4.22588   1.000 21.25000 ?  1357 HOH A O   1 
HETATM 1051 O O   . HOH D 4 .   ? -9.14488  6.72006   7.00520   1.000 23.68000 ?  1358 HOH A O   1 
HETATM 1052 O O   . HOH D 4 .   ? 3.14918   -5.09493  12.54323  1.000 15.49000 ?  1359 HOH A O   1 
HETATM 1053 O O   . HOH D 4 .   ? 3.65558   16.10823  11.07880  1.000 27.40000 ?  1360 HOH A O   1 
HETATM 1054 O O   . HOH D 4 .   ? 2.24069   13.79913  -9.16764  1.000 29.62000 ?  1361 HOH A O   1 
HETATM 1055 O O   . HOH D 4 .   ? -0.01628  13.73547  8.84348   1.000 10.61000 ?  1362 HOH A O   1 
HETATM 1056 O O   . HOH D 4 .   ? 1.37170   -0.01365  21.83063  1.000 30.27000 ?  1363 HOH A O   1 
HETATM 1057 O O   . HOH D 4 .   ? -1.78808  -6.52758  6.01262   1.000 15.14000 ?  1364 HOH A O   1 
HETATM 1058 O O   . HOH D 4 .   ? -1.35921  -9.94297  11.86858  1.000 19.76000 ?  1365 HOH A O   1 
HETATM 1059 O O   . HOH D 4 .   ? 1.31835   -2.56421  8.53578   1.000 11.57000 ?  1366 HOH A O   1 
HETATM 1060 O O   . HOH D 4 .   ? -0.63607  14.88654  11.29461  1.000 14.02000 ?  1367 HOH A O   1 
HETATM 1061 O O   . HOH D 4 .   ? 16.04637  2.93384   9.84188   1.000 17.24000 ?  1368 HOH A O   1 
HETATM 1062 O O   . HOH D 4 .   ? -3.89080  2.63004   19.36130  1.000 25.62000 ?  1369 HOH A O   1 
HETATM 1063 O O   . HOH D 4 .   ? -10.12642 8.10462   12.69718  1.000 35.45000 ?  1370 HOH A O   1 
HETATM 1064 O O   . HOH D 4 .   ? 2.81742   -10.81232 4.29328   1.000 20.42000 ?  1371 HOH A O   1 
HETATM 1065 O O   . HOH D 4 .   ? -5.97221  -12.85132 -11.42675 1.000 39.25000 ?  1372 HOH A O   1 
HETATM 1066 O O   . HOH D 4 .   ? 15.63346  2.59252   2.69628   1.000 30.82000 ?  1373 HOH A O   1 
HETATM 1067 O O   . HOH D 4 .   ? -1.16519  10.58398  19.12025  1.000 17.66000 ?  1374 HOH A O   1 
HETATM 1068 O O   . HOH D 4 .   ? 11.01914  10.70604  -0.41388  1.000 26.66000 ?  1375 HOH A O   1 
HETATM 1069 O O   . HOH D 4 .   ? 18.55238  0.88936   13.32785  1.000 17.93000 ?  1376 HOH A O   1 
HETATM 1070 O O   . HOH D 4 .   ? -3.55773  -14.78761 -10.45196 1.000 29.83000 ?  1377 HOH A O   1 
HETATM 1071 O O   . HOH D 4 .   ? 7.21417   6.57942   -11.44629 1.000 34.84000 ?  1378 HOH A O   1 
HETATM 1072 O O   . HOH D 4 .   ? -7.73377  -7.01579  3.20827   1.000 18.91000 ?  1379 HOH A O   1 
HETATM 1073 O O   . HOH D 4 .   ? 11.38288  2.87677   -7.56152  1.000 26.97000 ?  1380 HOH A O   1 
HETATM 1074 O O   . HOH D 4 .   ? -2.76515  9.63171   -7.51859  1.000 15.62000 ?  1381 HOH A O   1 
HETATM 1075 O O   . HOH D 4 .   ? 7.27613   2.11577   -13.93111 1.000 28.73000 ?  1382 HOH A O   1 
HETATM 1076 O O   . HOH D 4 .   ? -9.47184  16.87926  13.02338  1.000 35.63000 ?  1383 HOH A O   1 
HETATM 1077 O O   . HOH D 4 .   ? -7.13092  -6.81259  17.04390  1.000 19.27000 ?  1384 HOH A O   1 
HETATM 1078 O O   . HOH D 4 .   ? -2.04814  -13.61296 -4.10249  1.000 21.37000 ?  1385 HOH A O   1 
HETATM 1079 O O   . HOH D 4 .   ? 11.91158  0.18327   13.91030  1.000 12.65000 ?  1386 HOH A O   1 
HETATM 1080 O O   . HOH D 4 .   ? -2.46794  0.23357   7.20588   1.000 12.27000 ?  1387 HOH A O   1 
HETATM 1081 O O   . HOH D 4 .   ? -10.73291 4.94326   14.58671  1.000 32.15000 ?  1388 HOH A O   1 
HETATM 1082 O O   . HOH D 4 .   ? -0.60388  13.01182  2.42901   1.000 14.07000 ?  1389 HOH A O   1 
HETATM 1083 O O   . HOH D 4 .   ? -6.09983  -9.50156  -0.69371  1.000 25.20000 ?  1390 HOH A O   1 
HETATM 1084 O O   . HOH D 4 .   ? -7.64707  -7.07372  -5.01630  1.000 32.21000 ?  1391 HOH A O   1 
HETATM 1085 O O   . HOH D 4 .   ? -6.69231  -8.66135  20.21923  1.000 38.90000 ?  1392 HOH A O   1 
HETATM 1086 O O   . HOH D 4 .   ? -3.01403  -7.07934  10.00552  1.000 16.31000 ?  1393 HOH A O   1 
HETATM 1087 O O   . HOH D 4 .   ? -10.40305 -1.94825  6.72393   1.000 12.20000 ?  1394 HOH A O   1 
HETATM 1088 O O   . HOH D 4 .   ? 9.50732   -2.75206  9.12765   1.000 13.12000 ?  1395 HOH A O   1 
HETATM 1089 O O   . HOH D 4 .   ? 3.43408   3.68265   16.39898  1.000 13.79000 ?  1396 HOH A O   1 
HETATM 1090 O O   . HOH D 4 .   ? 5.52715   -10.30682 -0.19448  1.000 16.24000 ?  1397 HOH A O   1 
HETATM 1091 O O   . HOH D 4 .   ? -6.57396  -7.12732  -17.72973 1.000 28.06000 ?  1398 HOH A O   1 
HETATM 1092 O O   . HOH D 4 .   ? -14.06125 1.02779   11.72319  1.000 25.72000 ?  1399 HOH A O   1 
HETATM 1093 O O   . HOH D 4 .   ? 8.40956   -12.94456 -5.01676  1.000 32.85000 ?  1400 HOH A O   1 
HETATM 1094 O O   . HOH D 4 .   ? 3.79775   -2.42582  11.90499  1.000 11.44000 ?  1401 HOH A O   1 
HETATM 1095 O O   . HOH D 4 .   ? 4.94278   -2.47384  -18.33576 1.000 28.61000 ?  1402 HOH A O   1 
HETATM 1096 O O   . HOH D 4 .   ? -9.27138  0.97126   -0.99597  1.000 24.88000 ?  1403 HOH A O   1 
HETATM 1097 O O   . HOH D 4 .   ? -8.25113  -3.74299  -5.09856  1.000 22.31000 ?  1404 HOH A O   1 
HETATM 1098 O O   . HOH D 4 .   ? -7.37663  11.87164  15.04647  1.000 20.28000 ?  1405 HOH A O   1 
HETATM 1099 O O   . HOH D 4 .   ? -10.16065 1.79889   5.59124   1.000 21.78000 ?  1406 HOH A O   1 
HETATM 1100 O O   . HOH D 4 .   ? 6.34844   -4.90331  19.01513  1.000 33.97000 ?  1407 HOH A O   1 
HETATM 1101 O O   . HOH D 4 .   ? -3.05072  6.62386   17.50423  1.000 13.81000 ?  1408 HOH A O   1 
HETATM 1102 O O   . HOH D 4 .   ? 2.34696   -11.01743 -11.98078 1.000 32.06000 ?  1409 HOH A O   1 
HETATM 1103 O O   . HOH D 4 .   ? 6.46363   -13.41513 -9.74891  1.000 32.56000 ?  1410 HOH A O   1 
HETATM 1104 O O   . HOH D 4 .   ? -12.28346 -1.88000  4.57644   1.000 19.27000 ?  1411 HOH A O   1 
HETATM 1105 O O   . HOH D 4 .   ? 2.18159   14.24254  -3.74243  1.000 28.69000 ?  1412 HOH A O   1 
HETATM 1106 O O   . HOH D 4 .   ? 11.96159  -3.27495  8.15070   1.000 15.69000 ?  1413 HOH A O   1 
HETATM 1107 O O   . HOH D 4 .   ? 4.80080   -1.81271  20.38194  1.000 36.21000 ?  1414 HOH A O   1 
HETATM 1108 O O   . HOH D 4 .   ? 5.68744   12.17377  8.63704   1.000 30.44000 ?  1415 HOH A O   1 
HETATM 1109 O O   . HOH D 4 .   ? -2.38525  -9.19767  5.23011   1.000 27.11000 ?  1416 HOH A O   1 
HETATM 1110 O O   . HOH D 4 .   ? 5.86859   -11.63423 -2.64330  1.000 21.69000 ?  1417 HOH A O   1 
HETATM 1111 O O   . HOH D 4 .   ? -1.87437  -4.97664  8.14055   1.000 13.92000 ?  1418 HOH A O   1 
HETATM 1112 O O   . HOH D 4 .   ? -9.65133  3.21639   -8.67063  1.000 21.13000 ?  1419 HOH A O   1 
HETATM 1113 O O   . HOH D 4 .   ? -5.10075  4.85110   17.93464  1.000 19.44000 ?  1420 HOH A O   1 
HETATM 1114 O O   . HOH D 4 .   ? -14.63442 -9.52813  13.09699  1.000 30.50000 ?  1421 HOH A O   1 
HETATM 1115 O O   . HOH D 4 .   ? -7.87774  -0.18923  -16.25409 1.000 29.69000 ?  1422 HOH A O   1 
HETATM 1116 O O   . HOH D 4 .   ? -0.80318  -11.22029 -0.39828  1.000 23.60000 ?  1423 HOH A O   1 
HETATM 1117 O O   . HOH D 4 .   ? -2.94805  10.40846  -11.64588 1.000 27.66000 ?  1424 HOH A O   1 
HETATM 1118 O O   . HOH D 4 .   ? 12.76711  -0.76567  -2.30710  1.000 26.68000 ?  1425 HOH A O   1 
HETATM 1119 O O   . HOH D 4 .   ? 13.98060  7.58269   2.64294   1.000 19.61000 ?  1426 HOH A O   1 
HETATM 1120 O O   . HOH D 4 .   ? -1.64452  15.46984  -3.94152  1.000 20.24000 ?  1427 HOH A O   1 
HETATM 1121 O O   . HOH D 4 .   ? -1.07183  -8.47157  -10.68063 1.000 22.93000 ?  1428 HOH A O   1 
HETATM 1122 O O   . HOH D 4 .   ? -5.51305  -1.18823  22.11547  1.000 30.41000 ?  1429 HOH A O   1 
HETATM 1123 O O   . HOH D 4 .   ? 7.55495   -8.25522  5.81288   1.000 37.12000 ?  1430 HOH A O   1 
HETATM 1124 O O   . HOH D 4 .   ? 12.05111  -2.15715  12.48935  1.000 18.04000 ?  1431 HOH A O   1 
HETATM 1125 O O   . HOH D 4 .   ? 11.95865  11.94893  3.01256   1.000 31.93000 ?  1432 HOH A O   1 
HETATM 1126 O O   . HOH D 4 .   ? -11.52292 -1.99389  -15.48359 1.000 31.17000 ?  1433 HOH A O   1 
HETATM 1127 O O   . HOH D 4 .   ? -6.33806  1.48565   -14.18087 1.000 22.91000 ?  1434 HOH A O   1 
HETATM 1128 O O   . HOH D 4 .   ? -2.66295  -10.17064 17.08552  1.000 29.12000 ?  1435 HOH A O   1 
HETATM 1129 O O   . HOH D 4 .   ? -8.80207  18.95839  16.90138  1.000 32.43000 ?  1436 HOH A O   1 
HETATM 1130 O O   . HOH D 4 .   ? 1.60020   5.75194   16.05289  1.000 11.56000 ?  1437 HOH A O   1 
HETATM 1131 O O   . HOH D 4 .   ? -11.09386 4.81556   -0.61076  1.000 27.79000 ?  1438 HOH A O   1 
HETATM 1132 O O   . HOH D 4 .   ? 13.03826  -1.70944  2.24548   1.000 29.17000 ?  1439 HOH A O   1 
HETATM 1133 O O   . HOH D 4 .   ? 15.10320  -1.35271  8.11067   1.000 33.35000 ?  1440 HOH A O   1 
HETATM 1134 O O   . HOH D 4 .   ? 8.61457   0.54710   -15.29696 1.000 37.49000 ?  1441 HOH A O   1 
HETATM 1135 O O   . HOH D 4 .   ? 3.92660   14.40760  4.31640   1.000 33.05000 ?  1442 HOH A O   1 
HETATM 1136 O O   . HOH D 4 .   ? 10.28979  -3.27413  -12.81979 1.000 36.62000 ?  1443 HOH A O   1 
HETATM 1137 O O   . HOH D 4 .   ? -8.47845  8.29634   14.60879  1.000 34.71000 ?  1444 HOH A O   1 
HETATM 1138 O O   . HOH D 4 .   ? -10.64292 5.12249   6.30952   1.000 33.66000 ?  1445 HOH A O   1 
HETATM 1139 O O   . HOH D 4 .   ? -1.37751  -6.60406  23.43437  1.000 36.20000 ?  1446 HOH A O   1 
HETATM 1140 O O   . HOH D 4 .   ? -5.42407  19.33151  12.36040  1.000 22.13000 ?  1447 HOH A O   1 
HETATM 1141 O O   . HOH D 4 .   ? 11.80557  -0.80531  -18.69838 1.000 38.30000 ?  1448 HOH A O   1 
HETATM 1142 O O   . HOH D 4 .   ? 7.44097   -8.94006  -14.19648 1.000 34.79000 ?  1449 HOH A O   1 
HETATM 1143 O O   . HOH D 4 .   ? -8.03829  7.17876   16.61964  1.000 36.72000 ?  1450 HOH A O   1 
HETATM 1144 O O   . HOH D 4 .   ? 6.57276   1.95475   17.06152  1.000 33.47000 ?  1451 HOH A O   1 
HETATM 1145 O O   . HOH D 4 .   ? 2.59877   -11.64293 -19.04229 1.000 38.97000 ?  1452 HOH A O   1 
HETATM 1146 O O   . HOH D 4 .   ? 15.66326  -2.90038  6.42534   1.000 33.37000 ?  1453 HOH A O   1 
HETATM 1147 O O   . HOH D 4 .   ? 6.67933   13.21299  -3.32867  1.000 35.19000 ?  1454 HOH A O   1 
HETATM 1148 O O   . HOH D 4 .   ? -2.86583  13.36373  -10.62073 1.000 38.43000 ?  1455 HOH A O   1 
HETATM 1149 O O   . HOH D 4 .   ? -3.97462  3.56978   -15.94493 1.000 40.11000 ?  1456 HOH A O   1 
HETATM 1150 O O   . HOH D 4 .   ? 7.06910   -13.62093 2.87732   1.000 28.05000 ?  1457 HOH A O   1 
HETATM 1151 O O   . HOH D 4 .   ? 0.34709   -12.00731 4.84376   0.50  33.53000 ?  1458 HOH A O   1 
HETATM 1152 O O   . HOH D 4 .   ? -11.67247 -5.25311  -7.76377  1.000 40.28000 ?  1459 HOH A O   1 
HETATM 1153 O O   . HOH D 4 .   ? -10.55835 -2.35308  -25.88537 1.000 46.48000 ?  1460 HOH A O   1 
HETATM 1154 O O   . HOH D 4 .   ? -10.69483 1.99345   2.51377   1.000 26.21000 ?  1461 HOH A O   1 
HETATM 1155 O O   . HOH D 4 .   ? 8.81592   2.21707   16.96426  1.000 29.95000 ?  1462 HOH A O   1 
HETATM 1156 O O   . HOH D 4 .   ? 6.00916   3.16702   -16.09382 1.000 38.94000 ?  1463 HOH A O   1 
HETATM 1157 O O   . HOH D 4 .   ? 13.82458  7.22559   0.01442   1.000 29.24000 ?  1464 HOH A O   1 
HETATM 1158 O O   . HOH D 4 .   ? -6.02574  -12.53147 -3.29781  1.000 30.29000 ?  1465 HOH A O   1 
HETATM 1159 O O   . HOH D 4 .   ? -12.06693 -0.58149  -3.46689  1.000 36.14000 ?  1466 HOH A O   1 
HETATM 1160 O O   . HOH D 4 .   ? 11.06118  0.42212   16.55421  1.000 26.22000 ?  1467 HOH A O   1 
HETATM 1161 O O   . HOH D 4 .   ? -8.99245  20.93436  13.56296  1.000 35.98000 ?  1468 HOH A O   1 
HETATM 1162 O O   . HOH D 4 .   ? -11.19452 -2.34873  -18.20418 1.000 43.67000 ?  1469 HOH A O   1 
HETATM 1163 O O   . HOH D 4 .   ? 1.85706   17.45424  9.82028   1.000 24.84000 ?  1470 HOH A O   1 
HETATM 1164 O O   . HOH D 4 .   ? -2.90792  -15.08606 -12.53253 1.000 42.86000 ?  1471 HOH A O   1 
HETATM 1165 O O   . HOH D 4 .   ? -4.25169  11.71572  -10.47807 1.000 31.45000 ?  1472 HOH A O   1 
HETATM 1166 O O   . HOH D 4 .   ? -12.08486 -2.37791  1.73251   1.000 27.31000 ?  1473 HOH A O   1 
HETATM 1167 O O   . HOH D 4 .   ? -8.66773  16.28611  17.69181  1.000 38.82000 ?  1474 HOH A O   1 
HETATM 1168 O O   . HOH D 4 .   ? 1.97929   15.84536  5.36706   1.000 29.61000 ?  1475 HOH A O   1 
HETATM 1169 O O   . HOH D 4 .   ? -12.63676 -4.49768  -14.66690 1.000 38.15000 ?  1476 HOH A O   1 
HETATM 1170 O O   . HOH D 4 .   ? 7.12490   -11.34036 3.63779   1.000 29.26000 ?  1477 HOH A O   1 
HETATM 1171 O O   . HOH D 4 .   ? 1.22929   18.67144  4.19092   1.000 36.88000 ?  1478 HOH A O   1 
HETATM 1172 O O   . HOH D 4 .   ? 9.80711   -3.88600  16.29292  1.000 42.20000 ?  1479 HOH A O   1 
HETATM 1173 O O   . HOH D 4 .   ? 16.65446  1.48829   -6.61221  1.000 37.67000 ?  1480 HOH A O   1 
HETATM 1174 O O   . HOH D 4 .   ? 18.23732  1.17620   10.15617  1.000 23.34000 ?  1481 HOH A O   1 
HETATM 1175 O O   . HOH D 4 .   ? -12.23706 4.53942   3.54979   1.000 31.47000 ?  1482 HOH A O   1 
HETATM 1176 O O   . HOH D 4 .   ? 16.36042  7.17114   3.42605   1.000 28.46000 ?  1483 HOH A O   1 
HETATM 1177 O O   . HOH D 4 .   ? -0.41421  16.68952  -1.17532  1.000 38.11000 ?  1484 HOH A O   1 
HETATM 1178 O O   . HOH D 4 .   ? 7.18462   7.16147   -14.39435 1.000 42.20000 ?  1485 HOH A O   1 
HETATM 1179 O O   . HOH D 4 .   ? -11.16859 -4.82206  0.79460   1.000 23.64000 ?  1486 HOH A O   1 
HETATM 1180 O O   . HOH D 4 .   ? -10.47340 -1.01235  -1.55328  1.000 33.72000 ?  1487 HOH A O   1 
HETATM 1181 O O   . HOH D 4 .   ? 2.44164   13.58897  -12.03301 1.000 36.12000 ?  1488 HOH A O   1 
HETATM 1182 O O   . HOH D 4 .   ? -2.27107  -11.05007 14.29390  1.000 20.31000 ?  1489 HOH A O   1 
HETATM 1183 O O   . HOH D 4 .   ? 8.06054   -8.42080  11.50648  1.000 27.36000 ?  1490 HOH A O   1 
HETATM 1184 O O   . HOH D 4 .   ? -16.85298 -8.74542  11.24277  1.000 42.26000 ?  1491 HOH A O   1 
HETATM 1185 O O   . HOH D 4 .   ? 8.72620   -2.74763  -21.70883 1.000 38.00000 ?  1492 HOH A O   1 
HETATM 1186 O O   . HOH D 4 .   ? -0.88859  2.87473   18.36087  1.000 22.28000 ?  1493 HOH A O   1 
HETATM 1187 O O   . HOH D 4 .   ? -8.87679  -10.25386 -1.26150  1.000 27.96000 ?  1494 HOH A O   1 
HETATM 1188 O O   . HOH D 4 .   ? -1.44500  15.28361  -6.53742  1.000 32.54000 ?  1495 HOH A O   1 
HETATM 1189 O O   . HOH D 4 .   ? 8.74794   -7.00015  15.77806  1.000 37.38000 ?  1496 HOH A O   1 
HETATM 1190 O O   . HOH D 4 .   ? 4.65316   -6.38754  14.35126  1.000 17.09000 ?  1497 HOH A O   1 
HETATM 1191 O O   . HOH D 4 .   ? -5.95305  16.12427  18.17066  1.000 33.50000 ?  1498 HOH A O   1 
HETATM 1192 O O   . HOH D 4 .   ? -9.00579  -6.51600  0.97936   1.000 20.31000 ?  1499 HOH A O   1 
HETATM 1193 O O   . HOH D 4 .   ? -5.74355  -9.32016  17.57631  1.000 27.45000 ?  1500 HOH A O   1 
HETATM 1194 O O   . HOH D 4 .   ? -4.93015  -11.88299 -1.54767  1.000 27.18000 ?  1501 HOH A O   1 
HETATM 1195 O O   . HOH D 4 .   ? 0.31791   -4.17759  -21.05819 1.000 46.07000 ?  1502 HOH A O   1 
HETATM 1196 O O   . HOH D 4 .   ? 5.22842   -8.73838  13.08605  1.000 26.26000 ?  1503 HOH A O   1 
HETATM 1197 O O   . HOH D 4 .   ? -7.52090  6.63939   19.02216  1.000 31.33000 ?  1504 HOH A O   1 
HETATM 1198 O O   . HOH D 4 .   ? 2.33008   15.00337  -6.57118  1.000 34.51000 ?  1505 HOH A O   1 
HETATM 1199 O O   . HOH D 4 .   ? 17.06073  3.03511   17.33516  1.000 21.00000 ?  1506 HOH A O   1 
HETATM 1200 O O   . HOH D 4 .   ? 10.86283  -5.08414  4.14602   1.000 28.40000 ?  1507 HOH A O   1 
HETATM 1201 O O   . HOH D 4 .   ? 10.38953  -5.19743  -1.65573  1.000 33.56000 ?  1508 HOH A O   1 
HETATM 1202 O O   . HOH D 4 .   ? 7.80640   -3.01686  16.64249  1.000 41.76000 ?  1509 HOH A O   1 
HETATM 1203 O O   . HOH D 4 .   ? 13.63555  -2.64823  10.25243  1.000 23.09000 ?  1510 HOH A O   1 
HETATM 1204 O O   . HOH D 4 .   ? -14.76555 -2.64926  1.31342   1.000 37.33000 ?  1511 HOH A O   1 
HETATM 1205 O O   . HOH D 4 .   ? -8.14619  4.54452   20.58346  1.000 42.85000 ?  1512 HOH A O   1 
HETATM 1206 O O   . HOH D 4 .   ? 13.20895  -3.77569  14.62480  1.000 29.64000 ?  1513 HOH A O   1 
HETATM 1207 O O   . HOH D 4 .   ? -12.49339 1.04191   7.23999   1.000 34.86000 ?  1514 HOH A O   1 
HETATM 1208 O O   . HOH D 4 .   ? 4.85611   -10.63949 9.04048   1.000 31.16000 ?  1515 HOH A O   1 
HETATM 1209 O O   . HOH D 4 .   ? 7.48802   -10.11239 1.29159   1.000 24.54000 ?  1516 HOH A O   1 
HETATM 1210 O O   . HOH D 4 .   ? 11.62805  -5.68982  7.05310   1.000 29.81000 ?  1517 HOH A O   1 
HETATM 1211 O O   . HOH D 4 .   ? -10.28441 -8.93710  0.50204   1.000 28.94000 ?  1518 HOH A O   1 
HETATM 1212 O O   . HOH D 4 .   ? -2.21828  -12.86617 -1.67081  1.000 25.24000 ?  1519 HOH A O   1 
HETATM 1213 O O   . HOH D 4 .   ? 8.25206   4.12352   -12.56209 1.000 38.58000 ?  1520 HOH A O   1 
HETATM 1214 O O   . HOH D 4 .   ? 7.69898   -0.14694  17.27816  1.000 35.35000 ?  1521 HOH A O   1 
HETATM 1215 O O   . HOH D 4 .   ? -5.42459  -9.74610  1.83109   1.000 28.55000 ?  1522 HOH A O   1 
HETATM 1216 O O   . HOH D 4 .   ? 16.65832  0.54463   -2.20078  1.000 38.42000 ?  1523 HOH A O   1 
HETATM 1217 O O   . HOH D 4 .   ? 0.66759   14.28509  -13.34241 1.000 41.80000 ?  1524 HOH A O   1 
HETATM 1218 O O   . HOH D 4 .   ? 0.59952   2.28096   20.55155  1.000 30.22000 ?  1525 HOH A O   1 
HETATM 1219 O O   . HOH D 4 .   ? -14.68685 2.60531   9.59787   1.000 36.92000 ?  1526 HOH A O   1 
HETATM 1220 O O   . HOH D 4 .   ? 8.06060   -5.27660  16.91593  1.000 35.19000 ?  1527 HOH A O   1 
HETATM 1221 O O   . HOH D 4 .   ? -11.11983 -4.04363  -1.65799  1.000 33.38000 ?  1528 HOH A O   1 
HETATM 1222 O O   . HOH D 4 .   ? 6.32124   -5.51438  16.09235  1.000 25.86000 ?  1529 HOH A O   1 
HETATM 1223 O O   . HOH D 4 .   ? 1.73009   20.75139  0.66026   1.000 36.55000 ?  1530 HOH A O   1 
HETATM 1224 O O   . HOH D 4 .   ? -0.40837  -14.68828 -17.79702 1.000 45.03000 ?  1531 HOH A O   1 
HETATM 1225 O O   . HOH D 4 .   ? -14.20605 -0.13935  5.18011   1.000 33.80000 ?  1532 HOH A O   1 
HETATM 1226 O O   . HOH D 4 .   ? -6.22961  1.46508   -16.84503 1.000 40.54000 ?  1533 HOH A O   1 
HETATM 1227 O O   . HOH D 4 .   ? 3.68318   -5.52764  -22.07884 1.000 41.24000 ?  1534 HOH A O   1 
HETATM 1228 O O   . HOH D 4 .   ? -12.03925 1.53240   -25.14898 1.000 37.64000 ?  1535 HOH A O   1 
HETATM 1229 O O   . HOH D 4 .   ? -11.17928 9.62400   14.50988  1.000 34.10000 ?  1536 HOH A O   1 
HETATM 1230 O O   . HOH D 4 .   ? -12.24530 -2.64734  -27.27396 1.000 46.16000 ?  1537 HOH A O   1 
HETATM 1231 O O   . HOH D 4 .   ? -5.06671  6.53498   21.76867  1.000 26.73000 ?  1538 HOH A O   1 
HETATM 1232 O O   . HOH D 4 .   ? -10.76193 -6.25691  -3.07284  1.000 41.88000 ?  1539 HOH A O   1 
HETATM 1233 O O   . HOH D 4 .   ? 10.88683  4.19296   -11.97290 1.000 39.35000 ?  1540 HOH A O   1 
HETATM 1234 O O   . HOH D 4 .   ? -17.77218 -4.86056  10.55201  1.000 40.70000 ?  1541 HOH A O   1 
HETATM 1235 O O   . HOH D 4 .   ? 15.23665  -4.92281  11.10115  1.000 32.30000 ?  1542 HOH A O   1 
HETATM 1236 O O   . HOH D 4 .   ? 0.54344   -11.26280 -22.56243 1.000 42.99000 ?  1543 HOH A O   1 
HETATM 1237 O O   . HOH D 4 .   ? 9.29591   -1.65019  17.46070  1.000 42.87000 ?  1544 HOH A O   1 
HETATM 1238 O O   . HOH D 4 .   ? -3.70332  0.46334   26.49776  1.000 44.21000 ?  1545 HOH A O   1 
HETATM 1239 O O   . HOH D 4 .   ? -11.33669 -0.12852  0.44731   1.000 32.86000 ?  1546 HOH A O   1 
HETATM 1240 O O   . HOH D 4 .   ? 4.46546   16.33841  -6.85905  1.000 45.56000 ?  1547 HOH A O   1 
HETATM 1241 O O   . HOH D 4 .   ? 6.32711   -12.33999 11.05933  1.000 32.95000 ?  1548 HOH A O   1 
HETATM 1242 O O   . HOH D 4 .   ? 11.51919  -4.61079  20.22181  1.000 43.66000 ?  1549 HOH A O   1 
HETATM 1243 O O   . HOH D 4 .   ? 9.10209   -12.42059 10.44746  0.50  44.96000 ?  1550 HOH A O   1 
# 
